data_8ZOZ
#
_entry.id   8ZOZ
#
_cell.length_a   147.509
_cell.length_b   167.732
_cell.length_c   150.726
_cell.angle_alpha   90.000
_cell.angle_beta   90.000
_cell.angle_gamma   90.000
#
_symmetry.space_group_name_H-M   'C 2 2 21'
#
loop_
_entity.id
_entity.type
_entity.pdbx_description
1 polymer 'Glyceraldehyde-3-phosphate dehydrogenase'
2 non-polymer 'ADENOSINE MONOPHOSPHATE'
3 non-polymer 'SULFATE ION'
4 water water
#
_entity_poly.entity_id   1
_entity_poly.type   'polypeptide(L)'
_entity_poly.pdbx_seq_one_letter_code
;MQRIAINGFGRIGRNVLRAWFESPKQFHFEIVAINDIADVHTLVHLFKYDSTHGRFNGKVDITIENEKIYLNIQSNQRLL
KVEVLQQKQPELLPWASLKIDVVLECTGLFRSHADATRHLEAGAKRVIIGAAPFDHVDAAIVYGVNHADVKATDQIISSV
SCTTQALVPLVKIIDDAFGIETALMTEIHAVTADQSVLDHAHRDLRRARASGQNIIPTTSSALGALKRVMPKMEDRIDGY
SIRVPTINVAAIDLTFIAQSPITVHHINELLIKASQTDYAEIMAVTDEPLVSSDFNHSPYSLIVDLTQTMVVGHQAKVFA
WYDNEWGYANRLLDLCDSFKS
;
_entity_poly.pdbx_strand_id   A,C,B,D
#
loop_
_chem_comp.id
_chem_comp.type
_chem_comp.name
_chem_comp.formula
AMP non-polymer 'ADENOSINE MONOPHOSPHATE' 'C10 H14 N5 O7 P'
SO4 non-polymer 'SULFATE ION' 'O4 S -2'
#
# COMPACT_ATOMS: atom_id res chain seq x y z
N MET A 1 -10.32 -43.16 -10.16
CA MET A 1 -9.61 -42.63 -8.97
C MET A 1 -10.59 -42.51 -7.80
N GLN A 2 -10.03 -42.29 -6.61
CA GLN A 2 -10.75 -41.73 -5.48
C GLN A 2 -11.12 -40.29 -5.87
N ARG A 3 -12.38 -39.88 -5.66
CA ARG A 3 -12.89 -38.63 -6.21
C ARG A 3 -13.10 -37.58 -5.12
N ILE A 4 -12.56 -36.38 -5.35
CA ILE A 4 -12.63 -35.27 -4.40
C ILE A 4 -13.53 -34.20 -5.03
N ALA A 5 -14.19 -33.40 -4.17
CA ALA A 5 -14.99 -32.27 -4.63
C ALA A 5 -14.77 -31.06 -3.70
N ILE A 6 -14.95 -29.85 -4.24
CA ILE A 6 -14.71 -28.62 -3.50
C ILE A 6 -16.04 -27.89 -3.34
N ASN A 7 -16.33 -27.38 -2.13
CA ASN A 7 -17.46 -26.49 -1.91
C ASN A 7 -16.93 -25.10 -1.56
N GLY A 8 -17.18 -24.14 -2.45
CA GLY A 8 -16.68 -22.78 -2.28
C GLY A 8 -15.39 -22.59 -3.06
N PHE A 9 -15.52 -22.05 -4.28
CA PHE A 9 -14.37 -21.73 -5.10
C PHE A 9 -13.84 -20.37 -4.67
N GLY A 10 -13.48 -20.27 -3.37
CA GLY A 10 -12.97 -19.04 -2.79
C GLY A 10 -11.46 -18.95 -2.94
N ARG A 11 -10.85 -18.05 -2.16
CA ARG A 11 -9.40 -17.87 -2.21
C ARG A 11 -8.69 -19.21 -2.04
N ILE A 12 -9.29 -20.10 -1.24
CA ILE A 12 -8.72 -21.42 -0.99
C ILE A 12 -9.06 -22.33 -2.17
N GLY A 13 -10.34 -22.63 -2.36
CA GLY A 13 -10.77 -23.59 -3.36
C GLY A 13 -9.97 -23.47 -4.65
N ARG A 14 -9.86 -22.24 -5.18
CA ARG A 14 -9.18 -21.99 -6.44
C ARG A 14 -7.70 -22.40 -6.33
N ASN A 15 -7.06 -22.04 -5.21
CA ASN A 15 -5.64 -22.33 -5.01
C ASN A 15 -5.42 -23.84 -4.92
N VAL A 16 -6.35 -24.55 -4.31
CA VAL A 16 -6.24 -26.00 -4.18
C VAL A 16 -6.11 -26.59 -5.59
N LEU A 17 -7.03 -26.19 -6.47
CA LEU A 17 -7.05 -26.71 -7.83
C LEU A 17 -5.74 -26.32 -8.52
N ARG A 18 -5.38 -25.04 -8.44
CA ARG A 18 -4.12 -24.58 -8.99
C ARG A 18 -2.99 -25.49 -8.53
N ALA A 19 -2.96 -25.78 -7.22
CA ALA A 19 -1.90 -26.59 -6.64
C ALA A 19 -1.92 -28.02 -7.18
N TRP A 20 -3.11 -28.54 -7.49
CA TRP A 20 -3.25 -29.88 -8.04
C TRP A 20 -2.46 -30.01 -9.34
N PHE A 21 -2.40 -28.93 -10.13
CA PHE A 21 -1.75 -28.93 -11.43
C PHE A 21 -0.29 -28.49 -11.31
N GLU A 22 0.06 -27.77 -10.24
CA GLU A 22 1.39 -27.17 -10.10
C GLU A 22 2.31 -28.04 -9.25
N SER A 23 1.75 -29.07 -8.59
CA SER A 23 2.52 -29.92 -7.70
C SER A 23 3.48 -30.81 -8.51
N PRO A 24 4.79 -30.90 -8.13
CA PRO A 24 5.75 -31.72 -8.87
C PRO A 24 5.43 -33.22 -9.03
N LYS A 25 4.59 -33.78 -8.15
CA LYS A 25 4.11 -35.14 -8.36
C LYS A 25 2.59 -35.15 -8.35
N GLN A 26 2.01 -35.79 -9.37
CA GLN A 26 0.58 -35.81 -9.58
C GLN A 26 -0.07 -36.64 -8.48
N PHE A 27 -1.30 -36.25 -8.10
CA PHE A 27 -2.01 -36.91 -7.03
C PHE A 27 -2.92 -37.99 -7.62
N HIS A 28 -3.07 -39.09 -6.87
CA HIS A 28 -3.87 -40.23 -7.29
C HIS A 28 -5.30 -40.04 -6.76
N PHE A 29 -5.92 -38.98 -7.27
CA PHE A 29 -7.29 -38.60 -6.96
C PHE A 29 -7.63 -37.41 -7.84
N GLU A 30 -8.78 -37.47 -8.52
CA GLU A 30 -9.17 -36.41 -9.43
C GLU A 30 -10.16 -35.49 -8.70
N ILE A 31 -10.16 -34.20 -9.08
CA ILE A 31 -11.19 -33.27 -8.64
C ILE A 31 -12.28 -33.24 -9.72
N VAL A 32 -13.47 -33.74 -9.37
CA VAL A 32 -14.49 -34.04 -10.36
C VAL A 32 -15.62 -33.02 -10.30
N ALA A 33 -15.76 -32.30 -9.19
CA ALA A 33 -16.74 -31.22 -9.16
C ALA A 33 -16.26 -30.07 -8.28
N ILE A 34 -16.83 -28.89 -8.53
CA ILE A 34 -16.81 -27.76 -7.61
C ILE A 34 -18.26 -27.28 -7.46
N ASN A 35 -18.48 -26.30 -6.59
CA ASN A 35 -19.81 -25.73 -6.36
C ASN A 35 -19.68 -24.36 -5.71
N ASP A 36 -20.47 -23.38 -6.19
CA ASP A 36 -20.38 -22.03 -5.66
C ASP A 36 -21.68 -21.28 -5.97
N ILE A 37 -21.90 -20.19 -5.24
CA ILE A 37 -23.08 -19.35 -5.41
C ILE A 37 -22.84 -18.31 -6.50
N ALA A 38 -21.57 -18.18 -6.93
CA ALA A 38 -21.18 -17.18 -7.92
C ALA A 38 -21.18 -17.79 -9.33
N ASP A 39 -21.34 -16.92 -10.34
CA ASP A 39 -21.46 -17.33 -11.73
C ASP A 39 -20.16 -17.97 -12.22
N VAL A 40 -20.30 -18.95 -13.13
CA VAL A 40 -19.18 -19.78 -13.55
C VAL A 40 -18.07 -18.92 -14.15
N HIS A 41 -18.45 -17.93 -14.97
CA HIS A 41 -17.47 -17.08 -15.65
C HIS A 41 -16.65 -16.31 -14.63
N THR A 42 -17.33 -15.67 -13.66
CA THR A 42 -16.67 -15.01 -12.54
C THR A 42 -15.63 -15.95 -11.93
N LEU A 43 -16.05 -17.18 -11.62
CA LEU A 43 -15.16 -18.19 -11.05
C LEU A 43 -13.98 -18.45 -11.98
N VAL A 44 -14.28 -18.72 -13.26
CA VAL A 44 -13.23 -19.01 -14.22
C VAL A 44 -12.27 -17.81 -14.27
N HIS A 45 -12.82 -16.60 -14.44
CA HIS A 45 -12.02 -15.40 -14.58
C HIS A 45 -11.01 -15.30 -13.44
N LEU A 46 -11.47 -15.65 -12.23
CA LEU A 46 -10.65 -15.55 -11.03
C LEU A 46 -9.82 -16.81 -10.85
N PHE A 47 -10.17 -17.87 -11.57
CA PHE A 47 -9.34 -19.05 -11.55
C PHE A 47 -8.13 -18.82 -12.45
N LYS A 48 -8.32 -18.05 -13.53
CA LYS A 48 -7.28 -17.82 -14.52
C LYS A 48 -6.31 -16.74 -14.06
N TYR A 49 -6.84 -15.68 -13.44
CA TYR A 49 -6.03 -14.52 -13.05
C TYR A 49 -6.14 -14.32 -11.53
N ASP A 50 -4.98 -14.18 -10.88
CA ASP A 50 -4.93 -14.00 -9.44
C ASP A 50 -3.89 -12.91 -9.11
N SER A 51 -4.30 -11.94 -8.30
CA SER A 51 -3.47 -10.80 -7.98
C SER A 51 -2.21 -11.26 -7.26
N THR A 52 -2.35 -12.29 -6.42
CA THR A 52 -1.25 -12.77 -5.58
C THR A 52 -0.39 -13.76 -6.35
N HIS A 53 -1.01 -14.68 -7.10
CA HIS A 53 -0.28 -15.76 -7.75
C HIS A 53 -0.28 -15.63 -9.28
N GLY A 54 -0.58 -14.43 -9.80
CA GLY A 54 -0.48 -14.17 -11.23
C GLY A 54 -1.35 -15.13 -12.02
N ARG A 55 -0.97 -15.38 -13.29
CA ARG A 55 -1.82 -16.14 -14.21
C ARG A 55 -1.72 -17.64 -13.92
N PHE A 56 -2.84 -18.34 -14.15
CA PHE A 56 -2.85 -19.79 -14.18
C PHE A 56 -2.22 -20.24 -15.49
N ASN A 57 -1.41 -21.30 -15.44
CA ASN A 57 -0.50 -21.61 -16.52
C ASN A 57 -1.09 -22.71 -17.40
N GLY A 58 -2.18 -22.39 -18.11
CA GLY A 58 -2.89 -23.37 -18.93
C GLY A 58 -4.27 -22.87 -19.33
N LYS A 59 -5.12 -23.79 -19.83
CA LYS A 59 -6.33 -23.41 -20.54
C LYS A 59 -7.58 -23.84 -19.77
N VAL A 60 -8.69 -23.14 -20.00
CA VAL A 60 -9.98 -23.42 -19.36
C VAL A 60 -11.13 -23.05 -20.30
N ASP A 61 -11.84 -24.05 -20.82
CA ASP A 61 -13.00 -23.84 -21.68
C ASP A 61 -14.24 -24.42 -21.02
N ILE A 62 -15.41 -23.82 -21.30
CA ILE A 62 -16.64 -24.17 -20.59
C ILE A 62 -17.58 -24.94 -21.52
N THR A 63 -17.78 -26.23 -21.23
CA THR A 63 -18.69 -27.06 -22.01
C THR A 63 -20.06 -27.09 -21.33
N ILE A 64 -21.12 -27.21 -22.14
CA ILE A 64 -22.45 -27.50 -21.63
C ILE A 64 -22.88 -28.86 -22.19
N GLU A 65 -22.41 -29.96 -21.58
CA GLU A 65 -22.84 -31.30 -21.98
C GLU A 65 -24.03 -31.72 -21.12
N ASN A 66 -25.04 -32.33 -21.75
CA ASN A 66 -26.38 -32.43 -21.18
C ASN A 66 -26.82 -31.02 -20.79
N GLU A 67 -27.52 -30.89 -19.66
CA GLU A 67 -27.90 -29.59 -19.14
C GLU A 67 -26.81 -29.09 -18.18
N LYS A 68 -25.70 -29.83 -18.12
CA LYS A 68 -24.70 -29.72 -17.05
C LYS A 68 -23.53 -28.87 -17.54
N ILE A 69 -23.07 -27.94 -16.69
CA ILE A 69 -21.93 -27.11 -17.02
C ILE A 69 -20.65 -27.83 -16.58
N TYR A 70 -19.55 -27.61 -17.31
CA TYR A 70 -18.31 -28.33 -17.14
C TYR A 70 -17.10 -27.42 -17.37
N LEU A 71 -16.01 -27.67 -16.62
CA LEU A 71 -14.74 -26.99 -16.81
C LEU A 71 -13.72 -27.98 -17.35
N ASN A 72 -12.89 -27.49 -18.29
CA ASN A 72 -11.98 -28.33 -19.07
C ASN A 72 -10.58 -27.72 -19.03
N ILE A 73 -9.72 -28.29 -18.18
CA ILE A 73 -8.62 -27.55 -17.61
C ILE A 73 -7.30 -28.24 -17.95
N GLN A 74 -6.49 -27.55 -18.76
CA GLN A 74 -5.32 -28.14 -19.39
C GLN A 74 -4.08 -27.39 -18.92
N SER A 75 -3.27 -28.05 -18.06
CA SER A 75 -2.04 -27.44 -17.58
C SER A 75 -1.00 -28.50 -17.22
N ASN A 76 0.28 -28.14 -17.42
CA ASN A 76 1.41 -28.95 -17.01
C ASN A 76 1.15 -30.42 -17.29
N GLN A 77 0.73 -30.72 -18.51
CA GLN A 77 0.62 -32.09 -19.01
C GLN A 77 -0.46 -32.84 -18.23
N ARG A 78 -1.51 -32.13 -17.83
CA ARG A 78 -2.61 -32.72 -17.06
C ARG A 78 -3.94 -32.10 -17.48
N LEU A 79 -4.98 -32.94 -17.44
CA LEU A 79 -6.34 -32.57 -17.82
C LEU A 79 -7.27 -32.87 -16.66
N LEU A 80 -8.36 -32.10 -16.57
CA LEU A 80 -9.47 -32.38 -15.68
C LEU A 80 -10.75 -31.88 -16.33
N LYS A 81 -11.78 -32.74 -16.33
CA LYS A 81 -13.15 -32.30 -16.48
C LYS A 81 -13.70 -32.11 -15.07
N VAL A 82 -14.42 -30.99 -14.88
CA VAL A 82 -14.86 -30.59 -13.55
C VAL A 82 -16.26 -30.00 -13.67
N GLU A 83 -17.26 -30.71 -13.12
CA GLU A 83 -18.63 -30.22 -13.17
C GLU A 83 -18.77 -29.04 -12.21
N VAL A 84 -19.25 -27.92 -12.73
CA VAL A 84 -19.67 -26.79 -11.91
C VAL A 84 -21.09 -27.08 -11.41
N LEU A 85 -21.33 -26.70 -10.16
CA LEU A 85 -22.67 -26.69 -9.58
C LEU A 85 -22.92 -25.30 -8.98
N GLN A 86 -24.17 -25.04 -8.60
CA GLN A 86 -24.55 -23.75 -8.07
C GLN A 86 -25.72 -23.96 -7.12
N GLN A 87 -25.43 -24.63 -6.01
CA GLN A 87 -26.40 -24.89 -4.95
C GLN A 87 -25.82 -24.40 -3.63
N LYS A 88 -26.46 -23.39 -3.04
CA LYS A 88 -26.13 -22.90 -1.72
C LYS A 88 -26.12 -24.08 -0.74
N GLN A 89 -27.29 -24.74 -0.65
CA GLN A 89 -27.62 -25.71 0.39
C GLN A 89 -26.95 -27.05 0.12
N PRO A 90 -25.92 -27.46 0.89
CA PRO A 90 -25.10 -28.61 0.52
C PRO A 90 -25.72 -30.00 0.62
N GLU A 91 -26.99 -30.08 1.05
CA GLU A 91 -27.67 -31.35 1.21
C GLU A 91 -28.32 -31.78 -0.12
N LEU A 92 -28.62 -30.81 -0.98
CA LEU A 92 -29.14 -31.06 -2.30
C LEU A 92 -28.02 -31.56 -3.21
N LEU A 93 -26.80 -31.06 -2.98
CA LEU A 93 -25.65 -31.30 -3.84
C LEU A 93 -25.57 -32.79 -4.18
N PRO A 94 -25.51 -33.13 -5.49
CA PRO A 94 -25.65 -34.53 -5.91
C PRO A 94 -24.34 -35.28 -5.77
N TRP A 95 -23.77 -35.26 -4.57
CA TRP A 95 -22.57 -36.03 -4.29
C TRP A 95 -22.92 -37.52 -4.41
N ALA A 96 -24.17 -37.86 -4.08
CA ALA A 96 -24.70 -39.20 -4.22
C ALA A 96 -24.35 -39.76 -5.60
N SER A 97 -24.94 -39.16 -6.64
CA SER A 97 -24.86 -39.68 -7.99
C SER A 97 -23.43 -39.57 -8.54
N LEU A 98 -22.69 -38.54 -8.12
CA LEU A 98 -21.34 -38.32 -8.62
C LEU A 98 -20.33 -39.23 -7.91
N LYS A 99 -20.76 -39.88 -6.81
CA LYS A 99 -19.94 -40.84 -6.09
C LYS A 99 -18.66 -40.15 -5.59
N ILE A 100 -18.86 -39.08 -4.82
CA ILE A 100 -17.79 -38.32 -4.21
C ILE A 100 -17.26 -39.11 -3.02
N ASP A 101 -15.93 -39.30 -2.95
CA ASP A 101 -15.29 -39.94 -1.82
C ASP A 101 -15.04 -38.91 -0.71
N VAL A 102 -14.59 -37.71 -1.10
CA VAL A 102 -14.16 -36.69 -0.15
C VAL A 102 -14.66 -35.33 -0.62
N VAL A 103 -15.26 -34.56 0.30
CA VAL A 103 -15.55 -33.16 0.09
C VAL A 103 -14.48 -32.34 0.78
N LEU A 104 -14.18 -31.16 0.20
CA LEU A 104 -13.50 -30.08 0.91
C LEU A 104 -14.51 -28.95 1.06
N GLU A 105 -14.84 -28.60 2.31
CA GLU A 105 -15.76 -27.52 2.58
C GLU A 105 -14.94 -26.25 2.84
N CYS A 106 -14.99 -25.30 1.89
CA CYS A 106 -14.08 -24.17 1.87
C CYS A 106 -14.83 -22.85 1.73
N THR A 107 -15.99 -22.73 2.41
CA THR A 107 -16.81 -21.53 2.34
C THR A 107 -16.70 -20.74 3.64
N GLY A 108 -16.65 -21.47 4.76
CA GLY A 108 -16.55 -20.85 6.07
C GLY A 108 -17.89 -20.78 6.79
N LEU A 109 -18.95 -21.27 6.13
CA LEU A 109 -20.31 -21.15 6.65
C LEU A 109 -20.73 -22.44 7.37
N PHE A 110 -19.99 -23.53 7.14
CA PHE A 110 -20.43 -24.87 7.48
C PHE A 110 -19.34 -25.58 8.26
N ARG A 111 -19.11 -25.13 9.49
CA ARG A 111 -17.96 -25.57 10.26
C ARG A 111 -18.39 -26.42 11.45
N SER A 112 -19.68 -26.37 11.81
CA SER A 112 -20.21 -27.20 12.87
C SER A 112 -20.33 -28.64 12.38
N HIS A 113 -20.18 -29.61 13.28
CA HIS A 113 -20.36 -31.00 12.91
C HIS A 113 -21.69 -31.12 12.17
N ALA A 114 -22.72 -30.45 12.71
CA ALA A 114 -24.06 -30.42 12.15
C ALA A 114 -24.04 -29.99 10.69
N ASP A 115 -23.66 -28.72 10.45
CA ASP A 115 -23.69 -28.11 9.13
C ASP A 115 -22.88 -28.95 8.13
N ALA A 116 -21.71 -29.46 8.56
CA ALA A 116 -20.79 -30.14 7.67
C ALA A 116 -21.36 -31.47 7.21
N THR A 117 -22.12 -32.15 8.09
CA THR A 117 -22.64 -33.48 7.81
C THR A 117 -23.61 -33.44 6.63
N ARG A 118 -24.17 -32.25 6.36
CA ARG A 118 -25.12 -32.04 5.26
C ARG A 118 -24.53 -32.52 3.93
N HIS A 119 -23.19 -32.61 3.81
CA HIS A 119 -22.56 -33.18 2.63
C HIS A 119 -22.69 -34.70 2.64
N LEU A 120 -22.74 -35.29 3.83
CA LEU A 120 -22.87 -36.74 3.98
C LEU A 120 -24.31 -37.17 3.73
N GLU A 121 -25.27 -36.31 4.12
CA GLU A 121 -26.66 -36.51 3.77
C GLU A 121 -26.85 -36.38 2.26
N ALA A 122 -26.05 -35.51 1.63
CA ALA A 122 -26.06 -35.35 0.19
C ALA A 122 -25.40 -36.55 -0.49
N GLY A 123 -24.79 -37.42 0.32
CA GLY A 123 -24.25 -38.68 -0.16
C GLY A 123 -22.76 -38.60 -0.45
N ALA A 124 -22.03 -37.78 0.34
CA ALA A 124 -20.59 -37.79 0.33
C ALA A 124 -20.09 -38.81 1.38
N LYS A 125 -18.96 -39.46 1.10
CA LYS A 125 -18.42 -40.43 2.04
C LYS A 125 -17.75 -39.69 3.20
N ARG A 126 -16.99 -38.62 2.91
CA ARG A 126 -16.17 -37.94 3.89
C ARG A 126 -16.13 -36.43 3.61
N VAL A 127 -15.93 -35.62 4.66
CA VAL A 127 -15.83 -34.16 4.55
C VAL A 127 -14.59 -33.68 5.30
N ILE A 128 -13.81 -32.80 4.66
CA ILE A 128 -12.81 -32.01 5.35
C ILE A 128 -13.29 -30.56 5.40
N ILE A 129 -13.42 -30.03 6.62
CA ILE A 129 -13.62 -28.62 6.85
C ILE A 129 -12.25 -27.96 6.83
N GLY A 130 -12.03 -27.12 5.81
CA GLY A 130 -10.79 -26.34 5.70
C GLY A 130 -10.83 -25.11 6.61
N ALA A 131 -10.82 -25.36 7.93
CA ALA A 131 -10.97 -24.30 8.91
C ALA A 131 -10.94 -24.91 10.31
N ALA A 132 -10.57 -24.11 11.30
CA ALA A 132 -10.61 -24.53 12.68
C ALA A 132 -12.01 -25.04 13.02
N PRO A 133 -12.12 -26.19 13.73
CA PRO A 133 -13.42 -26.73 14.15
C PRO A 133 -14.30 -25.69 14.85
N PHE A 134 -15.61 -25.74 14.56
CA PHE A 134 -16.55 -24.80 15.15
C PHE A 134 -17.02 -25.34 16.50
N ASP A 135 -17.28 -26.65 16.57
CA ASP A 135 -17.76 -27.28 17.78
C ASP A 135 -17.16 -28.68 17.96
N HIS A 136 -17.25 -29.53 16.92
CA HIS A 136 -16.77 -30.89 17.02
C HIS A 136 -16.24 -31.34 15.66
N VAL A 137 -15.23 -32.23 15.70
CA VAL A 137 -14.73 -32.96 14.54
C VAL A 137 -14.30 -34.35 14.99
N ASP A 138 -14.60 -35.35 14.17
CA ASP A 138 -14.22 -36.72 14.47
C ASP A 138 -12.69 -36.83 14.59
N ALA A 139 -11.99 -35.84 14.02
CA ALA A 139 -10.56 -35.65 14.23
C ALA A 139 -10.15 -34.27 13.72
N ALA A 140 -8.99 -33.77 14.17
CA ALA A 140 -8.48 -32.47 13.74
C ALA A 140 -6.99 -32.60 13.42
N ILE A 141 -6.62 -32.35 12.16
CA ILE A 141 -5.36 -32.88 11.63
C ILE A 141 -4.46 -31.78 11.09
N VAL A 142 -3.16 -31.95 11.36
CA VAL A 142 -2.11 -31.15 10.78
C VAL A 142 -1.15 -32.10 10.06
N TYR A 143 -1.13 -32.03 8.72
CA TYR A 143 -0.30 -32.94 7.95
C TYR A 143 1.12 -32.84 8.49
N GLY A 144 1.80 -34.00 8.54
CA GLY A 144 3.21 -34.08 8.90
C GLY A 144 3.41 -34.40 10.38
N VAL A 145 2.36 -34.17 11.18
CA VAL A 145 2.42 -34.34 12.62
C VAL A 145 1.58 -35.56 13.01
N ASN A 146 0.25 -35.46 12.81
CA ASN A 146 -0.70 -36.44 13.34
C ASN A 146 -1.66 -36.95 12.27
N HIS A 147 -1.37 -36.68 10.99
CA HIS A 147 -2.24 -37.07 9.90
C HIS A 147 -2.60 -38.56 9.96
N ALA A 148 -1.64 -39.36 10.42
CA ALA A 148 -1.79 -40.81 10.50
C ALA A 148 -3.06 -41.20 11.28
N ASP A 149 -3.39 -40.43 12.33
CA ASP A 149 -4.32 -40.87 13.35
C ASP A 149 -5.77 -40.79 12.89
N VAL A 150 -6.00 -40.60 11.60
CA VAL A 150 -7.34 -40.68 11.04
C VAL A 150 -7.76 -42.15 10.98
N LYS A 151 -8.90 -42.45 11.62
CA LYS A 151 -9.52 -43.77 11.58
C LYS A 151 -10.47 -43.83 10.40
N ALA A 152 -10.79 -45.04 9.93
CA ALA A 152 -11.66 -45.23 8.79
C ALA A 152 -13.08 -44.75 9.10
N THR A 153 -13.46 -44.81 10.38
CA THR A 153 -14.81 -44.46 10.82
C THR A 153 -14.96 -42.94 10.94
N ASP A 154 -13.85 -42.20 10.81
CA ASP A 154 -13.82 -40.76 10.97
C ASP A 154 -14.34 -40.08 9.70
N GLN A 155 -15.39 -39.25 9.86
CA GLN A 155 -16.20 -38.80 8.75
C GLN A 155 -16.07 -37.31 8.52
N ILE A 156 -16.16 -36.53 9.61
CA ILE A 156 -15.90 -35.10 9.57
C ILE A 156 -14.50 -34.85 10.12
N ILE A 157 -13.66 -34.20 9.31
CA ILE A 157 -12.29 -33.92 9.69
C ILE A 157 -11.99 -32.46 9.33
N SER A 158 -11.18 -31.80 10.16
CA SER A 158 -10.75 -30.44 9.92
C SER A 158 -9.24 -30.40 9.63
N SER A 159 -8.85 -29.58 8.64
CA SER A 159 -7.45 -29.35 8.34
C SER A 159 -6.99 -28.04 8.95
N VAL A 160 -7.72 -27.57 9.97
CA VAL A 160 -7.32 -26.46 10.82
C VAL A 160 -7.06 -25.22 9.97
N SER A 161 -6.04 -24.42 10.33
CA SER A 161 -5.73 -23.19 9.61
C SER A 161 -4.24 -23.16 9.23
N CYS A 162 -3.89 -22.19 8.37
CA CYS A 162 -2.52 -21.98 7.92
C CYS A 162 -1.58 -21.76 9.11
N THR A 163 -2.05 -20.95 10.06
CA THR A 163 -1.33 -20.65 11.28
C THR A 163 -1.06 -21.93 12.05
N THR A 164 -2.11 -22.75 12.20
CA THR A 164 -2.03 -24.01 12.93
C THR A 164 -0.95 -24.90 12.31
N GLN A 165 -0.89 -24.90 10.98
CA GLN A 165 0.02 -25.80 10.29
C GLN A 165 1.48 -25.44 10.62
N ALA A 166 1.71 -24.18 11.01
CA ALA A 166 3.05 -23.68 11.23
C ALA A 166 3.36 -23.57 12.73
N LEU A 167 2.32 -23.46 13.55
CA LEU A 167 2.48 -23.21 14.97
C LEU A 167 2.68 -24.53 15.73
N VAL A 168 2.06 -25.60 15.21
CA VAL A 168 2.05 -26.89 15.88
C VAL A 168 3.40 -27.58 15.71
N PRO A 169 3.96 -27.71 14.49
CA PRO A 169 5.25 -28.38 14.34
C PRO A 169 6.35 -27.74 15.19
N LEU A 170 6.33 -26.41 15.29
CA LEU A 170 7.28 -25.66 16.10
C LEU A 170 7.19 -26.06 17.58
N VAL A 171 5.97 -26.32 18.05
CA VAL A 171 5.78 -26.68 19.45
C VAL A 171 6.22 -28.12 19.67
N LYS A 172 5.63 -29.05 18.91
CA LYS A 172 6.04 -30.45 18.98
C LYS A 172 7.56 -30.54 18.94
N ILE A 173 8.19 -29.90 17.95
CA ILE A 173 9.63 -30.01 17.73
C ILE A 173 10.41 -29.45 18.91
N ILE A 174 9.98 -28.28 19.42
CA ILE A 174 10.70 -27.63 20.51
C ILE A 174 10.34 -28.32 21.82
N ASP A 175 9.04 -28.56 22.04
CA ASP A 175 8.56 -29.09 23.30
C ASP A 175 9.19 -30.45 23.59
N ASP A 176 9.35 -31.28 22.56
CA ASP A 176 9.89 -32.62 22.74
C ASP A 176 11.35 -32.55 23.17
N ALA A 177 12.16 -31.75 22.47
CA ALA A 177 13.60 -31.77 22.65
C ALA A 177 14.07 -30.88 23.81
N PHE A 178 13.25 -29.88 24.19
CA PHE A 178 13.66 -28.87 25.16
C PHE A 178 12.66 -28.74 26.30
N GLY A 179 11.36 -28.78 26.00
CA GLY A 179 10.33 -28.73 27.02
C GLY A 179 9.81 -27.32 27.20
N ILE A 180 8.61 -27.06 26.67
CA ILE A 180 8.02 -25.73 26.72
C ILE A 180 7.23 -25.61 28.01
N GLU A 181 7.65 -24.67 28.89
CA GLU A 181 6.91 -24.39 30.10
C GLU A 181 5.60 -23.72 29.71
N THR A 182 5.73 -22.48 29.19
CA THR A 182 4.65 -21.77 28.53
C THR A 182 5.22 -21.08 27.29
N ALA A 183 4.35 -20.79 26.31
CA ALA A 183 4.77 -20.15 25.08
C ALA A 183 3.72 -19.15 24.61
N LEU A 184 4.17 -18.10 23.92
CA LEU A 184 3.28 -17.06 23.42
C LEU A 184 3.59 -16.78 21.95
N MET A 185 2.55 -16.45 21.19
CA MET A 185 2.69 -16.31 19.75
C MET A 185 2.21 -14.92 19.33
N THR A 186 2.94 -14.34 18.38
CA THR A 186 2.52 -13.13 17.70
C THR A 186 2.52 -13.43 16.21
N GLU A 187 1.34 -13.41 15.58
CA GLU A 187 1.23 -13.71 14.17
C GLU A 187 1.14 -12.40 13.38
N ILE A 188 2.17 -12.12 12.57
CA ILE A 188 2.13 -10.99 11.65
C ILE A 188 1.55 -11.51 10.34
N HIS A 189 0.32 -11.10 10.01
CA HIS A 189 -0.40 -11.68 8.88
C HIS A 189 -0.74 -10.57 7.88
N ALA A 190 -0.75 -10.95 6.60
CA ALA A 190 -1.13 -10.05 5.53
C ALA A 190 -2.63 -9.77 5.59
N VAL A 191 -3.13 -8.94 4.66
CA VAL A 191 -4.54 -8.56 4.63
C VAL A 191 -5.36 -9.85 4.49
N THR A 192 -6.56 -9.87 5.06
CA THR A 192 -7.47 -10.99 4.93
C THR A 192 -8.71 -10.55 4.18
N ALA A 193 -9.42 -11.50 3.55
CA ALA A 193 -10.55 -11.20 2.67
C ALA A 193 -11.72 -10.61 3.45
N ASP A 194 -11.90 -11.02 4.71
CA ASP A 194 -13.03 -10.58 5.50
C ASP A 194 -12.87 -9.14 5.95
N GLN A 195 -11.76 -8.49 5.58
CA GLN A 195 -11.47 -7.12 5.99
C GLN A 195 -12.32 -6.12 5.21
N SER A 196 -12.04 -4.83 5.44
CA SER A 196 -12.76 -3.74 4.81
C SER A 196 -11.75 -2.77 4.19
N VAL A 197 -11.98 -2.39 2.93
CA VAL A 197 -11.03 -1.60 2.16
C VAL A 197 -11.01 -0.17 2.69
N LEU A 198 -12.20 0.39 2.95
CA LEU A 198 -12.35 1.60 3.74
C LEU A 198 -13.17 1.24 4.99
N ASP A 199 -13.16 2.15 5.98
CA ASP A 199 -13.77 1.91 7.28
C ASP A 199 -15.26 1.69 7.11
N HIS A 200 -15.77 0.61 7.73
CA HIS A 200 -17.04 0.02 7.36
C HIS A 200 -17.70 -0.61 8.58
N ALA A 201 -19.04 -0.65 8.57
CA ALA A 201 -19.82 -1.27 9.62
C ALA A 201 -19.62 -2.79 9.57
N HIS A 202 -19.33 -3.38 10.73
CA HIS A 202 -18.77 -4.72 10.80
C HIS A 202 -18.85 -5.19 12.25
N ARG A 203 -19.05 -6.50 12.46
CA ARG A 203 -19.05 -7.06 13.80
C ARG A 203 -17.77 -6.61 14.50
N ASP A 204 -16.62 -7.13 14.04
CA ASP A 204 -15.31 -6.79 14.60
C ASP A 204 -14.92 -5.38 14.15
N LEU A 205 -14.82 -4.46 15.10
CA LEU A 205 -14.54 -3.05 14.83
C LEU A 205 -13.04 -2.80 14.63
N ARG A 206 -12.24 -3.86 14.75
N ARG A 206 -12.23 -3.86 14.75
CA ARG A 206 -10.83 -3.81 14.41
CA ARG A 206 -10.82 -3.80 14.41
C ARG A 206 -10.65 -4.19 12.95
C ARG A 206 -10.65 -4.19 12.94
N ARG A 207 -11.32 -5.27 12.53
CA ARG A 207 -11.26 -5.74 11.15
C ARG A 207 -12.31 -5.02 10.30
N ALA A 208 -12.69 -3.81 10.72
CA ALA A 208 -13.63 -2.96 10.01
C ALA A 208 -12.89 -1.88 9.22
N ARG A 209 -11.61 -1.70 9.54
CA ARG A 209 -10.88 -0.50 9.14
C ARG A 209 -9.97 -0.82 7.95
N ALA A 210 -9.43 0.25 7.38
CA ALA A 210 -8.79 0.25 6.07
C ALA A 210 -7.61 -0.71 6.05
N SER A 211 -7.80 -1.86 5.40
CA SER A 211 -6.87 -2.99 5.50
C SER A 211 -5.46 -2.60 5.07
N GLY A 212 -5.40 -1.71 4.07
CA GLY A 212 -4.18 -1.48 3.30
C GLY A 212 -3.27 -0.43 3.91
N GLN A 213 -3.78 0.45 4.79
CA GLN A 213 -2.93 1.46 5.40
C GLN A 213 -3.25 1.56 6.89
N ASN A 214 -3.10 0.43 7.58
CA ASN A 214 -3.52 0.31 8.96
C ASN A 214 -2.98 -0.99 9.54
N ILE A 215 -2.49 -0.92 10.78
CA ILE A 215 -2.13 -2.10 11.53
C ILE A 215 -3.31 -2.41 12.45
N ILE A 216 -3.72 -3.69 12.43
CA ILE A 216 -4.87 -4.15 13.17
C ILE A 216 -4.47 -5.42 13.92
N PRO A 217 -4.44 -5.41 15.27
CA PRO A 217 -4.22 -6.62 16.04
C PRO A 217 -5.57 -7.26 16.33
N THR A 218 -5.61 -8.59 16.34
CA THR A 218 -6.88 -9.28 16.50
C THR A 218 -6.59 -10.71 16.95
N THR A 219 -7.54 -11.63 16.75
CA THR A 219 -7.47 -12.95 17.34
C THR A 219 -7.03 -13.98 16.31
N SER A 220 -6.57 -15.12 16.86
CA SER A 220 -6.16 -16.29 16.10
C SER A 220 -6.87 -17.50 16.69
N SER A 221 -7.67 -18.19 15.86
CA SER A 221 -8.36 -19.40 16.27
C SER A 221 -7.43 -20.61 16.18
N ALA A 222 -6.17 -20.36 15.77
CA ALA A 222 -5.14 -21.38 15.68
C ALA A 222 -4.55 -21.69 17.05
N LEU A 223 -5.17 -21.15 18.10
CA LEU A 223 -4.91 -21.53 19.48
C LEU A 223 -5.95 -22.57 19.89
N GLY A 224 -7.23 -22.22 19.68
CA GLY A 224 -8.34 -23.13 19.94
C GLY A 224 -8.31 -24.35 19.03
N ALA A 225 -7.58 -24.24 17.92
CA ALA A 225 -7.16 -25.39 17.13
C ALA A 225 -6.12 -26.18 17.91
N LEU A 226 -4.97 -25.56 18.18
CA LEU A 226 -3.79 -26.25 18.68
C LEU A 226 -4.14 -27.13 19.86
N LYS A 227 -5.14 -26.71 20.64
CA LYS A 227 -5.48 -27.36 21.90
C LYS A 227 -6.26 -28.66 21.66
N ARG A 228 -7.02 -28.71 20.56
CA ARG A 228 -7.66 -29.95 20.13
C ARG A 228 -6.62 -30.90 19.54
N VAL A 229 -5.51 -30.34 19.06
CA VAL A 229 -4.48 -31.11 18.39
C VAL A 229 -3.47 -31.61 19.42
N MET A 230 -3.04 -30.70 20.30
CA MET A 230 -2.19 -31.05 21.42
C MET A 230 -2.96 -30.70 22.69
N PRO A 231 -3.60 -31.67 23.37
CA PRO A 231 -4.38 -31.37 24.57
C PRO A 231 -3.47 -31.01 25.75
N LYS A 232 -2.26 -31.57 25.72
CA LYS A 232 -1.24 -31.34 26.75
C LYS A 232 -0.95 -29.85 26.90
N MET A 233 -0.98 -29.11 25.79
CA MET A 233 -0.56 -27.72 25.75
C MET A 233 -1.73 -26.79 26.07
N GLU A 234 -2.66 -27.22 26.95
CA GLU A 234 -3.75 -26.35 27.35
C GLU A 234 -3.28 -25.51 28.53
N ASP A 235 -3.53 -24.19 28.44
CA ASP A 235 -3.12 -23.23 29.46
C ASP A 235 -1.61 -23.01 29.47
N ARG A 236 -0.90 -23.65 28.53
CA ARG A 236 0.54 -23.49 28.41
C ARG A 236 0.88 -22.46 27.34
N ILE A 237 -0.10 -22.11 26.49
CA ILE A 237 0.17 -21.28 25.34
C ILE A 237 -1.10 -20.51 24.95
N ASP A 238 -0.96 -19.19 24.79
CA ASP A 238 -1.96 -18.34 24.15
C ASP A 238 -1.24 -17.55 23.06
N GLY A 239 -1.94 -16.62 22.41
CA GLY A 239 -1.35 -15.78 21.38
C GLY A 239 -2.39 -14.88 20.74
N TYR A 240 -1.99 -14.20 19.66
CA TYR A 240 -2.86 -13.27 18.96
C TYR A 240 -2.24 -12.97 17.60
N SER A 241 -3.02 -12.30 16.75
CA SER A 241 -2.66 -12.11 15.35
C SER A 241 -2.77 -10.65 14.94
N ILE A 242 -1.95 -10.26 13.96
CA ILE A 242 -1.86 -8.89 13.49
C ILE A 242 -1.97 -8.84 11.97
N ARG A 243 -2.90 -8.00 11.49
CA ARG A 243 -3.08 -7.74 10.08
C ARG A 243 -2.24 -6.53 9.67
N VAL A 244 -1.57 -6.66 8.53
CA VAL A 244 -0.72 -5.60 8.02
C VAL A 244 -0.88 -5.53 6.50
N PRO A 245 -0.63 -4.36 5.89
CA PRO A 245 -0.95 -4.14 4.48
C PRO A 245 -0.50 -5.06 3.35
N THR A 246 0.40 -6.04 3.61
CA THR A 246 0.85 -6.91 2.52
C THR A 246 -0.31 -7.79 2.07
N ILE A 247 -0.17 -8.38 0.88
CA ILE A 247 -1.25 -9.08 0.21
C ILE A 247 -1.14 -10.59 0.41
N ASN A 248 0.01 -11.06 0.89
CA ASN A 248 0.20 -12.48 1.16
C ASN A 248 1.44 -12.69 2.03
N VAL A 249 1.61 -13.95 2.44
CA VAL A 249 2.72 -14.39 3.27
C VAL A 249 2.46 -13.91 4.70
N ALA A 250 2.81 -14.76 5.68
CA ALA A 250 2.69 -14.38 7.08
C ALA A 250 3.85 -14.94 7.89
N ALA A 251 3.95 -14.47 9.13
CA ALA A 251 5.01 -14.85 10.04
C ALA A 251 4.41 -15.23 11.39
N ILE A 252 5.03 -16.23 12.02
CA ILE A 252 4.77 -16.57 13.41
C ILE A 252 5.98 -16.13 14.23
N ASP A 253 5.69 -15.53 15.38
CA ASP A 253 6.69 -15.04 16.31
C ASP A 253 6.45 -15.75 17.63
N LEU A 254 7.11 -16.90 17.77
CA LEU A 254 6.92 -17.75 18.94
C LEU A 254 7.94 -17.36 20.01
N THR A 255 7.45 -17.31 21.25
CA THR A 255 8.21 -16.86 22.40
C THR A 255 7.88 -17.77 23.57
N PHE A 256 8.87 -18.53 24.05
CA PHE A 256 8.60 -19.65 24.94
C PHE A 256 9.70 -19.77 25.99
N ILE A 257 9.31 -20.29 27.17
CA ILE A 257 10.23 -20.59 28.26
C ILE A 257 10.56 -22.08 28.26
N ALA A 258 11.84 -22.39 28.39
CA ALA A 258 12.30 -23.75 28.21
C ALA A 258 12.59 -24.42 29.55
N GLN A 259 12.42 -25.74 29.57
CA GLN A 259 12.70 -26.59 30.72
C GLN A 259 14.06 -27.27 30.51
N SER A 260 15.09 -26.47 30.20
CA SER A 260 16.40 -27.03 29.90
C SER A 260 17.39 -25.94 29.52
N PRO A 261 18.68 -26.31 29.28
CA PRO A 261 19.67 -25.38 28.77
C PRO A 261 19.36 -25.15 27.28
N ILE A 262 19.38 -23.88 26.87
CA ILE A 262 19.09 -23.51 25.51
C ILE A 262 20.12 -22.48 25.04
N THR A 263 20.73 -22.77 23.89
CA THR A 263 21.55 -21.82 23.18
C THR A 263 20.85 -21.56 21.84
N VAL A 264 21.17 -20.43 21.21
CA VAL A 264 20.63 -20.15 19.89
C VAL A 264 21.06 -21.27 18.96
N HIS A 265 22.38 -21.56 18.94
CA HIS A 265 22.96 -22.56 18.06
C HIS A 265 22.21 -23.90 18.18
N HIS A 266 21.83 -24.29 19.41
CA HIS A 266 21.24 -25.61 19.66
C HIS A 266 19.78 -25.63 19.22
N ILE A 267 19.07 -24.51 19.33
CA ILE A 267 17.70 -24.44 18.83
C ILE A 267 17.72 -24.66 17.32
N ASN A 268 18.49 -23.80 16.62
CA ASN A 268 18.55 -23.79 15.16
C ASN A 268 19.01 -25.15 14.64
N GLU A 269 19.94 -25.79 15.36
CA GLU A 269 20.50 -27.07 14.96
C GLU A 269 19.41 -28.14 14.99
N LEU A 270 18.53 -28.07 16.00
CA LEU A 270 17.37 -28.96 16.10
C LEU A 270 16.44 -28.74 14.89
N LEU A 271 15.92 -27.52 14.76
CA LEU A 271 14.97 -27.16 13.72
C LEU A 271 15.47 -27.63 12.35
N ILE A 272 16.79 -27.55 12.13
CA ILE A 272 17.39 -28.05 10.91
C ILE A 272 17.22 -29.57 10.86
N LYS A 273 17.68 -30.30 11.89
CA LYS A 273 17.63 -31.75 11.87
C LYS A 273 16.18 -32.22 11.70
N ALA A 274 15.24 -31.48 12.28
CA ALA A 274 13.83 -31.80 12.18
C ALA A 274 13.34 -31.64 10.74
N SER A 275 13.80 -30.58 10.07
CA SER A 275 13.45 -30.36 8.68
C SER A 275 14.10 -31.40 7.78
N GLN A 276 15.30 -31.87 8.14
CA GLN A 276 16.06 -32.80 7.30
C GLN A 276 15.44 -34.20 7.36
N THR A 277 14.91 -34.58 8.53
CA THR A 277 14.53 -35.96 8.79
C THR A 277 13.01 -36.08 8.89
N ASP A 278 12.42 -35.44 9.92
CA ASP A 278 11.06 -35.75 10.32
C ASP A 278 10.02 -34.91 9.59
N TYR A 279 10.40 -33.77 9.03
CA TYR A 279 9.41 -32.83 8.51
C TYR A 279 9.84 -32.27 7.16
N ALA A 280 10.72 -33.00 6.45
CA ALA A 280 11.29 -32.54 5.19
C ALA A 280 10.20 -32.22 4.17
N GLU A 281 8.98 -32.71 4.41
CA GLU A 281 7.91 -32.53 3.46
C GLU A 281 7.24 -31.17 3.67
N ILE A 282 7.17 -30.71 4.93
CA ILE A 282 6.36 -29.55 5.26
C ILE A 282 7.17 -28.47 5.97
N MET A 283 8.49 -28.67 6.11
CA MET A 283 9.33 -27.73 6.83
C MET A 283 10.53 -27.36 5.96
N ALA A 284 11.10 -26.20 6.25
CA ALA A 284 12.40 -25.81 5.72
C ALA A 284 12.98 -24.72 6.62
N VAL A 285 14.25 -24.40 6.39
CA VAL A 285 14.93 -23.40 7.21
C VAL A 285 15.82 -22.55 6.32
N THR A 286 15.94 -21.26 6.65
CA THR A 286 16.69 -20.32 5.84
C THR A 286 17.62 -19.48 6.71
N ASP A 287 18.90 -19.45 6.31
CA ASP A 287 19.92 -18.62 6.93
C ASP A 287 19.92 -17.21 6.34
N GLU A 288 19.21 -17.03 5.21
CA GLU A 288 19.37 -15.87 4.36
C GLU A 288 18.48 -14.72 4.85
N PRO A 289 18.90 -13.46 4.64
CA PRO A 289 18.12 -12.28 5.06
C PRO A 289 16.97 -11.95 4.11
N LEU A 290 15.91 -12.76 4.18
CA LEU A 290 14.81 -12.70 3.24
C LEU A 290 13.67 -11.90 3.85
N VAL A 291 12.64 -11.59 3.03
CA VAL A 291 11.47 -10.87 3.49
C VAL A 291 10.20 -11.55 2.95
N SER A 292 9.03 -11.02 3.33
CA SER A 292 7.77 -11.70 3.08
C SER A 292 7.68 -12.17 1.63
N SER A 293 7.70 -11.22 0.68
CA SER A 293 7.48 -11.52 -0.73
C SER A 293 8.31 -12.72 -1.20
N ASP A 294 9.48 -12.96 -0.59
CA ASP A 294 10.38 -14.01 -1.05
C ASP A 294 9.79 -15.41 -0.85
N PHE A 295 8.78 -15.52 0.01
CA PHE A 295 8.17 -16.81 0.30
C PHE A 295 6.77 -16.93 -0.32
N ASN A 296 6.45 -16.05 -1.27
CA ASN A 296 5.17 -16.14 -1.96
C ASN A 296 5.18 -17.40 -2.82
N HIS A 297 4.09 -18.17 -2.77
CA HIS A 297 3.93 -19.39 -3.55
C HIS A 297 4.83 -20.50 -3.01
N SER A 298 5.37 -20.33 -1.79
CA SER A 298 6.16 -21.38 -1.16
C SER A 298 5.23 -22.46 -0.63
N PRO A 299 5.48 -23.75 -0.91
CA PRO A 299 4.57 -24.82 -0.49
C PRO A 299 4.73 -25.29 0.96
N TYR A 300 5.84 -24.91 1.60
CA TYR A 300 6.14 -25.38 2.95
C TYR A 300 5.15 -24.79 3.93
N SER A 301 4.75 -25.59 4.93
CA SER A 301 3.85 -25.16 6.00
C SER A 301 4.53 -24.13 6.89
N LEU A 302 5.87 -24.19 6.94
CA LEU A 302 6.67 -23.20 7.63
C LEU A 302 8.08 -23.20 7.06
N ILE A 303 8.65 -22.00 6.92
CA ILE A 303 10.05 -21.81 6.62
C ILE A 303 10.64 -21.01 7.78
N VAL A 304 11.63 -21.58 8.47
CA VAL A 304 12.13 -20.99 9.71
C VAL A 304 13.28 -20.04 9.40
N ASP A 305 13.12 -18.78 9.84
CA ASP A 305 14.22 -17.82 9.82
C ASP A 305 15.10 -18.12 11.02
N LEU A 306 16.32 -18.58 10.75
CA LEU A 306 17.22 -19.02 11.80
C LEU A 306 18.01 -17.82 12.34
N THR A 307 18.24 -16.79 11.51
CA THR A 307 18.92 -15.59 11.98
C THR A 307 17.94 -14.68 12.73
N GLN A 308 16.74 -15.18 13.05
CA GLN A 308 15.80 -14.42 13.85
C GLN A 308 15.64 -15.04 15.24
N THR A 309 16.18 -16.25 15.41
CA THR A 309 16.11 -16.97 16.67
C THR A 309 16.92 -16.20 17.72
N MET A 310 16.44 -16.21 18.97
CA MET A 310 16.95 -15.35 20.02
C MET A 310 16.79 -15.99 21.39
N VAL A 311 17.84 -15.93 22.22
CA VAL A 311 17.81 -16.54 23.54
C VAL A 311 18.22 -15.53 24.62
N VAL A 312 17.42 -15.43 25.68
CA VAL A 312 17.83 -14.77 26.92
C VAL A 312 17.38 -15.64 28.09
N GLY A 313 18.34 -16.37 28.67
CA GLY A 313 18.11 -17.20 29.84
C GLY A 313 17.43 -18.51 29.45
N HIS A 314 16.22 -18.70 30.00
CA HIS A 314 15.37 -19.84 29.66
C HIS A 314 14.30 -19.41 28.66
N GLN A 315 14.19 -18.09 28.42
CA GLN A 315 13.21 -17.54 27.50
C GLN A 315 13.83 -17.40 26.11
N ALA A 316 13.01 -17.56 25.07
CA ALA A 316 13.50 -17.54 23.71
C ALA A 316 12.39 -17.12 22.74
N LYS A 317 12.78 -16.85 21.49
CA LYS A 317 11.88 -16.48 20.41
C LYS A 317 12.35 -17.12 19.11
N VAL A 318 11.47 -17.84 18.42
CA VAL A 318 11.78 -18.30 17.07
C VAL A 318 10.86 -17.57 16.10
N PHE A 319 11.29 -17.58 14.83
CA PHE A 319 10.64 -16.83 13.79
C PHE A 319 10.51 -17.68 12.55
N ALA A 320 9.27 -17.91 12.11
CA ALA A 320 8.99 -18.76 10.97
C ALA A 320 8.02 -18.05 10.02
N TRP A 321 8.28 -18.24 8.73
CA TRP A 321 7.43 -17.74 7.67
C TRP A 321 6.46 -18.82 7.22
N TYR A 322 5.47 -18.40 6.44
CA TYR A 322 4.66 -19.32 5.65
C TYR A 322 3.79 -18.51 4.69
N ASP A 323 3.65 -19.01 3.45
CA ASP A 323 2.58 -18.55 2.58
C ASP A 323 1.27 -19.12 3.10
N ASN A 324 0.38 -18.25 3.55
CA ASN A 324 -0.84 -18.67 4.23
C ASN A 324 -1.68 -19.54 3.29
N GLU A 325 -1.88 -19.06 2.05
CA GLU A 325 -2.87 -19.64 1.16
C GLU A 325 -2.35 -20.92 0.51
N TRP A 326 -1.04 -20.94 0.20
CA TRP A 326 -0.39 -21.99 -0.58
C TRP A 326 0.14 -23.09 0.34
N GLY A 327 0.90 -22.68 1.37
CA GLY A 327 1.35 -23.60 2.39
C GLY A 327 0.20 -24.47 2.88
N TYR A 328 -0.96 -23.84 3.10
CA TYR A 328 -2.15 -24.51 3.59
C TYR A 328 -2.80 -25.38 2.51
N ALA A 329 -2.79 -24.89 1.26
CA ALA A 329 -3.50 -25.55 0.18
C ALA A 329 -2.82 -26.86 -0.21
N ASN A 330 -1.48 -26.86 -0.21
CA ASN A 330 -0.73 -28.05 -0.58
C ASN A 330 -0.85 -29.11 0.51
N ARG A 331 -1.05 -28.66 1.75
CA ARG A 331 -1.24 -29.56 2.87
C ARG A 331 -2.63 -30.20 2.79
N LEU A 332 -3.62 -29.42 2.35
CA LEU A 332 -4.96 -29.94 2.08
C LEU A 332 -4.88 -31.14 1.14
N LEU A 333 -4.14 -30.98 0.03
CA LEU A 333 -4.02 -32.04 -0.97
C LEU A 333 -3.23 -33.20 -0.36
N ASP A 334 -2.04 -32.90 0.19
CA ASP A 334 -1.18 -33.91 0.78
C ASP A 334 -2.00 -34.83 1.67
N LEU A 335 -3.00 -34.26 2.36
CA LEU A 335 -3.88 -34.99 3.26
C LEU A 335 -4.76 -35.97 2.48
N CYS A 336 -5.61 -35.46 1.57
CA CYS A 336 -6.52 -36.29 0.81
C CYS A 336 -5.78 -37.44 0.13
N ASP A 337 -4.50 -37.21 -0.18
CA ASP A 337 -3.62 -38.22 -0.74
C ASP A 337 -3.41 -39.34 0.29
N SER A 338 -3.38 -38.98 1.58
CA SER A 338 -2.95 -39.90 2.62
C SER A 338 -4.00 -40.99 2.92
N PHE A 339 -5.27 -40.75 2.58
CA PHE A 339 -6.36 -41.66 2.94
C PHE A 339 -6.30 -42.95 2.13
N LYS A 340 -5.57 -42.94 1.01
CA LYS A 340 -5.35 -44.12 0.20
C LYS A 340 -4.49 -45.11 0.98
N SER A 341 -5.12 -46.19 1.47
CA SER A 341 -4.50 -47.08 2.44
C SER A 341 -3.61 -48.13 1.75
N MET B 1 30.95 -15.44 -30.59
CA MET B 1 29.74 -14.60 -30.80
C MET B 1 29.95 -13.26 -30.11
N GLN B 2 29.07 -12.30 -30.42
CA GLN B 2 29.14 -10.99 -29.79
C GLN B 2 29.18 -11.16 -28.27
N ARG B 3 29.75 -10.15 -27.60
CA ARG B 3 30.04 -10.23 -26.18
C ARG B 3 29.45 -8.98 -25.52
N ILE B 4 28.43 -9.18 -24.68
CA ILE B 4 27.70 -8.08 -24.08
C ILE B 4 28.21 -7.88 -22.65
N ALA B 5 28.25 -6.62 -22.21
CA ALA B 5 28.54 -6.28 -20.83
C ALA B 5 27.52 -5.26 -20.33
N ILE B 6 27.36 -5.21 -19.00
CA ILE B 6 26.36 -4.38 -18.35
C ILE B 6 27.07 -3.44 -17.39
N ASN B 7 26.97 -2.14 -17.65
CA ASN B 7 27.39 -1.15 -16.68
C ASN B 7 26.13 -0.71 -15.92
N GLY B 8 26.08 -1.04 -14.62
CA GLY B 8 24.97 -0.67 -13.77
C GLY B 8 24.05 -1.87 -13.56
N PHE B 9 24.24 -2.58 -12.43
CA PHE B 9 23.52 -3.81 -12.20
C PHE B 9 22.35 -3.50 -11.27
N GLY B 10 21.42 -2.69 -11.78
CA GLY B 10 20.27 -2.22 -11.01
C GLY B 10 18.99 -2.97 -11.39
N ARG B 11 17.85 -2.31 -11.17
CA ARG B 11 16.58 -2.83 -11.63
C ARG B 11 16.76 -3.36 -13.06
N ILE B 12 17.22 -2.47 -13.95
CA ILE B 12 17.29 -2.77 -15.37
C ILE B 12 18.38 -3.80 -15.65
N GLY B 13 19.59 -3.51 -15.17
CA GLY B 13 20.73 -4.40 -15.37
C GLY B 13 20.39 -5.84 -15.03
N ARG B 14 19.86 -6.06 -13.81
CA ARG B 14 19.66 -7.40 -13.26
C ARG B 14 18.51 -8.10 -13.97
N ASN B 15 17.43 -7.36 -14.28
CA ASN B 15 16.31 -7.91 -15.01
C ASN B 15 16.75 -8.33 -16.42
N VAL B 16 17.69 -7.56 -16.99
CA VAL B 16 18.27 -7.88 -18.28
C VAL B 16 18.92 -9.26 -18.22
N LEU B 17 19.80 -9.46 -17.24
CA LEU B 17 20.52 -10.71 -17.12
C LEU B 17 19.52 -11.85 -16.91
N ARG B 18 18.49 -11.60 -16.08
CA ARG B 18 17.47 -12.60 -15.77
C ARG B 18 16.71 -12.99 -17.04
N ALA B 19 16.29 -11.98 -17.80
CA ALA B 19 15.55 -12.23 -19.03
C ALA B 19 16.34 -13.13 -19.97
N TRP B 20 17.66 -12.86 -20.08
CA TRP B 20 18.56 -13.68 -20.87
C TRP B 20 18.24 -15.16 -20.67
N PHE B 21 18.12 -15.55 -19.39
CA PHE B 21 18.00 -16.94 -19.01
C PHE B 21 16.61 -17.45 -19.32
N GLU B 22 15.59 -16.61 -19.06
CA GLU B 22 14.21 -17.06 -19.10
C GLU B 22 13.70 -17.25 -20.52
N SER B 23 14.28 -16.52 -21.49
CA SER B 23 13.75 -16.50 -22.85
C SER B 23 13.73 -17.91 -23.43
N PRO B 24 12.58 -18.39 -23.96
CA PRO B 24 12.54 -19.64 -24.74
C PRO B 24 13.59 -19.82 -25.85
N LYS B 25 14.23 -18.72 -26.28
CA LYS B 25 15.11 -18.73 -27.45
C LYS B 25 16.51 -18.29 -27.05
N GLN B 26 17.41 -19.28 -26.93
CA GLN B 26 18.79 -19.05 -26.51
C GLN B 26 19.42 -18.02 -27.44
N PHE B 27 19.62 -16.81 -26.90
CA PHE B 27 20.17 -15.71 -27.67
C PHE B 27 21.52 -16.10 -28.25
N HIS B 28 21.87 -15.43 -29.35
CA HIS B 28 23.11 -15.72 -30.07
C HIS B 28 24.17 -14.72 -29.61
N PHE B 29 24.25 -14.53 -28.28
CA PHE B 29 25.30 -13.73 -27.67
C PHE B 29 25.30 -14.01 -26.17
N GLU B 30 26.43 -13.71 -25.52
CA GLU B 30 26.61 -14.00 -24.11
C GLU B 30 26.94 -12.70 -23.37
N ILE B 31 26.34 -12.55 -22.19
CA ILE B 31 26.75 -11.51 -21.25
C ILE B 31 27.95 -12.05 -20.49
N VAL B 32 29.05 -11.29 -20.47
CA VAL B 32 30.35 -11.78 -20.03
C VAL B 32 30.88 -10.97 -18.86
N ALA B 33 30.30 -9.78 -18.62
CA ALA B 33 30.80 -8.87 -17.60
C ALA B 33 29.68 -7.98 -17.07
N ILE B 34 29.65 -7.81 -15.74
CA ILE B 34 28.87 -6.74 -15.13
C ILE B 34 29.81 -5.87 -14.31
N ASN B 35 29.29 -4.69 -13.94
CA ASN B 35 30.01 -3.71 -13.15
C ASN B 35 29.00 -3.09 -12.20
N ASP B 36 29.39 -2.93 -10.94
CA ASP B 36 28.66 -2.05 -10.04
C ASP B 36 29.65 -1.50 -9.01
N ILE B 37 29.33 -0.31 -8.52
CA ILE B 37 30.04 0.30 -7.40
C ILE B 37 29.79 -0.53 -6.14
N ALA B 38 28.60 -1.13 -6.06
CA ALA B 38 28.19 -1.93 -4.91
C ALA B 38 28.98 -3.23 -4.84
N ASP B 39 28.91 -3.88 -3.66
CA ASP B 39 29.69 -5.07 -3.36
C ASP B 39 28.98 -6.30 -3.92
N VAL B 40 29.75 -7.19 -4.53
CA VAL B 40 29.23 -8.35 -5.25
C VAL B 40 28.09 -9.02 -4.49
N HIS B 41 28.29 -9.26 -3.19
CA HIS B 41 27.38 -10.09 -2.40
C HIS B 41 25.96 -9.54 -2.55
N THR B 42 25.82 -8.22 -2.31
CA THR B 42 24.54 -7.53 -2.43
C THR B 42 23.95 -7.77 -3.81
N LEU B 43 24.79 -7.68 -4.84
CA LEU B 43 24.33 -7.78 -6.21
C LEU B 43 23.74 -9.16 -6.45
N VAL B 44 24.39 -10.20 -5.91
CA VAL B 44 23.84 -11.54 -6.02
C VAL B 44 22.48 -11.58 -5.32
N HIS B 45 22.47 -11.36 -4.00
CA HIS B 45 21.24 -11.43 -3.21
C HIS B 45 20.07 -10.85 -3.99
N LEU B 46 20.21 -9.61 -4.49
CA LEU B 46 19.13 -8.89 -5.12
C LEU B 46 18.74 -9.54 -6.44
N PHE B 47 19.72 -10.08 -7.15
CA PHE B 47 19.47 -10.79 -8.39
C PHE B 47 18.74 -12.09 -8.11
N LYS B 48 18.94 -12.66 -6.92
CA LYS B 48 18.32 -13.93 -6.53
C LYS B 48 16.90 -13.67 -6.02
N TYR B 49 16.76 -12.70 -5.11
CA TYR B 49 15.48 -12.40 -4.47
C TYR B 49 14.96 -11.05 -4.93
N ASP B 50 13.79 -11.06 -5.60
CA ASP B 50 13.14 -9.84 -6.06
C ASP B 50 11.71 -9.80 -5.51
N SER B 51 11.27 -8.59 -5.14
CA SER B 51 9.94 -8.38 -4.58
C SER B 51 8.91 -8.34 -5.71
N THR B 52 9.35 -7.81 -6.85
CA THR B 52 8.49 -7.61 -8.01
C THR B 52 8.32 -8.92 -8.77
N HIS B 53 9.45 -9.62 -9.01
CA HIS B 53 9.50 -10.73 -9.95
C HIS B 53 9.74 -12.07 -9.26
N GLY B 54 9.85 -12.09 -7.93
CA GLY B 54 10.01 -13.33 -7.18
C GLY B 54 11.45 -13.84 -7.24
N ARG B 55 11.65 -15.11 -6.88
CA ARG B 55 12.99 -15.70 -6.88
C ARG B 55 13.43 -15.95 -8.32
N PHE B 56 14.72 -15.70 -8.58
CA PHE B 56 15.38 -16.17 -9.80
C PHE B 56 15.50 -17.70 -9.72
N ASN B 57 15.00 -18.39 -10.75
CA ASN B 57 15.08 -19.84 -10.82
C ASN B 57 16.45 -20.26 -11.37
N GLY B 58 17.37 -20.64 -10.48
CA GLY B 58 18.69 -21.08 -10.89
C GLY B 58 19.65 -21.10 -9.70
N LYS B 59 20.95 -20.93 -9.98
CA LYS B 59 21.95 -20.92 -8.93
C LYS B 59 23.15 -20.08 -9.36
N VAL B 60 23.63 -19.24 -8.44
CA VAL B 60 24.80 -18.40 -8.68
C VAL B 60 25.90 -18.79 -7.70
N ASP B 61 27.11 -19.05 -8.22
CA ASP B 61 28.26 -19.38 -7.39
C ASP B 61 29.38 -18.38 -7.66
N ILE B 62 29.77 -17.64 -6.63
CA ILE B 62 30.84 -16.65 -6.75
C ILE B 62 32.18 -17.38 -6.74
N THR B 63 33.06 -17.05 -7.68
CA THR B 63 34.38 -17.64 -7.76
C THR B 63 35.40 -16.50 -7.92
N ILE B 64 36.50 -16.57 -7.15
CA ILE B 64 37.58 -15.62 -7.29
C ILE B 64 38.80 -16.34 -7.85
N GLU B 65 38.95 -16.31 -9.19
CA GLU B 65 40.14 -16.85 -9.84
C GLU B 65 41.17 -15.73 -9.99
N ASN B 66 42.45 -16.08 -9.81
CA ASN B 66 43.53 -15.10 -9.83
C ASN B 66 43.21 -14.00 -8.82
N GLU B 67 42.91 -12.79 -9.33
CA GLU B 67 42.41 -11.70 -8.49
C GLU B 67 41.09 -11.17 -9.04
N LYS B 68 40.40 -11.99 -9.86
CA LYS B 68 39.19 -11.55 -10.54
C LYS B 68 37.98 -12.30 -9.97
N ILE B 69 36.87 -11.57 -9.77
CA ILE B 69 35.63 -12.13 -9.23
C ILE B 69 34.70 -12.44 -10.40
N TYR B 70 34.22 -13.70 -10.45
CA TYR B 70 33.34 -14.15 -11.52
C TYR B 70 32.03 -14.64 -10.90
N LEU B 71 30.95 -14.70 -11.71
CA LEU B 71 29.66 -15.23 -11.28
C LEU B 71 29.24 -16.38 -12.19
N ASN B 72 29.12 -17.59 -11.63
CA ASN B 72 28.77 -18.78 -12.40
C ASN B 72 27.29 -19.08 -12.26
N ILE B 73 26.47 -18.59 -13.21
CA ILE B 73 25.03 -18.67 -13.12
C ILE B 73 24.52 -19.81 -13.99
N GLN B 74 23.68 -20.69 -13.42
CA GLN B 74 23.18 -21.86 -14.13
C GLN B 74 21.65 -21.89 -14.05
N SER B 75 20.98 -21.93 -15.21
CA SER B 75 19.54 -21.86 -15.27
C SER B 75 19.02 -22.14 -16.68
N ASN B 76 17.83 -22.76 -16.74
CA ASN B 76 17.12 -23.03 -17.98
C ASN B 76 18.05 -23.72 -18.99
N GLN B 77 18.79 -24.74 -18.51
CA GLN B 77 19.66 -25.57 -19.34
C GLN B 77 20.84 -24.77 -19.89
N ARG B 78 21.15 -23.62 -19.28
CA ARG B 78 22.18 -22.72 -19.79
C ARG B 78 23.13 -22.31 -18.67
N LEU B 79 24.32 -21.81 -19.04
CA LEU B 79 25.23 -21.17 -18.10
C LEU B 79 25.86 -19.94 -18.74
N LEU B 80 26.13 -18.93 -17.90
CA LEU B 80 27.00 -17.83 -18.25
C LEU B 80 28.07 -17.70 -17.17
N LYS B 81 29.31 -17.47 -17.61
CA LYS B 81 30.41 -17.18 -16.70
C LYS B 81 30.70 -15.68 -16.78
N VAL B 82 30.15 -14.93 -15.81
CA VAL B 82 30.24 -13.48 -15.79
C VAL B 82 31.51 -13.08 -15.04
N GLU B 83 31.98 -11.84 -15.27
CA GLU B 83 32.99 -11.22 -14.42
C GLU B 83 32.36 -10.02 -13.71
N VAL B 84 32.77 -9.78 -12.46
CA VAL B 84 32.23 -8.67 -11.70
C VAL B 84 33.34 -7.63 -11.51
N LEU B 85 32.95 -6.35 -11.64
CA LEU B 85 33.89 -5.25 -11.66
C LEU B 85 33.46 -4.15 -10.69
N GLN B 86 34.46 -3.55 -10.04
CA GLN B 86 34.25 -2.45 -9.10
C GLN B 86 34.96 -1.21 -9.65
N GLN B 87 34.59 -0.80 -10.86
CA GLN B 87 35.16 0.39 -11.47
C GLN B 87 34.05 1.41 -11.74
N LYS B 88 34.10 2.53 -11.00
CA LYS B 88 33.09 3.57 -11.10
C LYS B 88 33.33 4.43 -12.34
N GLN B 89 34.59 4.74 -12.64
CA GLN B 89 34.95 5.58 -13.78
C GLN B 89 35.00 4.72 -15.06
N PRO B 90 34.05 4.93 -16.01
CA PRO B 90 33.96 4.09 -17.21
C PRO B 90 35.19 4.05 -18.12
N GLU B 91 35.92 5.17 -18.16
CA GLU B 91 37.14 5.28 -18.96
C GLU B 91 38.13 4.20 -18.54
N LEU B 92 38.11 3.83 -17.25
CA LEU B 92 39.08 2.91 -16.69
C LEU B 92 38.62 1.46 -16.83
N LEU B 93 37.48 1.24 -17.51
CA LEU B 93 36.92 -0.10 -17.63
C LEU B 93 37.77 -0.90 -18.61
N PRO B 94 37.77 -2.25 -18.50
CA PRO B 94 38.57 -3.10 -19.39
C PRO B 94 37.85 -3.69 -20.59
N TRP B 95 36.90 -2.94 -21.15
CA TRP B 95 36.06 -3.47 -22.23
C TRP B 95 36.93 -4.03 -23.37
N ALA B 96 38.02 -3.32 -23.70
CA ALA B 96 38.94 -3.74 -24.74
C ALA B 96 39.51 -5.13 -24.44
N SER B 97 40.04 -5.30 -23.22
CA SER B 97 40.60 -6.59 -22.81
C SER B 97 39.51 -7.68 -22.86
N LEU B 98 38.27 -7.31 -22.52
CA LEU B 98 37.15 -8.24 -22.52
C LEU B 98 36.53 -8.37 -23.92
N LYS B 99 37.07 -7.63 -24.89
CA LYS B 99 36.59 -7.69 -26.26
C LYS B 99 35.07 -7.50 -26.28
N ILE B 100 34.61 -6.36 -25.76
CA ILE B 100 33.18 -6.12 -25.63
C ILE B 100 32.67 -5.46 -26.91
N ASP B 101 31.70 -6.13 -27.56
CA ASP B 101 31.02 -5.60 -28.73
C ASP B 101 29.93 -4.62 -28.33
N VAL B 102 29.27 -4.86 -27.19
CA VAL B 102 28.13 -4.06 -26.76
C VAL B 102 28.16 -3.90 -25.24
N VAL B 103 28.30 -2.64 -24.78
CA VAL B 103 28.06 -2.27 -23.40
C VAL B 103 26.60 -1.85 -23.30
N LEU B 104 25.93 -2.31 -22.25
CA LEU B 104 24.65 -1.75 -21.85
C LEU B 104 24.91 -0.79 -20.71
N GLU B 105 24.75 0.50 -21.00
CA GLU B 105 24.83 1.52 -19.96
C GLU B 105 23.47 1.55 -19.25
N CYS B 106 23.46 1.25 -17.95
CA CYS B 106 22.25 1.21 -17.16
C CYS B 106 22.45 1.83 -15.78
N THR B 107 23.45 2.71 -15.63
CA THR B 107 23.68 3.40 -14.38
C THR B 107 22.75 4.62 -14.31
N GLY B 108 22.30 5.10 -15.47
CA GLY B 108 21.51 6.31 -15.54
C GLY B 108 22.29 7.53 -15.06
N LEU B 109 23.63 7.47 -15.12
CA LEU B 109 24.48 8.61 -14.82
C LEU B 109 25.22 9.07 -16.08
N PHE B 110 25.25 8.21 -17.11
CA PHE B 110 26.00 8.45 -18.33
C PHE B 110 25.04 8.39 -19.52
N ARG B 111 24.09 9.32 -19.55
CA ARG B 111 23.13 9.41 -20.64
C ARG B 111 23.67 10.36 -21.72
N SER B 112 24.66 11.18 -21.36
CA SER B 112 25.22 12.19 -22.24
C SER B 112 26.07 11.54 -23.33
N HIS B 113 26.24 12.24 -24.45
CA HIS B 113 26.93 11.73 -25.61
C HIS B 113 28.41 11.51 -25.26
N ALA B 114 29.00 12.53 -24.63
CA ALA B 114 30.37 12.43 -24.16
C ALA B 114 30.52 11.23 -23.23
N ASP B 115 29.78 11.25 -22.13
CA ASP B 115 30.01 10.30 -21.04
C ASP B 115 29.87 8.85 -21.54
N ALA B 116 28.83 8.57 -22.33
CA ALA B 116 28.64 7.22 -22.85
C ALA B 116 29.85 6.79 -23.68
N THR B 117 30.46 7.75 -24.40
CA THR B 117 31.59 7.48 -25.28
C THR B 117 32.78 7.02 -24.45
N ARG B 118 32.81 7.41 -23.17
CA ARG B 118 33.84 7.00 -22.23
C ARG B 118 34.01 5.48 -22.25
N HIS B 119 32.92 4.74 -22.54
CA HIS B 119 32.99 3.29 -22.63
C HIS B 119 33.72 2.85 -23.90
N LEU B 120 33.42 3.50 -25.02
CA LEU B 120 34.02 3.15 -26.30
C LEU B 120 35.54 3.33 -26.23
N GLU B 121 35.97 4.38 -25.52
CA GLU B 121 37.39 4.70 -25.39
C GLU B 121 38.06 3.67 -24.47
N ALA B 122 37.27 2.90 -23.72
CA ALA B 122 37.79 1.80 -22.93
C ALA B 122 37.86 0.52 -23.76
N GLY B 123 37.64 0.63 -25.08
CA GLY B 123 37.76 -0.48 -26.01
C GLY B 123 36.41 -1.10 -26.38
N ALA B 124 35.32 -0.42 -25.97
CA ALA B 124 33.98 -0.88 -26.33
C ALA B 124 33.76 -0.66 -27.82
N LYS B 125 33.06 -1.61 -28.45
CA LYS B 125 32.82 -1.58 -29.89
C LYS B 125 31.45 -0.99 -30.19
N ARG B 126 30.56 -0.93 -29.19
CA ARG B 126 29.24 -0.29 -29.32
C ARG B 126 28.61 -0.15 -27.94
N VAL B 127 27.95 0.99 -27.69
CA VAL B 127 27.34 1.27 -26.40
C VAL B 127 25.83 1.48 -26.60
N ILE B 128 25.02 0.94 -25.69
CA ILE B 128 23.58 1.20 -25.69
C ILE B 128 23.23 1.96 -24.41
N ILE B 129 22.72 3.18 -24.55
CA ILE B 129 22.21 3.93 -23.41
C ILE B 129 20.82 3.40 -23.07
N GLY B 130 20.69 2.78 -21.89
CA GLY B 130 19.40 2.27 -21.44
C GLY B 130 18.53 3.38 -20.86
N ALA B 131 18.38 4.48 -21.61
CA ALA B 131 17.57 5.61 -21.20
C ALA B 131 17.38 6.55 -22.37
N ALA B 132 16.44 7.50 -22.24
CA ALA B 132 16.23 8.51 -23.27
C ALA B 132 17.50 9.34 -23.41
N PRO B 133 17.78 9.94 -24.59
CA PRO B 133 19.04 10.66 -24.80
C PRO B 133 19.05 11.94 -23.94
N PHE B 134 20.23 12.32 -23.44
CA PHE B 134 20.35 13.49 -22.59
C PHE B 134 20.59 14.74 -23.45
N ASP B 135 21.51 14.61 -24.41
CA ASP B 135 21.92 15.73 -25.25
C ASP B 135 21.56 15.42 -26.70
N HIS B 136 22.18 14.36 -27.24
CA HIS B 136 21.99 13.93 -28.62
C HIS B 136 22.86 12.69 -28.82
N VAL B 137 22.32 11.69 -29.51
CA VAL B 137 23.01 10.43 -29.71
C VAL B 137 23.11 10.14 -31.20
N ASP B 138 23.75 9.02 -31.54
CA ASP B 138 23.93 8.60 -32.92
C ASP B 138 22.57 8.18 -33.50
N ALA B 139 21.74 7.50 -32.70
CA ALA B 139 20.38 7.16 -33.13
C ALA B 139 19.57 6.65 -31.93
N ALA B 140 18.28 7.01 -31.91
CA ALA B 140 17.34 6.48 -30.93
C ALA B 140 16.51 5.37 -31.59
N ILE B 141 16.39 4.23 -30.89
CA ILE B 141 15.83 3.03 -31.49
C ILE B 141 14.69 2.49 -30.62
N VAL B 142 13.70 1.88 -31.29
CA VAL B 142 12.55 1.29 -30.64
C VAL B 142 12.33 -0.08 -31.27
N TYR B 143 12.94 -1.11 -30.71
CA TYR B 143 12.91 -2.42 -31.34
C TYR B 143 11.47 -2.74 -31.72
N GLY B 144 11.31 -3.21 -32.95
CA GLY B 144 10.02 -3.54 -33.52
C GLY B 144 9.51 -2.43 -34.45
N VAL B 145 10.17 -1.26 -34.41
CA VAL B 145 9.77 -0.11 -35.22
C VAL B 145 10.86 0.20 -36.23
N ASN B 146 12.05 0.57 -35.71
CA ASN B 146 13.12 1.08 -36.57
C ASN B 146 14.45 0.48 -36.16
N HIS B 147 14.44 -0.82 -35.80
CA HIS B 147 15.64 -1.45 -35.28
C HIS B 147 16.55 -1.84 -36.43
N ALA B 148 16.03 -1.69 -37.65
CA ALA B 148 16.76 -2.02 -38.87
C ALA B 148 17.65 -0.86 -39.32
N ASP B 149 17.33 0.36 -38.86
CA ASP B 149 17.97 1.58 -39.35
C ASP B 149 19.32 1.82 -38.67
N VAL B 150 19.81 0.81 -37.95
CA VAL B 150 21.08 0.90 -37.28
C VAL B 150 22.20 0.79 -38.32
N LYS B 151 23.11 1.76 -38.25
CA LYS B 151 24.27 1.84 -39.12
C LYS B 151 25.50 1.49 -38.27
N ALA B 152 26.61 1.11 -38.92
CA ALA B 152 27.84 0.80 -38.19
C ALA B 152 28.59 2.07 -37.80
N THR B 153 28.13 3.23 -38.31
CA THR B 153 28.58 4.54 -37.83
C THR B 153 27.96 4.81 -36.46
N ASP B 154 26.86 4.11 -36.14
CA ASP B 154 26.14 4.26 -34.88
C ASP B 154 26.82 3.43 -33.79
N GLN B 155 27.44 4.14 -32.82
CA GLN B 155 28.12 3.50 -31.70
C GLN B 155 27.44 3.87 -30.39
N ILE B 156 26.81 5.05 -30.34
CA ILE B 156 26.03 5.50 -29.19
C ILE B 156 24.54 5.39 -29.51
N ILE B 157 23.88 4.35 -28.96
CA ILE B 157 22.49 4.06 -29.29
C ILE B 157 21.63 4.06 -28.02
N SER B 158 20.63 4.95 -27.99
CA SER B 158 19.68 5.04 -26.88
C SER B 158 18.45 4.19 -27.17
N SER B 159 18.11 3.32 -26.22
CA SER B 159 16.98 2.42 -26.35
C SER B 159 15.72 3.08 -25.79
N VAL B 160 15.78 4.40 -25.58
CA VAL B 160 14.67 5.20 -25.08
C VAL B 160 14.20 4.62 -23.73
N SER B 161 12.90 4.74 -23.42
CA SER B 161 12.36 4.37 -22.13
C SER B 161 11.24 3.34 -22.29
N CYS B 162 10.99 2.57 -21.22
CA CYS B 162 9.92 1.58 -21.14
C CYS B 162 8.60 2.13 -21.68
N THR B 163 8.42 3.44 -21.52
CA THR B 163 7.22 4.16 -21.93
C THR B 163 7.25 4.37 -23.45
N THR B 164 8.37 4.87 -23.96
CA THR B 164 8.49 5.17 -25.38
C THR B 164 8.33 3.88 -26.18
N GLN B 165 8.83 2.78 -25.62
CA GLN B 165 8.70 1.44 -26.19
C GLN B 165 7.25 1.03 -26.40
N ALA B 166 6.30 1.80 -25.85
CA ALA B 166 4.88 1.54 -26.01
C ALA B 166 4.18 2.70 -26.71
N LEU B 167 4.69 3.92 -26.51
CA LEU B 167 4.06 5.11 -27.07
C LEU B 167 4.27 5.17 -28.58
N VAL B 168 5.49 4.82 -29.03
CA VAL B 168 5.84 4.97 -30.44
C VAL B 168 4.93 4.06 -31.27
N PRO B 169 4.92 2.72 -31.03
CA PRO B 169 4.15 1.81 -31.88
C PRO B 169 2.65 2.09 -31.94
N LEU B 170 2.09 2.66 -30.86
CA LEU B 170 0.73 3.19 -30.93
C LEU B 170 0.64 4.32 -31.95
N VAL B 171 1.44 5.38 -31.72
CA VAL B 171 1.40 6.57 -32.54
C VAL B 171 1.64 6.18 -34.00
N LYS B 172 2.70 5.40 -34.25
CA LYS B 172 3.02 4.98 -35.61
C LYS B 172 1.81 4.29 -36.24
N ILE B 173 1.28 3.27 -35.56
CA ILE B 173 0.17 2.49 -36.11
C ILE B 173 -1.03 3.38 -36.39
N ILE B 174 -1.27 4.36 -35.51
CA ILE B 174 -2.52 5.12 -35.57
C ILE B 174 -2.41 6.24 -36.60
N ASP B 175 -1.30 6.98 -36.63
CA ASP B 175 -1.10 8.02 -37.64
C ASP B 175 -1.13 7.40 -39.03
N ASP B 176 -0.48 6.24 -39.18
CA ASP B 176 -0.32 5.58 -40.47
C ASP B 176 -1.58 4.81 -40.85
N ALA B 177 -2.73 5.16 -40.25
CA ALA B 177 -4.02 4.64 -40.68
C ALA B 177 -5.05 5.78 -40.76
N PHE B 178 -5.22 6.50 -39.65
CA PHE B 178 -6.24 7.53 -39.57
C PHE B 178 -5.62 8.93 -39.55
N GLY B 179 -4.33 9.02 -39.25
CA GLY B 179 -3.65 10.30 -39.11
C GLY B 179 -3.84 10.87 -37.71
N ILE B 180 -2.91 11.74 -37.29
CA ILE B 180 -2.97 12.32 -35.96
C ILE B 180 -2.72 13.82 -36.04
N GLU B 181 -3.80 14.61 -35.97
CA GLU B 181 -3.69 16.06 -35.95
C GLU B 181 -2.76 16.44 -34.80
N THR B 182 -3.18 16.15 -33.57
CA THR B 182 -2.38 16.29 -32.36
C THR B 182 -2.70 15.11 -31.44
N ALA B 183 -1.95 14.97 -30.35
CA ALA B 183 -2.20 13.90 -29.38
C ALA B 183 -1.58 14.22 -28.03
N LEU B 184 -2.28 13.84 -26.96
CA LEU B 184 -1.85 14.07 -25.59
C LEU B 184 -1.85 12.75 -24.82
N MET B 185 -0.75 12.50 -24.09
CA MET B 185 -0.51 11.24 -23.41
C MET B 185 -0.63 11.42 -21.89
N THR B 186 -1.44 10.56 -21.25
CA THR B 186 -1.43 10.40 -19.80
C THR B 186 -0.87 9.03 -19.49
N GLU B 187 0.08 8.97 -18.55
CA GLU B 187 0.73 7.73 -18.15
C GLU B 187 0.50 7.47 -16.67
N ILE B 188 -0.13 6.34 -16.36
CA ILE B 188 -0.23 5.86 -14.99
C ILE B 188 0.89 4.85 -14.79
N HIS B 189 1.82 5.14 -13.87
CA HIS B 189 3.01 4.34 -13.68
C HIS B 189 3.10 3.85 -12.23
N ALA B 190 3.54 2.60 -12.07
CA ALA B 190 3.93 2.09 -10.76
C ALA B 190 5.06 2.95 -10.21
N VAL B 191 5.53 2.63 -9.00
CA VAL B 191 6.51 3.46 -8.32
C VAL B 191 7.89 3.20 -8.94
N THR B 192 8.76 4.23 -8.90
CA THR B 192 10.10 4.10 -9.43
C THR B 192 11.10 4.19 -8.27
N ALA B 193 12.33 3.75 -8.55
CA ALA B 193 13.40 3.68 -7.59
C ALA B 193 13.71 5.07 -7.03
N ASP B 194 13.52 6.12 -7.83
CA ASP B 194 14.00 7.44 -7.46
C ASP B 194 13.06 8.16 -6.48
N GLN B 195 11.90 7.56 -6.20
CA GLN B 195 10.94 8.16 -5.26
C GLN B 195 11.40 7.91 -3.82
N SER B 196 10.83 8.70 -2.90
CA SER B 196 11.13 8.57 -1.48
C SER B 196 10.04 7.73 -0.81
N VAL B 197 10.42 7.06 0.28
CA VAL B 197 9.54 6.15 0.98
C VAL B 197 8.65 6.94 1.94
N LEU B 198 9.28 7.91 2.63
CA LEU B 198 8.58 8.96 3.34
C LEU B 198 8.96 10.31 2.72
N ASP B 199 8.18 11.36 3.02
CA ASP B 199 8.46 12.72 2.58
C ASP B 199 9.93 13.05 2.87
N HIS B 200 10.59 13.66 1.88
CA HIS B 200 12.03 13.73 1.87
C HIS B 200 12.45 14.94 1.06
N ALA B 201 13.70 15.40 1.25
CA ALA B 201 14.26 16.42 0.41
C ALA B 201 14.84 15.76 -0.84
N HIS B 202 14.54 16.35 -2.00
CA HIS B 202 14.94 15.81 -3.28
C HIS B 202 14.86 16.95 -4.28
N ARG B 203 15.55 16.80 -5.41
CA ARG B 203 15.52 17.82 -6.45
C ARG B 203 14.06 18.10 -6.81
N ASP B 204 13.36 17.12 -7.42
CA ASP B 204 11.95 17.28 -7.76
C ASP B 204 11.09 17.08 -6.52
N LEU B 205 10.19 18.04 -6.27
CA LEU B 205 9.47 18.13 -5.01
C LEU B 205 8.22 17.26 -5.03
N ARG B 206 7.84 16.72 -6.20
N ARG B 206 7.86 16.75 -6.21
CA ARG B 206 6.70 15.84 -6.25
CA ARG B 206 6.72 15.86 -6.36
C ARG B 206 7.16 14.38 -6.10
C ARG B 206 7.16 14.41 -6.10
N ARG B 207 8.39 14.09 -6.54
CA ARG B 207 8.98 12.78 -6.32
C ARG B 207 9.74 12.75 -4.99
N ALA B 208 9.58 13.82 -4.20
CA ALA B 208 10.10 13.87 -2.85
C ALA B 208 9.15 13.15 -1.89
N ARG B 209 7.91 12.94 -2.34
CA ARG B 209 6.81 12.63 -1.45
C ARG B 209 6.55 11.13 -1.40
N ALA B 210 5.89 10.71 -0.31
CA ALA B 210 5.83 9.32 0.13
C ALA B 210 5.22 8.44 -0.97
N SER B 211 6.02 7.47 -1.42
CA SER B 211 5.70 6.70 -2.61
C SER B 211 4.43 5.89 -2.42
N GLY B 212 4.21 5.38 -1.20
CA GLY B 212 3.18 4.38 -0.97
C GLY B 212 1.80 4.99 -0.70
N GLN B 213 1.73 6.32 -0.53
CA GLN B 213 0.54 6.96 -0.01
C GLN B 213 0.02 8.07 -0.92
N ASN B 214 0.67 8.28 -2.07
CA ASN B 214 0.29 9.41 -2.94
C ASN B 214 0.08 8.98 -4.38
N ILE B 215 -0.82 9.71 -5.04
CA ILE B 215 -0.85 9.89 -6.47
C ILE B 215 0.03 11.10 -6.75
N ILE B 216 0.95 10.99 -7.72
CA ILE B 216 1.99 12.00 -7.91
C ILE B 216 2.12 12.35 -9.39
N PRO B 217 1.47 13.42 -9.89
CA PRO B 217 1.60 13.81 -11.29
C PRO B 217 2.96 14.48 -11.48
N THR B 218 3.68 14.05 -12.51
CA THR B 218 5.04 14.52 -12.75
C THR B 218 5.28 14.46 -14.27
N THR B 219 6.49 14.07 -14.70
CA THR B 219 6.89 14.26 -16.08
C THR B 219 7.46 12.97 -16.68
N SER B 220 7.67 12.99 -18.00
CA SER B 220 7.93 11.79 -18.78
C SER B 220 8.82 12.14 -19.97
N SER B 221 10.04 11.57 -19.98
CA SER B 221 11.01 11.81 -21.04
C SER B 221 10.53 11.27 -22.38
N ALA B 222 9.45 10.47 -22.36
CA ALA B 222 9.03 9.62 -23.47
C ALA B 222 8.64 10.44 -24.70
N LEU B 223 8.17 11.67 -24.48
CA LEU B 223 7.84 12.57 -25.57
C LEU B 223 9.12 13.08 -26.22
N GLY B 224 10.06 13.56 -25.38
CA GLY B 224 11.36 14.01 -25.84
C GLY B 224 12.05 12.96 -26.74
N ALA B 225 11.83 11.68 -26.42
CA ALA B 225 12.47 10.56 -27.09
C ALA B 225 11.75 10.21 -28.40
N LEU B 226 10.42 10.25 -28.36
CA LEU B 226 9.60 9.91 -29.52
C LEU B 226 9.85 10.91 -30.65
N LYS B 227 10.14 12.17 -30.30
CA LYS B 227 10.40 13.20 -31.29
C LYS B 227 11.76 12.98 -31.96
N ARG B 228 12.69 12.31 -31.27
CA ARG B 228 13.99 11.99 -31.84
C ARG B 228 13.92 10.71 -32.68
N VAL B 229 12.73 10.09 -32.77
CA VAL B 229 12.54 8.94 -33.64
C VAL B 229 11.47 9.25 -34.70
N MET B 230 10.47 10.07 -34.35
CA MET B 230 9.46 10.53 -35.28
C MET B 230 9.45 12.06 -35.31
N PRO B 231 10.47 12.73 -35.92
CA PRO B 231 10.63 14.18 -35.76
C PRO B 231 9.42 14.96 -36.24
N LYS B 232 8.65 14.34 -37.15
CA LYS B 232 7.40 14.89 -37.64
C LYS B 232 6.43 15.17 -36.49
N MET B 233 6.63 14.46 -35.36
CA MET B 233 5.66 14.49 -34.27
C MET B 233 5.85 15.73 -33.41
N GLU B 234 7.00 16.39 -33.52
CA GLU B 234 7.24 17.65 -32.84
C GLU B 234 6.03 18.57 -33.03
N ASP B 235 5.63 19.27 -31.96
CA ASP B 235 4.52 20.21 -31.98
C ASP B 235 3.16 19.50 -32.00
N ARG B 236 3.16 18.17 -32.17
CA ARG B 236 1.93 17.44 -32.41
C ARG B 236 1.67 16.38 -31.33
N ILE B 237 2.39 16.45 -30.21
CA ILE B 237 2.24 15.48 -29.15
C ILE B 237 2.85 16.04 -27.86
N ASP B 238 2.11 15.92 -26.75
CA ASP B 238 2.65 16.20 -25.43
C ASP B 238 2.08 15.18 -24.46
N GLY B 239 2.40 15.32 -23.18
CA GLY B 239 1.91 14.41 -22.15
C GLY B 239 2.65 14.57 -20.83
N TYR B 240 2.19 13.80 -19.83
CA TYR B 240 2.75 13.77 -18.49
C TYR B 240 2.53 12.39 -17.90
N SER B 241 3.18 12.11 -16.76
CA SER B 241 3.13 10.80 -16.13
C SER B 241 2.71 10.94 -14.67
N ILE B 242 1.99 9.92 -14.15
CA ILE B 242 1.53 9.89 -12.77
C ILE B 242 2.09 8.63 -12.11
N ARG B 243 2.56 8.76 -10.87
CA ARG B 243 3.06 7.65 -10.08
C ARG B 243 1.99 7.23 -9.07
N VAL B 244 1.65 5.93 -9.05
CA VAL B 244 0.66 5.40 -8.13
C VAL B 244 1.32 4.33 -7.27
N PRO B 245 0.77 4.02 -6.07
CA PRO B 245 1.42 3.08 -5.14
C PRO B 245 1.44 1.59 -5.49
N THR B 246 1.81 1.22 -6.71
CA THR B 246 1.90 -0.18 -7.09
C THR B 246 3.38 -0.52 -7.35
N ILE B 247 3.73 -1.79 -7.25
CA ILE B 247 5.13 -2.20 -7.34
C ILE B 247 5.59 -2.16 -8.80
N ASN B 248 4.75 -2.60 -9.74
CA ASN B 248 5.17 -2.69 -11.13
C ASN B 248 3.95 -2.63 -12.05
N VAL B 249 4.19 -2.72 -13.36
CA VAL B 249 3.16 -2.70 -14.39
C VAL B 249 2.56 -1.29 -14.43
N ALA B 250 2.65 -0.66 -15.60
CA ALA B 250 2.15 0.68 -15.83
C ALA B 250 1.29 0.70 -17.10
N ALA B 251 0.51 1.78 -17.25
CA ALA B 251 -0.42 1.88 -18.38
C ALA B 251 -0.30 3.25 -19.04
N ILE B 252 -0.84 3.37 -20.26
CA ILE B 252 -0.78 4.59 -21.04
C ILE B 252 -2.18 4.96 -21.52
N ASP B 253 -2.49 6.26 -21.44
CA ASP B 253 -3.76 6.82 -21.87
C ASP B 253 -3.48 7.76 -23.02
N LEU B 254 -3.42 7.23 -24.24
CA LEU B 254 -3.20 8.05 -25.42
C LEU B 254 -4.54 8.57 -25.94
N THR B 255 -4.67 9.90 -25.95
CA THR B 255 -5.83 10.59 -26.52
C THR B 255 -5.36 11.32 -27.77
N PHE B 256 -6.11 11.17 -28.87
CA PHE B 256 -5.65 11.68 -30.15
C PHE B 256 -6.85 12.08 -31.02
N ILE B 257 -6.64 13.15 -31.81
CA ILE B 257 -7.57 13.62 -32.82
C ILE B 257 -7.20 12.98 -34.15
N ALA B 258 -8.16 12.27 -34.75
CA ALA B 258 -7.94 11.58 -36.02
C ALA B 258 -8.17 12.53 -37.20
N GLN B 259 -7.56 12.19 -38.33
CA GLN B 259 -7.68 12.98 -39.54
C GLN B 259 -8.62 12.27 -40.52
N SER B 260 -9.35 11.27 -40.06
CA SER B 260 -10.30 10.57 -40.91
C SER B 260 -11.53 10.18 -40.09
N PRO B 261 -12.52 9.47 -40.69
CA PRO B 261 -13.58 8.83 -39.91
C PRO B 261 -13.00 7.69 -39.10
N ILE B 262 -13.40 7.65 -37.82
CA ILE B 262 -13.01 6.60 -36.88
C ILE B 262 -14.27 6.13 -36.15
N THR B 263 -14.30 4.82 -35.89
CA THR B 263 -15.27 4.25 -34.98
C THR B 263 -14.47 3.33 -34.07
N VAL B 264 -15.01 3.03 -32.88
CA VAL B 264 -14.28 2.25 -31.91
C VAL B 264 -13.81 0.96 -32.56
N HIS B 265 -14.72 0.32 -33.31
CA HIS B 265 -14.48 -0.95 -33.97
C HIS B 265 -13.17 -0.90 -34.76
N HIS B 266 -13.08 0.05 -35.70
CA HIS B 266 -11.96 0.10 -36.63
C HIS B 266 -10.64 0.27 -35.87
N ILE B 267 -10.65 1.05 -34.78
CA ILE B 267 -9.43 1.35 -34.04
C ILE B 267 -8.88 0.05 -33.43
N ASN B 268 -9.75 -0.67 -32.72
CA ASN B 268 -9.39 -1.96 -32.13
C ASN B 268 -8.96 -2.94 -33.21
N GLU B 269 -9.67 -2.92 -34.35
CA GLU B 269 -9.43 -3.85 -35.44
C GLU B 269 -8.03 -3.68 -36.01
N LEU B 270 -7.58 -2.42 -36.13
CA LEU B 270 -6.27 -2.08 -36.66
C LEU B 270 -5.17 -2.65 -35.75
N LEU B 271 -5.38 -2.51 -34.43
CA LEU B 271 -4.37 -2.85 -33.44
C LEU B 271 -4.29 -4.37 -33.27
N ILE B 272 -5.43 -5.03 -33.42
CA ILE B 272 -5.45 -6.48 -33.44
C ILE B 272 -4.62 -6.95 -34.63
N LYS B 273 -4.88 -6.37 -35.80
CA LYS B 273 -4.20 -6.71 -37.05
C LYS B 273 -2.70 -6.51 -36.89
N ALA B 274 -2.31 -5.34 -36.35
CA ALA B 274 -0.91 -4.96 -36.23
C ALA B 274 -0.16 -5.91 -35.31
N SER B 275 -0.86 -6.41 -34.29
CA SER B 275 -0.28 -7.30 -33.29
C SER B 275 -0.09 -8.72 -33.83
N GLN B 276 -0.62 -8.98 -35.04
CA GLN B 276 -0.49 -10.27 -35.73
C GLN B 276 0.47 -10.18 -36.91
N THR B 277 0.51 -9.02 -37.57
CA THR B 277 1.41 -8.85 -38.69
C THR B 277 2.78 -8.38 -38.17
N ASP B 278 3.00 -7.06 -38.21
CA ASP B 278 4.32 -6.47 -38.24
C ASP B 278 4.86 -6.31 -36.82
N TYR B 279 4.00 -5.81 -35.94
CA TYR B 279 4.35 -5.60 -34.55
C TYR B 279 3.84 -6.79 -33.75
N ALA B 280 4.30 -8.00 -34.11
CA ALA B 280 3.76 -9.22 -33.54
C ALA B 280 4.64 -9.73 -32.40
N GLU B 281 5.93 -9.38 -32.45
CA GLU B 281 6.89 -9.76 -31.44
C GLU B 281 6.78 -8.87 -30.20
N ILE B 282 6.23 -7.66 -30.37
CA ILE B 282 6.36 -6.63 -29.34
C ILE B 282 4.99 -6.13 -28.86
N MET B 283 3.90 -6.69 -29.40
CA MET B 283 2.58 -6.16 -29.10
C MET B 283 1.60 -7.31 -28.91
N ALA B 284 0.53 -7.02 -28.15
CA ALA B 284 -0.56 -7.94 -27.92
C ALA B 284 -1.81 -7.11 -27.64
N VAL B 285 -2.98 -7.75 -27.60
CA VAL B 285 -4.19 -7.02 -27.27
C VAL B 285 -5.13 -7.95 -26.51
N THR B 286 -5.91 -7.37 -25.60
CA THR B 286 -6.86 -8.13 -24.81
C THR B 286 -8.24 -7.49 -24.86
N ASP B 287 -9.26 -8.35 -24.90
CA ASP B 287 -10.66 -7.97 -24.79
C ASP B 287 -11.10 -8.07 -23.34
N GLU B 288 -10.29 -8.71 -22.49
CA GLU B 288 -10.72 -9.12 -21.17
C GLU B 288 -10.59 -7.96 -20.19
N PRO B 289 -11.26 -8.04 -19.02
CA PRO B 289 -11.27 -6.95 -18.05
C PRO B 289 -10.20 -7.13 -16.98
N LEU B 290 -8.98 -6.71 -17.32
CA LEU B 290 -7.79 -7.08 -16.56
C LEU B 290 -7.18 -5.85 -15.88
N VAL B 291 -6.24 -6.13 -14.98
CA VAL B 291 -5.70 -5.15 -14.05
C VAL B 291 -4.20 -5.36 -13.90
N SER B 292 -3.52 -4.33 -13.38
CA SER B 292 -2.08 -4.22 -13.48
C SER B 292 -1.38 -5.57 -13.28
N SER B 293 -1.56 -6.20 -12.11
CA SER B 293 -0.76 -7.36 -11.73
C SER B 293 -1.02 -8.57 -12.65
N ASP B 294 -2.01 -8.45 -13.54
CA ASP B 294 -2.27 -9.45 -14.55
C ASP B 294 -1.11 -9.47 -15.55
N PHE B 295 -0.54 -8.29 -15.82
CA PHE B 295 0.48 -8.18 -16.85
C PHE B 295 1.88 -8.04 -16.23
N ASN B 296 2.03 -8.38 -14.95
CA ASN B 296 3.35 -8.44 -14.36
C ASN B 296 4.11 -9.58 -15.05
N HIS B 297 5.39 -9.34 -15.34
CA HIS B 297 6.26 -10.35 -15.91
C HIS B 297 5.80 -10.73 -17.32
N SER B 298 5.39 -9.72 -18.12
CA SER B 298 4.90 -9.93 -19.47
C SER B 298 5.76 -9.19 -20.49
N PRO B 299 6.52 -9.91 -21.34
CA PRO B 299 7.56 -9.30 -22.18
C PRO B 299 7.11 -8.51 -23.41
N TYR B 300 5.80 -8.27 -23.57
CA TYR B 300 5.32 -7.43 -24.64
C TYR B 300 5.63 -5.98 -24.31
N SER B 301 6.14 -5.22 -25.29
CA SER B 301 6.44 -3.82 -25.09
C SER B 301 5.17 -3.02 -24.85
N LEU B 302 4.02 -3.55 -25.28
CA LEU B 302 2.72 -3.06 -24.84
C LEU B 302 1.62 -4.10 -25.09
N ILE B 303 0.50 -3.94 -24.36
CA ILE B 303 -0.74 -4.67 -24.60
C ILE B 303 -1.90 -3.67 -24.57
N VAL B 304 -2.80 -3.74 -25.56
CA VAL B 304 -3.94 -2.82 -25.60
C VAL B 304 -5.12 -3.44 -24.86
N ASP B 305 -5.76 -2.63 -24.00
CA ASP B 305 -7.06 -2.99 -23.47
C ASP B 305 -8.12 -2.40 -24.40
N LEU B 306 -8.72 -3.27 -25.23
CA LEU B 306 -9.58 -2.82 -26.30
C LEU B 306 -10.96 -2.42 -25.77
N THR B 307 -11.32 -2.93 -24.59
CA THR B 307 -12.59 -2.57 -23.97
C THR B 307 -12.55 -1.10 -23.58
N GLN B 308 -11.33 -0.55 -23.44
CA GLN B 308 -11.11 0.79 -22.92
C GLN B 308 -11.13 1.85 -24.02
N THR B 309 -11.09 1.42 -25.28
CA THR B 309 -10.98 2.32 -26.41
C THR B 309 -12.28 3.11 -26.58
N MET B 310 -12.14 4.43 -26.75
CA MET B 310 -13.26 5.37 -26.72
C MET B 310 -13.20 6.35 -27.89
N VAL B 311 -14.36 6.92 -28.26
CA VAL B 311 -14.50 7.73 -29.46
C VAL B 311 -15.62 8.77 -29.28
N VAL B 312 -15.29 10.05 -29.47
CA VAL B 312 -16.30 11.08 -29.61
C VAL B 312 -15.90 12.01 -30.76
N GLY B 313 -16.65 11.92 -31.86
CA GLY B 313 -16.31 12.66 -33.06
C GLY B 313 -14.93 12.27 -33.56
N HIS B 314 -14.06 13.28 -33.71
CA HIS B 314 -12.72 13.09 -34.25
C HIS B 314 -11.76 12.68 -33.13
N GLN B 315 -12.16 12.91 -31.88
CA GLN B 315 -11.33 12.62 -30.72
C GLN B 315 -11.57 11.20 -30.22
N ALA B 316 -10.47 10.47 -30.03
CA ALA B 316 -10.51 9.10 -29.57
C ALA B 316 -9.43 8.89 -28.52
N LYS B 317 -9.58 7.83 -27.71
CA LYS B 317 -8.61 7.47 -26.69
C LYS B 317 -8.39 5.95 -26.71
N VAL B 318 -7.17 5.53 -26.40
CA VAL B 318 -6.84 4.11 -26.27
C VAL B 318 -6.13 3.90 -24.95
N PHE B 319 -5.86 2.63 -24.63
CA PHE B 319 -5.23 2.28 -23.37
C PHE B 319 -4.41 1.01 -23.54
N ALA B 320 -3.21 1.01 -22.95
CA ALA B 320 -2.32 -0.13 -23.06
C ALA B 320 -1.45 -0.26 -21.81
N TRP B 321 -1.35 -1.48 -21.28
CA TRP B 321 -0.47 -1.82 -20.16
C TRP B 321 0.90 -2.19 -20.71
N TYR B 322 1.90 -2.25 -19.82
CA TYR B 322 3.21 -2.80 -20.15
C TYR B 322 3.99 -3.03 -18.86
N ASP B 323 4.70 -4.15 -18.75
CA ASP B 323 5.63 -4.35 -17.65
C ASP B 323 6.84 -3.45 -17.90
N ASN B 324 7.06 -2.49 -17.00
CA ASN B 324 7.97 -1.39 -17.31
C ASN B 324 9.38 -1.73 -16.85
N GLU B 325 9.59 -2.95 -16.38
CA GLU B 325 10.94 -3.45 -16.13
C GLU B 325 11.24 -4.60 -17.09
N TRP B 326 10.23 -5.45 -17.36
CA TRP B 326 10.41 -6.70 -18.08
C TRP B 326 10.44 -6.44 -19.60
N GLY B 327 9.38 -5.81 -20.12
CA GLY B 327 9.30 -5.49 -21.54
C GLY B 327 10.56 -4.77 -22.00
N TYR B 328 10.78 -3.57 -21.46
CA TYR B 328 11.98 -2.79 -21.78
C TYR B 328 13.23 -3.66 -21.83
N ALA B 329 13.34 -4.64 -20.92
CA ALA B 329 14.56 -5.40 -20.74
C ALA B 329 14.71 -6.47 -21.83
N ASN B 330 13.59 -6.98 -22.35
CA ASN B 330 13.64 -7.93 -23.45
C ASN B 330 13.92 -7.20 -24.75
N ARG B 331 13.55 -5.91 -24.81
CA ARG B 331 13.83 -5.08 -25.97
C ARG B 331 15.34 -4.84 -26.06
N LEU B 332 15.99 -4.64 -24.91
CA LEU B 332 17.44 -4.57 -24.87
C LEU B 332 18.03 -5.86 -25.44
N LEU B 333 17.49 -7.01 -25.04
CA LEU B 333 18.01 -8.29 -25.51
C LEU B 333 17.67 -8.49 -26.98
N ASP B 334 16.50 -8.00 -27.42
CA ASP B 334 16.07 -8.14 -28.80
C ASP B 334 16.90 -7.24 -29.71
N LEU B 335 17.36 -6.11 -29.17
CA LEU B 335 18.15 -5.14 -29.92
C LEU B 335 19.57 -5.68 -30.11
N CYS B 336 20.11 -6.32 -29.06
CA CYS B 336 21.45 -6.88 -29.13
C CYS B 336 21.48 -8.13 -30.01
N ASP B 337 20.32 -8.76 -30.22
CA ASP B 337 20.24 -9.95 -31.08
C ASP B 337 19.72 -9.54 -32.45
N SER B 338 19.72 -8.23 -32.74
CA SER B 338 19.56 -7.75 -34.10
C SER B 338 20.94 -7.63 -34.76
N PHE B 339 21.91 -7.09 -34.01
CA PHE B 339 23.20 -6.67 -34.55
C PHE B 339 23.99 -7.83 -35.18
N LYS B 340 23.60 -9.07 -34.88
CA LYS B 340 24.31 -10.25 -35.36
C LYS B 340 24.26 -10.33 -36.89
N SER B 341 25.38 -10.73 -37.50
CA SER B 341 25.37 -11.18 -38.89
C SER B 341 24.71 -12.57 -38.96
N MET C 1 15.25 34.49 27.31
CA MET C 1 14.76 33.11 27.58
C MET C 1 15.68 32.10 26.90
N GLN C 2 15.67 30.86 27.39
CA GLN C 2 16.55 29.82 26.87
C GLN C 2 16.35 29.72 25.35
N ARG C 3 17.47 29.72 24.61
CA ARG C 3 17.44 29.75 23.15
C ARG C 3 17.87 28.39 22.60
N ILE C 4 17.03 27.79 21.74
CA ILE C 4 17.26 26.46 21.20
C ILE C 4 17.50 26.55 19.69
N ALA C 5 18.30 25.64 19.14
CA ALA C 5 18.55 25.59 17.71
C ALA C 5 18.53 24.15 17.21
N ILE C 6 18.02 23.94 15.99
CA ILE C 6 17.87 22.61 15.42
C ILE C 6 18.89 22.42 14.28
N ASN C 7 19.73 21.39 14.39
CA ASN C 7 20.64 21.02 13.32
C ASN C 7 19.99 19.86 12.54
N GLY C 8 19.66 20.11 11.27
CA GLY C 8 18.97 19.13 10.45
C GLY C 8 17.46 19.36 10.47
N PHE C 9 16.95 20.00 9.42
CA PHE C 9 15.51 20.21 9.28
C PHE C 9 14.95 19.02 8.50
N GLY C 10 15.19 17.81 9.03
CA GLY C 10 14.58 16.60 8.50
C GLY C 10 13.24 16.35 9.19
N ARG C 11 12.70 15.14 8.99
CA ARG C 11 11.41 14.77 9.58
C ARG C 11 11.39 15.22 11.04
N ILE C 12 12.38 14.76 11.81
CA ILE C 12 12.44 15.00 13.25
C ILE C 12 12.42 16.50 13.53
N GLY C 13 13.40 17.21 12.96
CA GLY C 13 13.51 18.65 13.17
C GLY C 13 12.21 19.36 12.82
N ARG C 14 11.64 19.03 11.66
CA ARG C 14 10.44 19.70 11.17
C ARG C 14 9.29 19.48 12.14
N ASN C 15 9.09 18.23 12.58
CA ASN C 15 7.97 17.88 13.46
C ASN C 15 8.14 18.54 14.82
N VAL C 16 9.40 18.71 15.24
CA VAL C 16 9.73 19.36 16.50
C VAL C 16 9.20 20.79 16.48
N LEU C 17 9.55 21.52 15.41
CA LEU C 17 9.10 22.90 15.28
C LEU C 17 7.58 22.95 15.23
N ARG C 18 6.98 22.08 14.40
CA ARG C 18 5.54 21.99 14.30
C ARG C 18 4.96 21.86 15.71
N ALA C 19 5.56 20.97 16.51
CA ALA C 19 5.08 20.70 17.84
C ALA C 19 5.11 21.95 18.71
N TRP C 20 6.20 22.73 18.61
CA TRP C 20 6.34 23.95 19.41
C TRP C 20 5.08 24.82 19.31
N PHE C 21 4.58 24.99 18.08
CA PHE C 21 3.40 25.80 17.82
C PHE C 21 2.14 25.04 18.22
N GLU C 22 2.11 23.74 17.90
CA GLU C 22 0.92 22.94 18.15
C GLU C 22 0.79 22.60 19.63
N SER C 23 1.90 22.59 20.37
CA SER C 23 1.88 22.24 21.79
C SER C 23 0.73 22.95 22.49
N PRO C 24 -0.11 22.23 23.27
CA PRO C 24 -1.24 22.85 23.97
C PRO C 24 -0.78 23.97 24.91
N LYS C 25 0.38 23.76 25.55
CA LYS C 25 0.96 24.74 26.45
C LYS C 25 2.22 25.33 25.82
N GLN C 26 2.30 26.67 25.80
CA GLN C 26 3.42 27.34 25.15
C GLN C 26 4.68 27.00 25.92
N PHE C 27 5.66 26.38 25.23
CA PHE C 27 6.96 26.12 25.82
C PHE C 27 7.65 27.45 26.09
N HIS C 28 8.25 27.59 27.27
CA HIS C 28 8.84 28.85 27.70
C HIS C 28 10.01 29.21 26.79
N PHE C 29 10.74 28.19 26.31
CA PHE C 29 11.91 28.40 25.48
C PHE C 29 11.46 28.81 24.07
N GLU C 30 12.45 29.06 23.19
CA GLU C 30 12.20 29.47 21.81
C GLU C 30 13.25 28.88 20.89
N ILE C 31 12.85 28.49 19.68
CA ILE C 31 13.77 28.03 18.64
C ILE C 31 14.07 29.21 17.72
N VAL C 32 15.36 29.53 17.57
CA VAL C 32 15.78 30.73 16.88
C VAL C 32 16.60 30.42 15.63
N ALA C 33 16.99 29.16 15.42
CA ALA C 33 17.84 28.84 14.29
C ALA C 33 17.66 27.38 13.83
N ILE C 34 17.81 27.17 12.51
CA ILE C 34 17.78 25.84 11.92
C ILE C 34 18.92 25.75 10.90
N ASN C 35 19.65 24.64 10.90
CA ASN C 35 20.74 24.44 9.96
C ASN C 35 20.43 23.21 9.11
N ASP C 36 20.80 23.28 7.82
CA ASP C 36 20.58 22.19 6.90
C ASP C 36 21.48 22.38 5.69
N ILE C 37 21.57 21.38 4.81
CA ILE C 37 22.39 21.47 3.61
C ILE C 37 21.53 21.78 2.39
N ALA C 38 20.21 21.93 2.58
CA ALA C 38 19.29 22.12 1.48
C ALA C 38 18.82 23.57 1.41
N ASP C 39 18.17 23.94 0.30
CA ASP C 39 17.71 25.30 0.10
C ASP C 39 16.44 25.48 0.95
N VAL C 40 16.23 26.71 1.45
CA VAL C 40 15.12 27.02 2.34
C VAL C 40 13.79 26.62 1.71
N HIS C 41 13.65 26.88 0.40
CA HIS C 41 12.39 26.65 -0.28
C HIS C 41 11.96 25.18 -0.11
N THR C 42 12.88 24.26 -0.43
CA THR C 42 12.60 22.84 -0.31
C THR C 42 12.04 22.57 1.09
N LEU C 43 12.75 23.07 2.10
CA LEU C 43 12.42 22.80 3.50
C LEU C 43 11.02 23.31 3.83
N VAL C 44 10.83 24.62 3.71
CA VAL C 44 9.54 25.24 3.96
C VAL C 44 8.44 24.33 3.44
N HIS C 45 8.52 23.99 2.15
CA HIS C 45 7.57 23.11 1.49
C HIS C 45 7.31 21.86 2.34
N LEU C 46 8.39 21.17 2.73
CA LEU C 46 8.27 19.92 3.48
C LEU C 46 7.72 20.20 4.87
N PHE C 47 8.06 21.37 5.42
CA PHE C 47 7.53 21.80 6.70
C PHE C 47 6.05 22.13 6.54
N LYS C 48 5.69 22.74 5.41
CA LYS C 48 4.32 23.19 5.16
C LYS C 48 3.41 22.00 4.82
N TYR C 49 3.85 21.16 3.88
CA TYR C 49 3.07 20.02 3.40
C TYR C 49 3.73 18.73 3.87
N ASP C 50 2.92 17.80 4.39
CA ASP C 50 3.43 16.52 4.86
C ASP C 50 2.37 15.45 4.66
N SER C 51 2.81 14.28 4.14
CA SER C 51 1.94 13.18 3.77
C SER C 51 1.36 12.51 5.01
N THR C 52 2.10 12.60 6.12
CA THR C 52 1.77 11.91 7.36
C THR C 52 0.87 12.80 8.22
N HIS C 53 1.37 14.00 8.52
CA HIS C 53 0.81 14.86 9.57
C HIS C 53 -0.09 15.94 8.98
N GLY C 54 0.13 16.29 7.70
CA GLY C 54 -0.79 17.12 6.94
C GLY C 54 -0.27 18.55 6.79
N ARG C 55 -1.13 19.44 6.25
CA ARG C 55 -0.76 20.83 6.07
C ARG C 55 -0.52 21.46 7.45
N PHE C 56 0.61 22.16 7.59
CA PHE C 56 0.90 22.90 8.81
C PHE C 56 -0.07 24.06 8.91
N ASN C 57 -0.71 24.23 10.08
CA ASN C 57 -1.80 25.17 10.24
C ASN C 57 -1.25 26.55 10.62
N GLY C 58 -0.82 27.32 9.61
CA GLY C 58 -0.35 28.68 9.83
C GLY C 58 0.59 29.15 8.72
N LYS C 59 0.66 30.47 8.53
CA LYS C 59 1.51 31.09 7.53
C LYS C 59 2.99 30.83 7.82
N VAL C 60 3.80 30.82 6.75
CA VAL C 60 5.25 30.86 6.85
C VAL C 60 5.78 31.84 5.81
N ASP C 61 6.51 32.85 6.28
CA ASP C 61 6.96 33.93 5.42
C ASP C 61 8.48 34.03 5.54
N ILE C 62 9.17 33.90 4.40
CA ILE C 62 10.61 34.03 4.36
C ILE C 62 10.95 35.50 4.18
N THR C 63 12.03 35.94 4.84
CA THR C 63 12.56 37.28 4.66
C THR C 63 14.09 37.18 4.65
N ILE C 64 14.71 37.84 3.67
CA ILE C 64 16.15 38.06 3.70
C ILE C 64 16.39 39.42 4.37
N GLU C 65 17.33 39.45 5.34
CA GLU C 65 17.62 40.64 6.11
C GLU C 65 19.13 40.70 6.35
N ASN C 66 19.75 41.76 5.85
CA ASN C 66 21.20 41.82 5.65
C ASN C 66 21.56 40.78 4.60
N GLU C 67 22.22 39.70 5.03
CA GLU C 67 22.48 38.55 4.17
C GLU C 67 21.85 37.30 4.76
N LYS C 68 21.17 37.46 5.91
CA LYS C 68 20.71 36.37 6.74
C LYS C 68 19.28 36.04 6.34
N ILE C 69 18.89 34.76 6.48
CA ILE C 69 17.58 34.32 6.05
C ILE C 69 16.78 33.96 7.29
N TYR C 70 15.47 34.21 7.23
CA TYR C 70 14.61 34.15 8.39
C TYR C 70 13.26 33.55 8.03
N LEU C 71 12.82 32.55 8.81
CA LEU C 71 11.45 32.06 8.76
C LEU C 71 10.63 32.80 9.81
N ASN C 72 9.75 33.70 9.33
CA ASN C 72 8.69 34.22 10.16
C ASN C 72 7.52 33.24 10.09
N ILE C 73 7.30 32.53 11.21
CA ILE C 73 6.30 31.49 11.30
C ILE C 73 5.25 31.92 12.32
N GLN C 74 3.99 31.69 11.97
CA GLN C 74 2.88 32.09 12.81
C GLN C 74 1.82 30.99 12.79
N SER C 75 1.32 30.64 13.98
CA SER C 75 0.39 29.53 14.13
C SER C 75 0.00 29.38 15.59
N ASN C 76 -1.28 29.07 15.83
CA ASN C 76 -1.80 28.78 17.15
C ASN C 76 -1.60 30.01 18.05
N GLN C 77 -1.67 31.20 17.44
CA GLN C 77 -1.59 32.48 18.12
C GLN C 77 -0.17 32.72 18.65
N ARG C 78 0.85 32.20 17.92
CA ARG C 78 2.22 32.19 18.41
C ARG C 78 3.21 32.35 17.25
N LEU C 79 4.27 33.14 17.49
CA LEU C 79 5.24 33.49 16.47
C LEU C 79 6.61 32.91 16.77
N LEU C 80 7.37 32.71 15.70
CA LEU C 80 8.80 32.51 15.81
C LEU C 80 9.47 33.12 14.58
N LYS C 81 10.54 33.88 14.83
CA LYS C 81 11.46 34.29 13.78
C LYS C 81 12.70 33.41 13.88
N VAL C 82 12.85 32.51 12.91
CA VAL C 82 13.97 31.58 12.91
C VAL C 82 15.01 32.08 11.90
N GLU C 83 16.30 31.87 12.19
CA GLU C 83 17.35 32.14 11.23
C GLU C 83 17.79 30.83 10.60
N VAL C 84 17.81 30.78 9.27
CA VAL C 84 18.21 29.59 8.51
C VAL C 84 19.70 29.69 8.21
N LEU C 85 20.37 28.53 8.13
CA LEU C 85 21.80 28.43 7.88
C LEU C 85 22.08 27.19 7.04
N GLN C 86 23.17 27.22 6.27
CA GLN C 86 23.46 26.19 5.28
C GLN C 86 24.88 25.68 5.46
N GLN C 87 25.24 25.31 6.70
CA GLN C 87 26.57 24.87 7.03
C GLN C 87 26.60 23.35 7.25
N LYS C 88 27.33 22.67 6.36
CA LYS C 88 27.48 21.22 6.37
C LYS C 88 28.18 20.73 7.64
N GLN C 89 29.35 21.31 7.93
CA GLN C 89 30.21 20.85 9.02
C GLN C 89 29.93 21.68 10.28
N PRO C 90 29.36 21.07 11.35
CA PRO C 90 28.96 21.83 12.55
C PRO C 90 29.98 22.78 13.17
N GLU C 91 31.23 22.33 13.26
CA GLU C 91 32.30 23.03 13.96
C GLU C 91 32.30 24.53 13.67
N LEU C 92 31.94 24.93 12.43
CA LEU C 92 32.08 26.31 11.99
C LEU C 92 30.82 27.11 12.32
N LEU C 93 29.75 26.44 12.74
CA LEU C 93 28.46 27.08 12.98
C LEU C 93 28.62 28.21 13.98
N PRO C 94 27.80 29.29 13.88
CA PRO C 94 27.91 30.44 14.78
C PRO C 94 27.01 30.40 16.01
N TRP C 95 26.91 29.23 16.66
CA TRP C 95 26.10 29.06 17.86
C TRP C 95 26.58 29.99 18.97
N ALA C 96 27.88 30.36 18.90
CA ALA C 96 28.48 31.34 19.80
C ALA C 96 27.71 32.66 19.75
N SER C 97 27.71 33.30 18.57
CA SER C 97 27.13 34.62 18.39
C SER C 97 25.64 34.62 18.70
N LEU C 98 24.95 33.52 18.33
CA LEU C 98 23.51 33.43 18.46
C LEU C 98 23.11 33.12 19.91
N LYS C 99 24.11 32.82 20.76
CA LYS C 99 23.86 32.49 22.16
C LYS C 99 22.88 31.30 22.22
N ILE C 100 23.23 30.24 21.48
CA ILE C 100 22.46 29.01 21.44
C ILE C 100 22.76 28.19 22.69
N ASP C 101 21.71 27.99 23.50
CA ASP C 101 21.83 27.28 24.77
C ASP C 101 21.76 25.77 24.53
N VAL C 102 20.95 25.34 23.55
CA VAL C 102 20.69 23.93 23.27
C VAL C 102 20.65 23.68 21.77
N VAL C 103 21.53 22.79 21.30
CA VAL C 103 21.46 22.23 19.95
C VAL C 103 20.64 20.95 20.01
N LEU C 104 19.75 20.78 19.02
CA LEU C 104 19.06 19.52 18.80
C LEU C 104 19.67 18.86 17.56
N GLU C 105 20.67 17.99 17.76
CA GLU C 105 21.41 17.37 16.68
C GLU C 105 20.56 16.26 16.08
N CYS C 106 19.76 16.61 15.06
CA CYS C 106 18.77 15.71 14.48
C CYS C 106 19.13 15.36 13.03
N THR C 107 20.42 15.28 12.73
CA THR C 107 20.88 14.96 11.39
C THR C 107 21.12 13.45 11.27
N GLY C 108 21.30 12.77 12.40
CA GLY C 108 21.65 11.35 12.42
C GLY C 108 23.08 11.10 11.96
N LEU C 109 23.82 12.17 11.64
CA LEU C 109 25.17 12.08 11.10
C LEU C 109 26.21 12.21 12.21
N PHE C 110 25.94 13.10 13.17
CA PHE C 110 26.89 13.44 14.22
C PHE C 110 26.40 12.91 15.57
N ARG C 111 26.38 11.58 15.72
CA ARG C 111 25.84 10.95 16.91
C ARG C 111 26.94 10.70 17.95
N SER C 112 28.20 10.68 17.50
CA SER C 112 29.31 10.35 18.39
C SER C 112 29.54 11.51 19.36
N HIS C 113 30.31 11.23 20.43
CA HIS C 113 30.70 12.23 21.41
C HIS C 113 31.59 13.26 20.73
N ALA C 114 32.50 12.80 19.87
CA ALA C 114 33.40 13.66 19.14
C ALA C 114 32.63 14.65 18.27
N ASP C 115 31.73 14.10 17.43
CA ASP C 115 31.04 14.90 16.43
C ASP C 115 29.99 15.79 17.11
N ALA C 116 29.56 15.43 18.32
CA ALA C 116 28.54 16.20 19.01
C ALA C 116 29.17 17.43 19.66
N THR C 117 30.39 17.29 20.20
CA THR C 117 31.09 18.39 20.85
C THR C 117 31.42 19.48 19.82
N ARG C 118 31.54 19.08 18.55
CA ARG C 118 31.77 20.03 17.47
C ARG C 118 30.83 21.22 17.63
N HIS C 119 29.58 20.97 18.05
CA HIS C 119 28.59 22.03 18.26
C HIS C 119 28.97 22.89 19.46
N LEU C 120 29.59 22.26 20.47
CA LEU C 120 30.04 22.96 21.65
C LEU C 120 31.33 23.74 21.34
N GLU C 121 32.24 23.12 20.57
CA GLU C 121 33.42 23.79 20.04
C GLU C 121 33.00 25.03 19.25
N ALA C 122 31.78 24.99 18.70
CA ALA C 122 31.23 26.07 17.88
C ALA C 122 30.52 27.12 18.72
N GLY C 123 30.45 26.90 20.05
CA GLY C 123 30.01 27.94 20.98
C GLY C 123 28.64 27.64 21.62
N ALA C 124 28.03 26.51 21.25
CA ALA C 124 26.81 26.07 21.89
C ALA C 124 27.14 25.52 23.27
N LYS C 125 26.16 25.61 24.18
CA LYS C 125 26.37 25.26 25.58
C LYS C 125 26.04 23.79 25.81
N ARG C 126 24.87 23.36 25.33
CA ARG C 126 24.42 21.99 25.51
C ARG C 126 23.88 21.42 24.19
N VAL C 127 24.36 20.23 23.84
CA VAL C 127 23.82 19.47 22.73
C VAL C 127 22.84 18.42 23.26
N ILE C 128 21.80 18.14 22.47
CA ILE C 128 21.00 16.93 22.65
C ILE C 128 21.03 16.17 21.33
N ILE C 129 21.50 14.91 21.38
CA ILE C 129 21.44 14.04 20.23
C ILE C 129 20.03 13.44 20.14
N GLY C 130 19.37 13.70 19.00
CA GLY C 130 18.01 13.24 18.76
C GLY C 130 17.98 11.84 18.17
N ALA C 131 18.77 10.95 18.78
CA ALA C 131 18.89 9.56 18.36
C ALA C 131 19.59 8.77 19.45
N ALA C 132 19.71 7.45 19.26
CA ALA C 132 20.45 6.60 20.17
C ALA C 132 21.92 7.04 20.19
N PRO C 133 22.70 6.64 21.23
CA PRO C 133 24.14 6.98 21.28
C PRO C 133 24.94 6.19 20.26
N PHE C 134 26.12 6.72 19.89
CA PHE C 134 27.00 5.97 19.00
C PHE C 134 28.16 5.42 19.83
N ASP C 135 28.84 6.28 20.59
CA ASP C 135 29.98 5.82 21.38
C ASP C 135 29.80 6.27 22.83
N HIS C 136 30.07 7.54 23.10
CA HIS C 136 29.97 8.07 24.45
C HIS C 136 28.82 9.06 24.49
N VAL C 137 28.31 9.28 25.70
CA VAL C 137 27.32 10.31 25.98
C VAL C 137 27.44 10.66 27.46
N ASP C 138 27.18 11.93 27.78
CA ASP C 138 27.26 12.41 29.15
C ASP C 138 25.99 11.98 29.91
N ALA C 139 24.95 11.49 29.20
CA ALA C 139 23.72 11.02 29.82
C ALA C 139 22.72 10.50 28.77
N ALA C 140 21.97 9.46 29.12
CA ALA C 140 21.00 8.82 28.23
C ALA C 140 19.58 8.94 28.80
N ILE C 141 18.84 9.93 28.32
CA ILE C 141 17.67 10.42 29.03
C ILE C 141 16.39 9.94 28.34
N VAL C 142 15.35 9.76 29.15
CA VAL C 142 14.05 9.30 28.70
C VAL C 142 13.02 10.10 29.47
N TYR C 143 12.59 11.24 28.91
CA TYR C 143 11.72 12.15 29.65
C TYR C 143 10.56 11.35 30.26
N GLY C 144 10.48 11.37 31.60
CA GLY C 144 9.42 10.71 32.36
C GLY C 144 9.96 9.62 33.28
N VAL C 145 11.28 9.39 33.21
CA VAL C 145 11.94 8.32 33.95
C VAL C 145 13.16 8.89 34.67
N ASN C 146 14.06 9.52 33.90
CA ASN C 146 15.32 10.02 34.42
C ASN C 146 15.70 11.36 33.75
N HIS C 147 14.69 12.20 33.47
CA HIS C 147 14.92 13.55 32.98
C HIS C 147 15.40 14.44 34.12
N ALA C 148 15.15 13.99 35.36
CA ALA C 148 15.60 14.65 36.58
C ALA C 148 17.08 14.37 36.81
N ASP C 149 17.54 13.18 36.38
CA ASP C 149 18.86 12.69 36.73
C ASP C 149 19.89 13.26 35.75
N VAL C 150 19.66 14.50 35.30
CA VAL C 150 20.59 15.23 34.46
C VAL C 150 21.39 16.18 35.34
N LYS C 151 22.69 15.91 35.47
CA LYS C 151 23.62 16.85 36.08
C LYS C 151 23.67 18.10 35.20
N ALA C 152 24.03 19.25 35.77
CA ALA C 152 24.07 20.49 35.00
C ALA C 152 25.30 20.54 34.10
N THR C 153 26.39 19.86 34.49
CA THR C 153 27.63 19.86 33.72
C THR C 153 27.59 18.78 32.66
N ASP C 154 26.44 18.12 32.48
CA ASP C 154 26.19 17.27 31.32
C ASP C 154 26.05 18.16 30.09
N GLN C 155 26.60 17.71 28.96
CA GLN C 155 26.69 18.54 27.77
C GLN C 155 26.25 17.78 26.53
N ILE C 156 26.71 16.53 26.43
CA ILE C 156 26.34 15.64 25.33
C ILE C 156 25.26 14.68 25.84
N ILE C 157 24.00 15.05 25.61
CA ILE C 157 22.86 14.25 26.07
C ILE C 157 22.25 13.55 24.86
N SER C 158 21.91 12.26 25.04
CA SER C 158 21.07 11.54 24.10
C SER C 158 19.67 11.41 24.68
N SER C 159 18.64 11.46 23.82
CA SER C 159 17.30 11.12 24.24
C SER C 159 16.80 9.89 23.49
N VAL C 160 17.76 9.07 23.00
CA VAL C 160 17.53 7.70 22.54
C VAL C 160 16.60 7.68 21.32
N SER C 161 15.95 6.53 21.05
CA SER C 161 15.00 6.41 19.96
C SER C 161 13.56 6.45 20.48
N CYS C 162 12.63 6.66 19.55
CA CYS C 162 11.20 6.63 19.78
C CYS C 162 10.77 5.32 20.43
N THR C 163 11.34 4.23 19.91
CA THR C 163 11.14 2.87 20.39
C THR C 163 11.53 2.77 21.86
N THR C 164 12.65 3.41 22.21
CA THR C 164 13.23 3.25 23.53
C THR C 164 12.34 3.92 24.56
N GLN C 165 11.59 4.94 24.15
CA GLN C 165 10.76 5.70 25.08
C GLN C 165 9.41 5.03 25.31
N ALA C 166 9.11 3.97 24.54
CA ALA C 166 7.94 3.15 24.83
C ALA C 166 8.37 1.93 25.66
N LEU C 167 9.60 1.46 25.41
CA LEU C 167 10.10 0.25 26.05
C LEU C 167 10.53 0.53 27.49
N VAL C 168 11.38 1.54 27.69
CA VAL C 168 11.97 1.82 29.00
C VAL C 168 10.88 1.94 30.06
N PRO C 169 9.84 2.79 29.89
CA PRO C 169 8.74 2.87 30.85
C PRO C 169 7.98 1.56 31.15
N LEU C 170 7.66 0.78 30.10
CA LEU C 170 7.05 -0.53 30.29
C LEU C 170 7.91 -1.37 31.24
N VAL C 171 9.22 -1.40 30.96
CA VAL C 171 10.14 -2.28 31.66
C VAL C 171 10.30 -1.79 33.10
N LYS C 172 10.72 -0.53 33.28
CA LYS C 172 10.91 0.01 34.60
C LYS C 172 9.73 -0.37 35.49
N ILE C 173 8.52 0.05 35.08
CA ILE C 173 7.32 -0.11 35.88
C ILE C 173 7.12 -1.57 36.28
N ILE C 174 7.28 -2.48 35.32
CA ILE C 174 6.95 -3.89 35.52
C ILE C 174 8.04 -4.57 36.36
N ASP C 175 9.32 -4.24 36.11
CA ASP C 175 10.42 -4.75 36.92
C ASP C 175 10.24 -4.28 38.37
N ASP C 176 9.80 -3.03 38.54
CA ASP C 176 9.65 -2.42 39.85
C ASP C 176 8.49 -3.06 40.63
N ALA C 177 7.55 -3.72 39.95
CA ALA C 177 6.40 -4.32 40.60
C ALA C 177 6.55 -5.84 40.70
N PHE C 178 6.65 -6.50 39.56
CA PHE C 178 6.62 -7.96 39.50
C PHE C 178 8.02 -8.54 39.42
N GLY C 179 8.98 -7.75 38.89
CA GLY C 179 10.29 -8.25 38.54
C GLY C 179 10.26 -8.85 37.14
N ILE C 180 11.37 -8.72 36.41
CA ILE C 180 11.47 -9.25 35.06
C ILE C 180 12.72 -10.13 35.00
N GLU C 181 12.54 -11.46 34.96
CA GLU C 181 13.67 -12.37 34.85
C GLU C 181 14.40 -12.06 33.55
N THR C 182 13.69 -12.29 32.43
CA THR C 182 14.15 -11.95 31.10
C THR C 182 12.93 -11.48 30.29
N ALA C 183 13.16 -10.56 29.34
CA ALA C 183 12.11 -10.04 28.48
C ALA C 183 12.53 -10.19 27.02
N LEU C 184 11.56 -10.04 26.10
CA LEU C 184 11.80 -10.06 24.67
C LEU C 184 10.80 -9.15 23.98
N MET C 185 11.30 -8.25 23.12
CA MET C 185 10.47 -7.24 22.50
C MET C 185 10.39 -7.50 21.00
N THR C 186 9.15 -7.62 20.50
CA THR C 186 8.89 -7.44 19.08
C THR C 186 8.31 -6.05 18.91
N GLU C 187 8.78 -5.33 17.88
CA GLU C 187 8.26 -4.02 17.54
C GLU C 187 7.69 -4.05 16.13
N ILE C 188 6.37 -3.85 16.03
CA ILE C 188 5.72 -3.67 14.75
C ILE C 188 5.79 -2.18 14.44
N HIS C 189 6.40 -1.84 13.30
CA HIS C 189 6.80 -0.48 13.01
C HIS C 189 6.34 -0.09 11.61
N ALA C 190 5.86 1.15 11.48
CA ALA C 190 5.57 1.72 10.17
C ALA C 190 6.89 1.80 9.39
N VAL C 191 6.82 2.30 8.15
CA VAL C 191 8.01 2.40 7.32
C VAL C 191 8.83 3.60 7.79
N THR C 192 10.13 3.57 7.45
CA THR C 192 11.07 4.63 7.80
C THR C 192 11.89 4.95 6.55
N ALA C 193 12.44 6.17 6.49
CA ALA C 193 13.13 6.62 5.29
C ALA C 193 14.22 5.63 4.87
N ASP C 194 14.87 5.00 5.84
CA ASP C 194 15.98 4.08 5.55
C ASP C 194 15.59 3.06 4.47
N GLN C 195 14.32 2.64 4.43
CA GLN C 195 13.92 1.55 3.54
C GLN C 195 13.96 2.03 2.09
N SER C 196 13.80 1.08 1.16
CA SER C 196 13.82 1.37 -0.26
C SER C 196 12.42 1.19 -0.84
N VAL C 197 12.08 2.07 -1.79
CA VAL C 197 10.80 2.01 -2.48
C VAL C 197 10.74 0.73 -3.29
N LEU C 198 11.86 0.37 -3.92
CA LEU C 198 11.98 -0.86 -4.68
C LEU C 198 13.26 -1.56 -4.27
N ASP C 199 13.35 -2.87 -4.57
CA ASP C 199 14.58 -3.61 -4.30
C ASP C 199 15.75 -2.77 -4.81
N HIS C 200 16.58 -2.28 -3.90
CA HIS C 200 17.68 -1.39 -4.22
C HIS C 200 18.91 -1.97 -3.53
N ALA C 201 20.10 -1.45 -3.84
CA ALA C 201 21.30 -1.80 -3.10
C ALA C 201 21.33 -1.10 -1.73
N HIS C 202 21.44 -1.90 -0.66
CA HIS C 202 21.40 -1.39 0.70
C HIS C 202 22.21 -2.36 1.57
N ARG C 203 23.06 -1.82 2.45
CA ARG C 203 23.77 -2.65 3.43
C ARG C 203 22.79 -3.62 4.09
N ASP C 204 21.68 -3.09 4.64
CA ASP C 204 20.64 -3.90 5.26
C ASP C 204 19.89 -4.64 4.17
N LEU C 205 20.42 -5.82 3.79
CA LEU C 205 19.85 -6.64 2.74
C LEU C 205 18.36 -6.91 2.99
N ARG C 206 17.90 -6.61 4.22
CA ARG C 206 16.49 -6.71 4.56
C ARG C 206 15.76 -5.42 4.16
N ARG C 207 16.36 -4.25 4.47
CA ARG C 207 15.72 -2.96 4.19
C ARG C 207 15.96 -2.51 2.75
N ALA C 208 16.82 -3.26 2.04
CA ALA C 208 16.98 -3.21 0.60
C ALA C 208 15.64 -3.31 -0.13
N ARG C 209 14.68 -4.03 0.47
CA ARG C 209 13.53 -4.53 -0.26
C ARG C 209 12.37 -3.55 -0.15
N ALA C 210 11.59 -3.49 -1.24
CA ALA C 210 10.42 -2.64 -1.39
C ALA C 210 9.70 -2.45 -0.06
N SER C 211 9.62 -1.19 0.36
CA SER C 211 9.03 -0.82 1.63
C SER C 211 7.54 -1.14 1.67
N GLY C 212 6.87 -0.97 0.52
CA GLY C 212 5.42 -1.02 0.44
C GLY C 212 4.86 -2.43 0.30
N GLN C 213 5.69 -3.40 -0.11
CA GLN C 213 5.20 -4.73 -0.45
C GLN C 213 5.79 -5.80 0.46
N ASN C 214 6.59 -5.42 1.45
CA ASN C 214 7.24 -6.41 2.28
C ASN C 214 6.98 -6.15 3.76
N ILE C 215 6.78 -7.26 4.48
CA ILE C 215 7.13 -7.37 5.88
C ILE C 215 8.65 -7.55 5.95
N ILE C 216 9.33 -6.70 6.72
CA ILE C 216 10.77 -6.74 6.82
C ILE C 216 11.18 -6.86 8.29
N PRO C 217 11.59 -8.05 8.78
CA PRO C 217 12.11 -8.17 10.14
C PRO C 217 13.52 -7.61 10.12
N THR C 218 13.80 -6.68 11.03
CA THR C 218 15.12 -6.07 11.11
C THR C 218 15.48 -5.88 12.58
N THR C 219 16.37 -4.92 12.87
CA THR C 219 16.95 -4.73 14.20
C THR C 219 16.50 -3.38 14.77
N SER C 220 16.85 -3.15 16.04
CA SER C 220 16.48 -1.91 16.69
C SER C 220 17.60 -1.47 17.63
N SER C 221 18.04 -0.21 17.47
CA SER C 221 19.03 0.40 18.35
C SER C 221 18.51 0.47 19.77
N ALA C 222 17.20 0.22 19.93
CA ALA C 222 16.45 0.53 21.14
C ALA C 222 16.86 -0.36 22.32
N LEU C 223 17.46 -1.52 22.02
CA LEU C 223 17.90 -2.43 23.06
C LEU C 223 19.20 -1.90 23.67
N GLY C 224 20.23 -1.75 22.84
CA GLY C 224 21.50 -1.17 23.25
C GLY C 224 21.32 0.19 23.92
N ALA C 225 20.25 0.90 23.56
CA ALA C 225 19.93 2.19 24.17
C ALA C 225 19.49 1.98 25.62
N LEU C 226 18.42 1.19 25.80
CA LEU C 226 17.80 0.97 27.10
C LEU C 226 18.79 0.35 28.08
N LYS C 227 19.81 -0.34 27.55
CA LYS C 227 20.86 -0.92 28.37
C LYS C 227 21.81 0.16 28.89
N ARG C 228 21.87 1.31 28.22
CA ARG C 228 22.61 2.45 28.74
C ARG C 228 21.77 3.18 29.79
N VAL C 229 20.45 3.03 29.72
CA VAL C 229 19.54 3.67 30.66
C VAL C 229 19.35 2.79 31.90
N MET C 230 19.39 1.46 31.74
CA MET C 230 19.18 0.53 32.84
C MET C 230 20.26 -0.55 32.78
N PRO C 231 21.54 -0.22 33.06
CA PRO C 231 22.66 -1.09 32.71
C PRO C 231 22.53 -2.52 33.24
N LYS C 232 21.66 -2.67 34.26
CA LYS C 232 21.35 -3.93 34.89
C LYS C 232 20.59 -4.87 33.95
N MET C 233 19.90 -4.28 32.95
CA MET C 233 19.06 -5.06 32.06
C MET C 233 19.92 -5.78 31.02
N GLU C 234 21.20 -5.38 30.92
CA GLU C 234 22.19 -6.09 30.13
C GLU C 234 22.03 -7.60 30.35
N ASP C 235 21.79 -8.35 29.28
CA ASP C 235 21.76 -9.80 29.29
C ASP C 235 20.44 -10.33 29.85
N ARG C 236 19.40 -9.50 29.86
CA ARG C 236 18.09 -9.92 30.36
C ARG C 236 17.03 -9.72 29.27
N ILE C 237 17.20 -8.68 28.45
CA ILE C 237 16.23 -8.27 27.46
C ILE C 237 16.83 -8.41 26.07
N ASP C 238 15.96 -8.57 25.05
CA ASP C 238 16.37 -8.59 23.66
C ASP C 238 15.14 -8.28 22.80
N GLY C 239 15.26 -8.42 21.48
CA GLY C 239 14.14 -8.13 20.60
C GLY C 239 14.59 -7.64 19.23
N TYR C 240 13.63 -7.05 18.51
CA TYR C 240 13.82 -6.66 17.13
C TYR C 240 12.57 -5.94 16.62
N SER C 241 12.76 -5.27 15.49
CA SER C 241 11.75 -4.46 14.85
C SER C 241 11.28 -5.21 13.60
N ILE C 242 10.01 -5.04 13.26
CA ILE C 242 9.45 -5.51 11.99
C ILE C 242 8.89 -4.29 11.27
N ARG C 243 9.18 -4.17 9.96
CA ARG C 243 8.69 -3.06 9.17
C ARG C 243 7.53 -3.52 8.28
N VAL C 244 6.39 -2.85 8.41
CA VAL C 244 5.24 -3.18 7.58
C VAL C 244 4.76 -1.93 6.86
N PRO C 245 4.07 -2.10 5.70
CA PRO C 245 3.79 -0.99 4.79
C PRO C 245 2.77 0.08 5.18
N THR C 246 2.72 0.50 6.45
CA THR C 246 1.97 1.70 6.80
C THR C 246 2.95 2.85 6.96
N ILE C 247 2.40 4.08 6.88
CA ILE C 247 3.21 5.29 6.79
C ILE C 247 3.74 5.69 8.17
N ASN C 248 2.95 5.46 9.23
CA ASN C 248 3.26 6.03 10.52
C ASN C 248 2.44 5.34 11.62
N VAL C 249 2.95 5.43 12.85
CA VAL C 249 2.47 4.76 14.05
C VAL C 249 3.09 3.37 14.10
N ALA C 250 3.54 3.00 15.30
CA ALA C 250 4.17 1.71 15.57
C ALA C 250 3.58 1.11 16.84
N ALA C 251 3.90 -0.18 17.07
CA ALA C 251 3.49 -0.91 18.26
C ALA C 251 4.69 -1.59 18.90
N ILE C 252 4.55 -1.94 20.20
CA ILE C 252 5.49 -2.83 20.87
C ILE C 252 4.76 -4.07 21.38
N ASP C 253 5.45 -5.22 21.24
CA ASP C 253 5.02 -6.50 21.76
C ASP C 253 6.07 -6.96 22.76
N LEU C 254 5.82 -6.73 24.06
CA LEU C 254 6.80 -7.01 25.10
C LEU C 254 6.40 -8.28 25.85
N THR C 255 7.13 -9.35 25.59
CA THR C 255 6.99 -10.62 26.30
C THR C 255 8.01 -10.64 27.44
N PHE C 256 7.60 -11.12 28.62
CA PHE C 256 8.44 -11.06 29.81
C PHE C 256 8.04 -12.15 30.80
N ILE C 257 8.97 -12.48 31.71
CA ILE C 257 8.78 -13.50 32.73
C ILE C 257 8.79 -12.83 34.11
N ALA C 258 7.62 -12.78 34.75
CA ALA C 258 7.46 -12.09 36.02
C ALA C 258 8.10 -12.93 37.13
N GLN C 259 8.59 -12.26 38.18
CA GLN C 259 9.28 -12.91 39.29
C GLN C 259 8.30 -13.15 40.43
N SER C 260 7.47 -12.15 40.73
CA SER C 260 6.31 -12.36 41.59
C SER C 260 5.25 -13.10 40.77
N PRO C 261 4.06 -13.38 41.33
CA PRO C 261 2.98 -13.98 40.55
C PRO C 261 2.15 -12.86 39.91
N ILE C 262 1.62 -13.16 38.72
CA ILE C 262 0.93 -12.16 37.91
C ILE C 262 -0.41 -12.73 37.46
N THR C 263 -1.40 -11.84 37.33
CA THR C 263 -2.64 -12.15 36.65
C THR C 263 -2.75 -11.16 35.49
N VAL C 264 -3.71 -11.36 34.57
CA VAL C 264 -3.93 -10.39 33.51
C VAL C 264 -4.34 -9.08 34.20
N HIS C 265 -5.46 -9.12 34.93
CA HIS C 265 -5.99 -7.96 35.66
C HIS C 265 -4.82 -7.15 36.24
N HIS C 266 -4.01 -7.81 37.07
CA HIS C 266 -2.99 -7.14 37.86
C HIS C 266 -2.09 -6.27 36.99
N ILE C 267 -1.56 -6.84 35.91
CA ILE C 267 -0.60 -6.14 35.09
C ILE C 267 -1.26 -4.88 34.53
N ASN C 268 -2.47 -5.04 33.96
CA ASN C 268 -3.22 -3.93 33.39
C ASN C 268 -3.45 -2.87 34.46
N GLU C 269 -3.76 -3.32 35.69
CA GLU C 269 -4.12 -2.40 36.76
C GLU C 269 -2.95 -1.47 37.07
N LEU C 270 -1.77 -2.07 37.27
CA LEU C 270 -0.52 -1.35 37.51
C LEU C 270 -0.33 -0.23 36.48
N LEU C 271 -0.45 -0.61 35.20
CA LEU C 271 -0.11 0.26 34.09
C LEU C 271 -1.09 1.43 34.02
N ILE C 272 -2.32 1.20 34.50
CA ILE C 272 -3.34 2.24 34.56
C ILE C 272 -2.99 3.23 35.67
N LYS C 273 -2.67 2.72 36.87
CA LYS C 273 -2.22 3.56 37.97
C LYS C 273 -1.06 4.42 37.49
N ALA C 274 -0.01 3.75 36.98
CA ALA C 274 1.23 4.39 36.59
C ALA C 274 0.99 5.56 35.64
N SER C 275 -0.02 5.42 34.78
CA SER C 275 -0.36 6.42 33.77
C SER C 275 -1.10 7.62 34.39
N GLN C 276 -1.58 7.46 35.63
CA GLN C 276 -2.30 8.50 36.33
C GLN C 276 -1.41 9.16 37.39
N THR C 277 -0.27 8.53 37.67
CA THR C 277 0.59 9.00 38.74
C THR C 277 1.85 9.58 38.11
N ASP C 278 2.94 8.81 38.20
CA ASP C 278 4.30 9.25 37.90
C ASP C 278 4.42 9.55 36.41
N TYR C 279 3.87 8.63 35.60
CA TYR C 279 4.08 8.63 34.16
C TYR C 279 2.89 9.24 33.42
N ALA C 280 2.13 10.12 34.09
CA ALA C 280 0.91 10.64 33.51
C ALA C 280 1.20 11.48 32.26
N GLU C 281 2.38 12.12 32.26
CA GLU C 281 2.75 13.05 31.21
C GLU C 281 3.15 12.35 29.91
N ILE C 282 3.33 11.03 29.91
CA ILE C 282 3.83 10.36 28.71
C ILE C 282 3.16 9.01 28.46
N MET C 283 2.20 8.61 29.30
CA MET C 283 1.60 7.31 29.13
C MET C 283 0.08 7.45 29.12
N ALA C 284 -0.56 6.50 28.45
CA ALA C 284 -2.01 6.40 28.43
C ALA C 284 -2.38 4.96 28.17
N VAL C 285 -3.57 4.54 28.64
CA VAL C 285 -3.98 3.17 28.50
C VAL C 285 -5.37 3.15 27.89
N THR C 286 -5.59 2.21 26.96
CA THR C 286 -6.84 2.14 26.23
C THR C 286 -7.35 0.69 26.21
N ASP C 287 -8.65 0.54 26.46
CA ASP C 287 -9.36 -0.71 26.24
C ASP C 287 -9.97 -0.69 24.84
N GLU C 288 -10.32 0.49 24.35
CA GLU C 288 -11.15 0.64 23.16
C GLU C 288 -10.50 -0.04 21.95
N PRO C 289 -11.32 -0.49 20.97
CA PRO C 289 -10.84 -1.39 19.92
C PRO C 289 -10.23 -0.66 18.72
N LEU C 290 -8.96 -0.28 18.88
CA LEU C 290 -8.31 0.68 18.02
C LEU C 290 -7.20 0.04 17.20
N VAL C 291 -6.81 0.78 16.15
CA VAL C 291 -5.83 0.37 15.16
C VAL C 291 -4.92 1.55 14.88
N SER C 292 -3.75 1.27 14.29
CA SER C 292 -2.62 2.18 14.34
C SER C 292 -3.03 3.63 14.07
N SER C 293 -3.70 3.88 12.94
CA SER C 293 -3.91 5.23 12.45
C SER C 293 -4.78 6.06 13.39
N ASP C 294 -5.42 5.43 14.38
CA ASP C 294 -6.13 6.15 15.41
C ASP C 294 -5.13 6.88 16.31
N PHE C 295 -3.93 6.30 16.45
CA PHE C 295 -2.92 6.84 17.34
C PHE C 295 -1.97 7.76 16.57
N ASN C 296 -2.39 8.22 15.37
CA ASN C 296 -1.53 9.10 14.59
C ASN C 296 -1.62 10.50 15.16
N HIS C 297 -0.45 11.13 15.32
CA HIS C 297 -0.36 12.48 15.85
C HIS C 297 -0.68 12.46 17.34
N SER C 298 -0.40 11.33 18.01
CA SER C 298 -0.63 11.21 19.44
C SER C 298 0.66 11.47 20.21
N PRO C 299 0.68 12.51 21.07
CA PRO C 299 1.91 12.97 21.71
C PRO C 299 2.45 12.14 22.88
N TYR C 300 1.84 10.97 23.12
CA TYR C 300 2.32 10.09 24.17
C TYR C 300 3.50 9.29 23.64
N SER C 301 4.42 8.94 24.55
CA SER C 301 5.57 8.13 24.22
C SER C 301 5.15 6.66 24.12
N LEU C 302 3.99 6.31 24.69
CA LEU C 302 3.31 5.06 24.40
C LEU C 302 1.87 5.13 24.90
N ILE C 303 1.02 4.29 24.28
CA ILE C 303 -0.31 3.98 24.78
C ILE C 303 -0.44 2.47 24.89
N VAL C 304 -1.01 1.99 25.99
CA VAL C 304 -1.19 0.56 26.20
C VAL C 304 -2.58 0.14 25.73
N ASP C 305 -2.63 -0.75 24.73
CA ASP C 305 -3.85 -1.49 24.45
C ASP C 305 -3.97 -2.58 25.52
N LEU C 306 -4.88 -2.37 26.49
CA LEU C 306 -4.95 -3.22 27.67
C LEU C 306 -5.58 -4.57 27.31
N THR C 307 -6.50 -4.58 26.33
CA THR C 307 -7.21 -5.79 25.96
C THR C 307 -6.22 -6.82 25.42
N GLN C 308 -5.07 -6.32 24.95
CA GLN C 308 -4.06 -7.15 24.31
C GLN C 308 -3.24 -7.92 25.36
N THR C 309 -3.17 -7.40 26.60
CA THR C 309 -2.38 -8.02 27.67
C THR C 309 -2.81 -9.48 27.89
N MET C 310 -1.82 -10.38 27.96
CA MET C 310 -2.01 -11.81 28.14
C MET C 310 -1.09 -12.35 29.22
N VAL C 311 -1.47 -13.50 29.80
CA VAL C 311 -0.67 -14.18 30.81
C VAL C 311 -0.90 -15.69 30.72
N VAL C 312 0.18 -16.45 30.54
CA VAL C 312 0.14 -17.89 30.78
C VAL C 312 1.30 -18.23 31.71
N GLY C 313 0.95 -18.62 32.95
CA GLY C 313 1.94 -18.94 33.95
C GLY C 313 2.76 -17.70 34.29
N HIS C 314 4.08 -17.88 34.39
CA HIS C 314 4.96 -16.79 34.75
C HIS C 314 5.08 -15.80 33.59
N GLN C 315 4.80 -16.27 32.35
CA GLN C 315 5.06 -15.51 31.14
C GLN C 315 3.86 -14.63 30.78
N ALA C 316 4.18 -13.44 30.26
CA ALA C 316 3.19 -12.41 29.98
C ALA C 316 3.56 -11.68 28.69
N LYS C 317 2.65 -10.80 28.24
CA LYS C 317 2.87 -10.02 27.04
C LYS C 317 2.00 -8.77 27.12
N VAL C 318 2.61 -7.61 26.83
CA VAL C 318 1.87 -6.35 26.81
C VAL C 318 2.06 -5.70 25.45
N PHE C 319 1.21 -4.70 25.18
CA PHE C 319 1.11 -4.09 23.88
C PHE C 319 0.91 -2.59 24.03
N ALA C 320 1.78 -1.82 23.37
CA ALA C 320 1.70 -0.37 23.40
C ALA C 320 1.89 0.18 21.99
N TRP C 321 0.96 1.07 21.60
CA TRP C 321 1.11 1.93 20.43
C TRP C 321 1.79 3.24 20.79
N TYR C 322 2.30 3.94 19.77
CA TYR C 322 2.91 5.24 19.94
C TYR C 322 3.16 5.85 18.57
N ASP C 323 2.77 7.11 18.39
CA ASP C 323 3.18 7.81 17.17
C ASP C 323 4.70 7.95 17.18
N ASN C 324 5.35 7.22 16.29
CA ASN C 324 6.79 7.03 16.37
C ASN C 324 7.54 8.27 15.87
N GLU C 325 6.82 9.27 15.35
CA GLU C 325 7.44 10.53 14.97
C GLU C 325 7.16 11.61 16.00
N TRP C 326 5.93 11.62 16.53
CA TRP C 326 5.33 12.77 17.18
C TRP C 326 5.50 12.68 18.70
N GLY C 327 5.40 11.47 19.25
CA GLY C 327 5.78 11.25 20.62
C GLY C 327 7.21 11.70 20.85
N TYR C 328 8.12 11.20 20.02
CA TYR C 328 9.55 11.45 20.16
C TYR C 328 9.90 12.91 19.88
N ALA C 329 8.98 13.65 19.24
CA ALA C 329 9.16 15.07 18.97
C ALA C 329 8.84 15.87 20.22
N ASN C 330 7.68 15.60 20.82
CA ASN C 330 7.26 16.29 22.04
C ASN C 330 8.16 15.92 23.22
N ARG C 331 8.91 14.83 23.11
CA ARG C 331 9.82 14.42 24.17
C ARG C 331 11.15 15.15 24.04
N LEU C 332 11.51 15.56 22.81
CA LEU C 332 12.67 16.41 22.63
C LEU C 332 12.35 17.81 23.15
N LEU C 333 11.07 18.20 23.06
CA LEU C 333 10.62 19.48 23.57
C LEU C 333 10.46 19.39 25.09
N ASP C 334 9.74 18.37 25.56
CA ASP C 334 9.41 18.25 26.98
C ASP C 334 10.69 18.22 27.83
N LEU C 335 11.78 17.70 27.25
CA LEU C 335 13.09 17.59 27.89
C LEU C 335 13.77 18.96 28.01
N CYS C 336 13.67 19.77 26.94
CA CYS C 336 14.22 21.12 26.92
C CYS C 336 13.50 22.04 27.90
N ASP C 337 12.26 21.71 28.28
CA ASP C 337 11.50 22.50 29.23
C ASP C 337 11.90 22.11 30.66
N SER C 338 12.68 21.02 30.81
CA SER C 338 13.06 20.52 32.13
C SER C 338 14.37 21.16 32.61
N PHE C 339 15.06 21.92 31.76
CA PHE C 339 16.39 22.41 32.09
C PHE C 339 16.36 23.76 32.81
N LYS C 340 15.29 24.55 32.63
CA LYS C 340 15.21 25.86 33.26
C LYS C 340 15.29 25.70 34.77
N SER C 341 14.59 24.69 35.31
CA SER C 341 14.56 24.37 36.72
C SER C 341 15.64 25.16 37.48
N MET D 1 -35.77 26.72 10.57
CA MET D 1 -34.79 25.60 10.46
C MET D 1 -35.50 24.36 9.90
N GLN D 2 -35.09 23.95 8.70
CA GLN D 2 -35.52 22.67 8.15
C GLN D 2 -34.83 21.54 8.91
N ARG D 3 -35.31 20.32 8.68
CA ARG D 3 -34.91 19.13 9.43
C ARG D 3 -34.50 18.03 8.43
N ILE D 4 -33.32 17.42 8.65
CA ILE D 4 -32.65 16.61 7.64
C ILE D 4 -32.27 15.23 8.19
N ALA D 5 -32.72 14.17 7.50
CA ALA D 5 -32.37 12.81 7.86
C ALA D 5 -31.22 12.31 6.97
N ILE D 6 -30.67 11.14 7.33
CA ILE D 6 -29.58 10.52 6.58
C ILE D 6 -29.83 9.02 6.58
N ASN D 7 -30.52 8.50 5.56
CA ASN D 7 -30.56 7.06 5.38
C ASN D 7 -29.18 6.64 4.88
N GLY D 8 -28.41 5.97 5.74
CA GLY D 8 -27.10 5.44 5.37
C GLY D 8 -25.98 6.19 6.10
N PHE D 9 -25.40 5.53 7.11
CA PHE D 9 -24.34 6.12 7.90
C PHE D 9 -23.02 5.45 7.50
N GLY D 10 -22.67 5.61 6.22
CA GLY D 10 -21.38 5.21 5.69
C GLY D 10 -20.53 6.44 5.35
N ARG D 11 -19.36 6.19 4.75
CA ARG D 11 -18.38 7.21 4.41
C ARG D 11 -19.06 8.56 4.16
N ILE D 12 -20.07 8.56 3.28
CA ILE D 12 -20.76 9.79 2.90
C ILE D 12 -21.62 10.25 4.07
N GLY D 13 -22.60 9.43 4.46
CA GLY D 13 -23.52 9.76 5.54
C GLY D 13 -22.80 10.36 6.76
N ARG D 14 -21.72 9.70 7.18
CA ARG D 14 -21.02 10.07 8.41
C ARG D 14 -20.27 11.38 8.21
N ASN D 15 -19.54 11.49 7.09
CA ASN D 15 -18.72 12.67 6.83
C ASN D 15 -19.61 13.87 6.56
N VAL D 16 -20.87 13.61 6.19
CA VAL D 16 -21.88 14.66 6.12
C VAL D 16 -22.07 15.27 7.51
N LEU D 17 -22.42 14.41 8.47
CA LEU D 17 -22.72 14.81 9.85
C LEU D 17 -21.53 15.56 10.46
N ARG D 18 -20.30 15.10 10.16
CA ARG D 18 -19.08 15.74 10.63
C ARG D 18 -18.96 17.16 10.08
N ALA D 19 -19.02 17.28 8.74
CA ALA D 19 -18.81 18.54 8.07
C ALA D 19 -19.74 19.61 8.64
N TRP D 20 -20.98 19.21 8.96
CA TRP D 20 -21.93 20.08 9.64
C TRP D 20 -21.26 20.81 10.80
N PHE D 21 -20.42 20.08 11.55
CA PHE D 21 -19.80 20.62 12.76
C PHE D 21 -18.48 21.31 12.41
N GLU D 22 -17.63 20.63 11.63
CA GLU D 22 -16.26 21.08 11.38
C GLU D 22 -16.28 22.28 10.43
N SER D 23 -17.46 22.56 9.85
CA SER D 23 -17.68 23.71 8.99
C SER D 23 -17.61 25.00 9.80
N PRO D 24 -16.87 26.03 9.34
CA PRO D 24 -16.92 27.36 9.95
C PRO D 24 -18.20 28.16 9.69
N LYS D 25 -18.79 28.00 8.49
CA LYS D 25 -20.13 28.51 8.22
C LYS D 25 -21.13 27.61 8.93
N GLN D 26 -22.09 28.21 9.66
CA GLN D 26 -23.09 27.45 10.38
C GLN D 26 -24.36 27.37 9.54
N PHE D 27 -24.89 26.16 9.42
CA PHE D 27 -26.04 25.92 8.57
C PHE D 27 -27.31 26.23 9.35
N HIS D 28 -28.27 26.88 8.68
CA HIS D 28 -29.51 27.30 9.32
C HIS D 28 -30.37 26.08 9.68
N PHE D 29 -30.09 24.93 9.03
CA PHE D 29 -30.82 23.70 9.28
C PHE D 29 -30.07 22.84 10.30
N GLU D 30 -30.69 21.72 10.68
CA GLU D 30 -30.11 20.77 11.63
C GLU D 30 -30.36 19.35 11.16
N ILE D 31 -29.41 18.45 11.47
CA ILE D 31 -29.57 17.03 11.23
C ILE D 31 -30.19 16.41 12.48
N VAL D 32 -31.30 15.70 12.31
CA VAL D 32 -32.13 15.34 13.47
C VAL D 32 -32.42 13.84 13.50
N ALA D 33 -31.95 13.08 12.50
CA ALA D 33 -32.18 11.65 12.51
C ALA D 33 -31.24 10.95 11.54
N ILE D 34 -30.79 9.75 11.93
CA ILE D 34 -30.03 8.90 11.04
C ILE D 34 -30.61 7.49 11.13
N ASN D 35 -30.34 6.69 10.08
CA ASN D 35 -30.78 5.31 10.01
C ASN D 35 -29.66 4.46 9.44
N ASP D 36 -29.60 3.20 9.90
CA ASP D 36 -28.62 2.26 9.41
C ASP D 36 -28.94 0.89 9.98
N ILE D 37 -28.63 -0.15 9.19
CA ILE D 37 -28.77 -1.53 9.62
C ILE D 37 -27.94 -1.77 10.88
N ALA D 38 -26.76 -1.15 10.95
CA ALA D 38 -25.84 -1.36 12.05
C ALA D 38 -26.45 -0.84 13.35
N ASP D 39 -25.92 -1.33 14.47
CA ASP D 39 -26.38 -0.93 15.80
C ASP D 39 -25.64 0.33 16.24
N VAL D 40 -26.35 1.17 16.98
CA VAL D 40 -25.86 2.48 17.37
C VAL D 40 -24.38 2.42 17.76
N HIS D 41 -24.00 1.46 18.60
CA HIS D 41 -22.66 1.46 19.20
C HIS D 41 -21.60 1.47 18.10
N THR D 42 -21.87 0.75 17.02
CA THR D 42 -20.94 0.62 15.92
C THR D 42 -20.88 1.89 15.09
N LEU D 43 -22.03 2.51 14.81
CA LEU D 43 -22.06 3.79 14.10
C LEU D 43 -21.22 4.82 14.87
N VAL D 44 -21.30 4.76 16.21
CA VAL D 44 -20.67 5.75 17.06
C VAL D 44 -19.16 5.57 17.04
N HIS D 45 -18.69 4.32 17.17
CA HIS D 45 -17.27 4.02 16.99
C HIS D 45 -16.76 4.75 15.75
N LEU D 46 -17.40 4.45 14.61
CA LEU D 46 -16.90 4.83 13.30
C LEU D 46 -17.17 6.31 13.04
N PHE D 47 -18.13 6.88 13.76
CA PHE D 47 -18.38 8.30 13.67
C PHE D 47 -17.22 9.06 14.34
N LYS D 48 -16.65 8.43 15.39
CA LYS D 48 -15.60 9.00 16.20
C LYS D 48 -14.23 8.69 15.59
N TYR D 49 -14.07 7.47 15.06
CA TYR D 49 -12.79 6.95 14.63
C TYR D 49 -12.79 6.68 13.13
N ASP D 50 -12.01 7.47 12.38
CA ASP D 50 -11.92 7.31 10.94
C ASP D 50 -10.44 7.23 10.58
N SER D 51 -10.12 6.35 9.61
CA SER D 51 -8.76 6.09 9.19
C SER D 51 -8.28 7.23 8.29
N THR D 52 -9.22 7.77 7.51
CA THR D 52 -8.93 8.78 6.52
C THR D 52 -8.82 10.15 7.18
N HIS D 53 -9.87 10.54 7.91
CA HIS D 53 -10.03 11.90 8.41
C HIS D 53 -9.75 12.05 9.91
N GLY D 54 -9.62 10.93 10.64
CA GLY D 54 -9.07 10.96 11.99
C GLY D 54 -10.13 11.15 13.07
N ARG D 55 -9.66 11.21 14.33
CA ARG D 55 -10.55 11.21 15.50
C ARG D 55 -11.49 12.40 15.39
N PHE D 56 -12.80 12.12 15.46
CA PHE D 56 -13.81 13.15 15.57
C PHE D 56 -13.52 13.96 16.83
N ASN D 57 -13.58 15.29 16.72
CA ASN D 57 -13.24 16.14 17.84
C ASN D 57 -14.52 16.65 18.52
N GLY D 58 -15.06 15.83 19.42
CA GLY D 58 -16.28 16.15 20.14
C GLY D 58 -16.76 14.95 20.97
N LYS D 59 -17.73 15.19 21.85
CA LYS D 59 -18.28 14.13 22.68
C LYS D 59 -19.52 13.58 22.00
N VAL D 60 -19.79 12.29 22.21
CA VAL D 60 -20.93 11.62 21.62
C VAL D 60 -21.65 10.83 22.71
N ASP D 61 -22.80 11.37 23.16
CA ASP D 61 -23.56 10.76 24.24
C ASP D 61 -24.69 9.94 23.62
N ILE D 62 -24.58 8.62 23.75
CA ILE D 62 -25.64 7.71 23.35
C ILE D 62 -26.72 7.75 24.42
N THR D 63 -27.93 8.19 24.06
CA THR D 63 -29.06 8.21 24.97
C THR D 63 -30.04 7.12 24.51
N ILE D 64 -30.46 6.27 25.46
CA ILE D 64 -31.50 5.30 25.22
C ILE D 64 -32.74 5.74 25.99
N GLU D 65 -33.90 5.70 25.33
CA GLU D 65 -35.15 5.95 26.02
C GLU D 65 -35.97 4.67 25.92
N ASN D 66 -37.26 4.76 26.27
CA ASN D 66 -38.09 3.60 26.46
C ASN D 66 -38.05 2.70 25.22
N GLU D 67 -37.87 3.32 24.04
CA GLU D 67 -37.69 2.59 22.80
C GLU D 67 -36.75 3.37 21.87
N LYS D 68 -36.95 4.70 21.78
CA LYS D 68 -36.18 5.57 20.91
C LYS D 68 -34.73 5.66 21.40
N ILE D 69 -33.78 5.63 20.45
CA ILE D 69 -32.38 5.91 20.71
C ILE D 69 -32.08 7.31 20.18
N TYR D 70 -31.20 8.05 20.86
CA TYR D 70 -30.75 9.37 20.39
C TYR D 70 -29.22 9.42 20.47
N LEU D 71 -28.67 10.43 19.81
CA LEU D 71 -27.25 10.75 19.87
C LEU D 71 -27.12 12.23 20.19
N ASN D 72 -26.63 12.55 21.39
CA ASN D 72 -26.20 13.89 21.70
C ASN D 72 -24.76 14.04 21.23
N ILE D 73 -24.55 15.03 20.36
CA ILE D 73 -23.23 15.24 19.79
C ILE D 73 -22.86 16.69 20.04
N GLN D 74 -21.68 16.90 20.62
CA GLN D 74 -21.19 18.22 20.97
C GLN D 74 -19.84 18.40 20.29
N SER D 75 -19.70 19.47 19.49
CA SER D 75 -18.44 19.80 18.86
C SER D 75 -18.45 21.22 18.31
N ASN D 76 -17.27 21.82 18.17
CA ASN D 76 -17.08 23.17 17.65
C ASN D 76 -18.19 24.09 18.15
N GLN D 77 -18.51 23.98 19.45
CA GLN D 77 -19.48 24.84 20.13
C GLN D 77 -20.90 24.66 19.56
N ARG D 78 -21.19 23.48 19.00
CA ARG D 78 -22.49 23.18 18.44
C ARG D 78 -22.99 21.86 19.00
N LEU D 79 -24.32 21.71 19.12
CA LEU D 79 -24.91 20.56 19.78
C LEU D 79 -26.10 20.07 18.96
N LEU D 80 -26.10 18.76 18.64
CA LEU D 80 -27.21 18.13 17.95
C LEU D 80 -27.77 17.01 18.82
N LYS D 81 -29.12 16.92 18.85
CA LYS D 81 -29.81 15.74 19.37
C LYS D 81 -30.37 14.97 18.18
N VAL D 82 -29.87 13.76 17.96
CA VAL D 82 -30.01 13.04 16.71
C VAL D 82 -30.60 11.65 16.96
N GLU D 83 -31.85 11.41 16.52
CA GLU D 83 -32.48 10.11 16.68
C GLU D 83 -31.79 9.08 15.79
N VAL D 84 -31.60 7.85 16.30
CA VAL D 84 -31.02 6.75 15.54
C VAL D 84 -32.11 5.72 15.28
N LEU D 85 -32.00 5.04 14.14
CA LEU D 85 -32.98 4.08 13.70
C LEU D 85 -32.31 2.84 13.11
N GLN D 86 -33.07 1.76 12.98
CA GLN D 86 -32.56 0.51 12.48
C GLN D 86 -33.67 -0.20 11.70
N GLN D 87 -33.90 0.29 10.47
CA GLN D 87 -34.99 -0.18 9.62
C GLN D 87 -34.52 -0.18 8.16
N LYS D 88 -34.44 -1.39 7.58
CA LYS D 88 -33.93 -1.61 6.24
C LYS D 88 -34.81 -0.91 5.21
N GLN D 89 -36.13 -1.07 5.38
CA GLN D 89 -37.12 -0.61 4.40
C GLN D 89 -37.51 0.83 4.70
N PRO D 90 -37.10 1.80 3.84
CA PRO D 90 -37.30 3.22 4.12
C PRO D 90 -38.75 3.68 4.06
N GLU D 91 -39.62 2.81 3.56
CA GLU D 91 -41.06 3.05 3.49
C GLU D 91 -41.65 3.12 4.90
N LEU D 92 -41.14 2.26 5.79
CA LEU D 92 -41.68 2.15 7.13
C LEU D 92 -41.06 3.19 8.07
N LEU D 93 -39.90 3.76 7.69
CA LEU D 93 -39.21 4.73 8.52
C LEU D 93 -40.18 5.85 8.91
N PRO D 94 -40.07 6.39 10.15
CA PRO D 94 -41.03 7.40 10.63
C PRO D 94 -40.52 8.81 10.34
N TRP D 95 -40.41 9.16 9.06
CA TRP D 95 -40.12 10.53 8.67
C TRP D 95 -41.35 11.38 8.96
N ALA D 96 -42.54 10.78 8.79
CA ALA D 96 -43.81 11.41 9.14
C ALA D 96 -43.68 12.11 10.49
N SER D 97 -43.37 11.31 11.51
CA SER D 97 -43.27 11.77 12.90
C SER D 97 -42.36 12.99 12.97
N LEU D 98 -41.09 12.81 12.58
CA LEU D 98 -40.01 13.73 12.92
C LEU D 98 -40.01 14.98 12.04
N LYS D 99 -40.91 15.05 11.05
CA LYS D 99 -41.11 16.24 10.22
C LYS D 99 -39.89 16.47 9.30
N ILE D 100 -39.38 15.36 8.73
CA ILE D 100 -38.20 15.37 7.88
C ILE D 100 -38.45 16.23 6.64
N ASP D 101 -37.86 17.42 6.60
CA ASP D 101 -37.96 18.30 5.45
C ASP D 101 -37.13 17.77 4.28
N VAL D 102 -36.07 17.00 4.58
CA VAL D 102 -35.15 16.48 3.56
C VAL D 102 -34.55 15.17 4.05
N VAL D 103 -34.59 14.13 3.20
CA VAL D 103 -33.74 12.96 3.41
C VAL D 103 -32.50 13.16 2.54
N LEU D 104 -31.36 12.67 3.01
CA LEU D 104 -30.19 12.48 2.17
C LEU D 104 -30.01 10.97 2.00
N GLU D 105 -30.35 10.46 0.80
CA GLU D 105 -30.38 9.03 0.57
C GLU D 105 -28.96 8.57 0.21
N CYS D 106 -28.17 8.26 1.26
CA CYS D 106 -26.74 8.05 1.15
C CYS D 106 -26.36 6.58 1.34
N THR D 107 -27.24 5.66 0.90
CA THR D 107 -26.99 4.23 0.98
C THR D 107 -26.46 3.72 -0.36
N GLY D 108 -26.89 4.35 -1.45
CA GLY D 108 -26.63 3.88 -2.79
C GLY D 108 -27.42 2.62 -3.12
N LEU D 109 -28.62 2.50 -2.52
CA LEU D 109 -29.46 1.32 -2.69
C LEU D 109 -30.88 1.71 -3.10
N PHE D 110 -31.15 3.02 -3.16
CA PHE D 110 -32.47 3.53 -3.50
C PHE D 110 -32.32 4.71 -4.45
N ARG D 111 -32.00 4.40 -5.71
CA ARG D 111 -31.55 5.41 -6.66
C ARG D 111 -32.58 5.59 -7.78
N SER D 112 -33.55 4.66 -7.88
CA SER D 112 -34.68 4.86 -8.77
C SER D 112 -35.64 5.87 -8.14
N HIS D 113 -36.50 6.47 -8.98
CA HIS D 113 -37.55 7.35 -8.49
C HIS D 113 -38.46 6.59 -7.52
N ALA D 114 -38.74 5.32 -7.84
CA ALA D 114 -39.68 4.51 -7.09
C ALA D 114 -39.14 4.17 -5.70
N ASP D 115 -37.87 3.77 -5.65
CA ASP D 115 -37.22 3.39 -4.41
C ASP D 115 -36.99 4.60 -3.52
N ALA D 116 -36.72 5.76 -4.13
CA ALA D 116 -36.52 7.00 -3.40
C ALA D 116 -37.86 7.55 -2.92
N THR D 117 -38.94 7.26 -3.66
CA THR D 117 -40.28 7.71 -3.31
C THR D 117 -40.73 7.03 -2.00
N ARG D 118 -40.10 5.90 -1.67
CA ARG D 118 -40.36 5.20 -0.42
C ARG D 118 -40.15 6.13 0.77
N HIS D 119 -39.31 7.17 0.60
CA HIS D 119 -39.04 8.15 1.64
C HIS D 119 -40.16 9.18 1.70
N LEU D 120 -40.73 9.53 0.54
CA LEU D 120 -41.87 10.41 0.47
C LEU D 120 -43.09 9.71 1.07
N GLU D 121 -43.22 8.41 0.80
CA GLU D 121 -44.27 7.58 1.37
C GLU D 121 -44.18 7.60 2.90
N ALA D 122 -42.95 7.50 3.41
CA ALA D 122 -42.72 7.44 4.84
C ALA D 122 -43.14 8.74 5.53
N GLY D 123 -43.13 9.86 4.77
CA GLY D 123 -43.65 11.12 5.26
C GLY D 123 -42.73 12.31 4.96
N ALA D 124 -41.52 12.02 4.46
CA ALA D 124 -40.56 13.07 4.14
C ALA D 124 -41.12 13.98 3.03
N LYS D 125 -40.87 15.27 3.17
CA LYS D 125 -41.37 16.26 2.21
C LYS D 125 -40.51 16.23 0.95
N ARG D 126 -39.20 16.02 1.09
CA ARG D 126 -38.27 16.05 -0.03
C ARG D 126 -37.15 15.03 0.16
N VAL D 127 -36.69 14.43 -0.96
CA VAL D 127 -35.58 13.48 -0.95
C VAL D 127 -34.41 14.09 -1.73
N ILE D 128 -33.22 13.49 -1.56
CA ILE D 128 -32.05 13.73 -2.40
C ILE D 128 -31.22 12.45 -2.43
N ILE D 129 -31.07 11.86 -3.61
CA ILE D 129 -30.16 10.73 -3.76
C ILE D 129 -28.74 11.31 -3.79
N GLY D 130 -27.86 10.75 -2.94
CA GLY D 130 -26.46 11.13 -2.90
C GLY D 130 -25.65 10.26 -3.86
N ALA D 131 -26.09 10.22 -5.13
CA ALA D 131 -25.44 9.46 -6.19
C ALA D 131 -25.77 10.11 -7.54
N ALA D 132 -25.36 9.47 -8.63
CA ALA D 132 -25.98 9.73 -9.92
C ALA D 132 -27.35 9.06 -9.95
N PRO D 133 -28.35 9.63 -10.67
CA PRO D 133 -29.66 8.98 -10.82
C PRO D 133 -29.57 7.57 -11.39
N PHE D 134 -30.68 6.83 -11.32
CA PHE D 134 -30.80 5.53 -11.98
C PHE D 134 -31.90 5.56 -13.04
N ASP D 135 -32.89 6.46 -12.86
CA ASP D 135 -33.86 6.73 -13.90
C ASP D 135 -34.31 8.18 -13.78
N HIS D 136 -35.53 8.40 -13.27
CA HIS D 136 -36.15 9.72 -13.30
C HIS D 136 -35.74 10.46 -12.03
N VAL D 137 -35.47 11.77 -12.19
CA VAL D 137 -35.21 12.67 -11.08
C VAL D 137 -35.74 14.04 -11.48
N ASP D 138 -36.43 14.70 -10.56
CA ASP D 138 -37.13 15.94 -10.86
C ASP D 138 -36.13 17.08 -11.04
N ALA D 139 -34.85 16.78 -10.72
CA ALA D 139 -33.71 17.50 -11.25
C ALA D 139 -32.44 16.71 -10.93
N ALA D 140 -31.30 17.12 -11.49
CA ALA D 140 -30.00 16.62 -11.08
C ALA D 140 -29.05 17.81 -10.94
N ILE D 141 -28.65 18.09 -9.69
CA ILE D 141 -28.06 19.36 -9.35
C ILE D 141 -26.55 19.20 -9.13
N VAL D 142 -25.82 20.27 -9.48
CA VAL D 142 -24.43 20.44 -9.13
C VAL D 142 -24.29 21.81 -8.49
N TYR D 143 -24.08 21.83 -7.17
CA TYR D 143 -23.99 23.09 -6.44
C TYR D 143 -22.88 23.95 -7.05
N GLY D 144 -23.17 25.24 -7.22
CA GLY D 144 -22.26 26.23 -7.80
C GLY D 144 -22.50 26.45 -9.29
N VAL D 145 -23.56 25.83 -9.83
CA VAL D 145 -23.76 25.74 -11.27
C VAL D 145 -25.25 25.89 -11.58
N ASN D 146 -26.06 24.91 -11.14
CA ASN D 146 -27.48 24.88 -11.42
C ASN D 146 -28.26 24.51 -10.16
N HIS D 147 -27.85 25.09 -9.03
CA HIS D 147 -28.49 24.83 -7.75
C HIS D 147 -29.73 25.71 -7.59
N ALA D 148 -29.78 26.78 -8.38
CA ALA D 148 -30.93 27.68 -8.40
C ALA D 148 -32.03 27.14 -9.31
N ASP D 149 -31.66 26.22 -10.23
CA ASP D 149 -32.61 25.54 -11.08
C ASP D 149 -33.56 24.67 -10.26
N VAL D 150 -33.36 24.60 -8.95
CA VAL D 150 -34.26 23.83 -8.10
C VAL D 150 -35.65 24.47 -8.16
N LYS D 151 -36.57 23.78 -8.82
CA LYS D 151 -37.97 24.14 -8.74
C LYS D 151 -38.43 23.86 -7.31
N ALA D 152 -39.34 24.70 -6.81
CA ALA D 152 -40.03 24.45 -5.56
C ALA D 152 -40.63 23.03 -5.58
N THR D 153 -41.44 22.75 -6.61
CA THR D 153 -42.21 21.52 -6.70
C THR D 153 -41.30 20.28 -6.57
N ASP D 154 -40.08 20.37 -7.11
CA ASP D 154 -39.17 19.23 -7.21
C ASP D 154 -39.02 18.51 -5.88
N GLN D 155 -39.42 17.24 -5.84
CA GLN D 155 -39.28 16.43 -4.64
C GLN D 155 -37.99 15.62 -4.73
N ILE D 156 -38.02 14.52 -5.48
CA ILE D 156 -36.87 13.64 -5.60
C ILE D 156 -35.81 14.35 -6.46
N ILE D 157 -34.66 14.66 -5.84
CA ILE D 157 -33.52 15.28 -6.49
C ILE D 157 -32.37 14.28 -6.47
N SER D 158 -31.31 14.60 -7.22
CA SER D 158 -30.02 13.95 -7.08
C SER D 158 -28.93 15.01 -7.04
N SER D 159 -27.80 14.66 -6.42
CA SER D 159 -26.67 15.55 -6.28
C SER D 159 -25.46 14.93 -7.00
N VAL D 160 -25.74 14.08 -7.99
CA VAL D 160 -24.72 13.48 -8.84
C VAL D 160 -23.64 12.86 -7.96
N SER D 161 -22.44 12.64 -8.52
CA SER D 161 -21.33 12.13 -7.71
C SER D 161 -20.27 13.22 -7.52
N CYS D 162 -19.35 12.95 -6.58
CA CYS D 162 -18.18 13.77 -6.34
C CYS D 162 -17.47 14.08 -7.65
N THR D 163 -17.37 13.06 -8.51
CA THR D 163 -16.69 13.16 -9.80
C THR D 163 -17.39 14.23 -10.64
N THR D 164 -18.72 14.18 -10.65
CA THR D 164 -19.55 15.05 -11.48
C THR D 164 -19.51 16.48 -10.95
N GLN D 165 -19.38 16.60 -9.62
CA GLN D 165 -19.30 17.91 -8.98
C GLN D 165 -18.07 18.67 -9.51
N ALA D 166 -17.03 17.93 -9.93
CA ALA D 166 -15.78 18.53 -10.39
C ALA D 166 -15.78 18.70 -11.91
N LEU D 167 -16.26 17.68 -12.63
CA LEU D 167 -16.21 17.68 -14.08
C LEU D 167 -16.98 18.87 -14.63
N VAL D 168 -18.22 19.01 -14.15
CA VAL D 168 -19.17 19.95 -14.70
C VAL D 168 -18.63 21.38 -14.69
N PRO D 169 -18.20 21.97 -13.55
CA PRO D 169 -17.60 23.30 -13.57
C PRO D 169 -16.61 23.47 -14.73
N LEU D 170 -15.58 22.61 -14.76
CA LEU D 170 -14.57 22.66 -15.81
C LEU D 170 -15.23 22.80 -17.17
N VAL D 171 -16.09 21.83 -17.52
CA VAL D 171 -16.75 21.82 -18.82
C VAL D 171 -17.44 23.17 -19.03
N LYS D 172 -18.31 23.56 -18.10
CA LYS D 172 -19.13 24.76 -18.24
C LYS D 172 -18.23 26.00 -18.43
N ILE D 173 -17.17 26.11 -17.64
CA ILE D 173 -16.29 27.26 -17.71
C ILE D 173 -15.60 27.29 -19.08
N ILE D 174 -15.02 26.16 -19.51
CA ILE D 174 -14.26 26.10 -20.75
C ILE D 174 -15.21 26.26 -21.94
N ASP D 175 -16.29 25.47 -21.99
CA ASP D 175 -17.20 25.48 -23.13
C ASP D 175 -17.80 26.88 -23.29
N ASP D 176 -18.26 27.46 -22.19
CA ASP D 176 -18.89 28.77 -22.22
C ASP D 176 -17.86 29.85 -22.57
N ALA D 177 -16.58 29.49 -22.58
CA ALA D 177 -15.51 30.43 -22.90
C ALA D 177 -14.94 30.14 -24.28
N PHE D 178 -14.32 28.95 -24.45
CA PHE D 178 -13.59 28.64 -25.67
C PHE D 178 -14.40 27.70 -26.56
N GLY D 179 -15.44 27.08 -26.00
CA GLY D 179 -16.26 26.15 -26.76
C GLY D 179 -15.58 24.79 -26.87
N ILE D 180 -16.25 23.74 -26.38
CA ILE D 180 -15.69 22.40 -26.39
C ILE D 180 -16.38 21.59 -27.48
N GLU D 181 -15.62 21.21 -28.52
CA GLU D 181 -16.14 20.35 -29.56
C GLU D 181 -16.43 19.00 -28.93
N THR D 182 -15.37 18.31 -28.52
CA THR D 182 -15.48 17.03 -27.85
C THR D 182 -14.42 17.01 -26.75
N ALA D 183 -14.68 16.23 -25.69
CA ALA D 183 -13.78 16.18 -24.55
C ALA D 183 -13.79 14.80 -23.91
N LEU D 184 -12.62 14.34 -23.46
CA LEU D 184 -12.50 13.03 -22.82
C LEU D 184 -11.96 13.19 -21.41
N MET D 185 -12.40 12.30 -20.52
CA MET D 185 -12.09 12.41 -19.10
C MET D 185 -11.42 11.14 -18.59
N THR D 186 -10.29 11.31 -17.90
CA THR D 186 -9.60 10.22 -17.22
C THR D 186 -9.57 10.55 -15.73
N GLU D 187 -10.24 9.73 -14.91
CA GLU D 187 -10.31 9.94 -13.47
C GLU D 187 -9.38 8.97 -12.75
N ILE D 188 -8.51 9.51 -11.88
CA ILE D 188 -7.67 8.69 -11.02
C ILE D 188 -8.29 8.75 -9.61
N HIS D 189 -8.98 7.67 -9.22
CA HIS D 189 -9.70 7.65 -7.96
C HIS D 189 -8.96 6.72 -6.99
N ALA D 190 -8.95 7.11 -5.71
CA ALA D 190 -8.46 6.27 -4.64
C ALA D 190 -9.41 5.10 -4.41
N VAL D 191 -9.00 4.14 -3.57
CA VAL D 191 -9.81 2.96 -3.32
C VAL D 191 -11.17 3.43 -2.80
N THR D 192 -12.21 2.62 -3.06
CA THR D 192 -13.56 2.89 -2.61
C THR D 192 -14.09 1.64 -1.93
N ALA D 193 -15.21 1.79 -1.21
CA ALA D 193 -15.79 0.70 -0.41
C ALA D 193 -16.24 -0.48 -1.28
N ASP D 194 -16.74 -0.20 -2.48
CA ASP D 194 -17.17 -1.24 -3.38
C ASP D 194 -16.06 -2.25 -3.70
N GLN D 195 -14.80 -1.80 -3.69
CA GLN D 195 -13.68 -2.65 -4.06
C GLN D 195 -13.45 -3.74 -3.01
N SER D 196 -12.62 -4.73 -3.36
CA SER D 196 -12.36 -5.85 -2.44
C SER D 196 -10.89 -5.83 -2.00
N VAL D 197 -10.64 -6.43 -0.84
CA VAL D 197 -9.30 -6.50 -0.25
C VAL D 197 -8.47 -7.53 -1.00
N LEU D 198 -9.07 -8.70 -1.25
CA LEU D 198 -8.47 -9.71 -2.12
C LEU D 198 -9.44 -10.03 -3.25
N ASP D 199 -8.94 -10.78 -4.25
CA ASP D 199 -9.74 -11.20 -5.38
C ASP D 199 -10.95 -11.97 -4.87
N HIS D 200 -12.13 -11.33 -4.95
CA HIS D 200 -13.40 -11.92 -4.51
C HIS D 200 -14.36 -11.91 -5.70
N ALA D 201 -15.38 -12.78 -5.65
CA ALA D 201 -16.43 -12.81 -6.66
C ALA D 201 -17.20 -11.49 -6.61
N HIS D 202 -17.53 -10.95 -7.79
CA HIS D 202 -18.14 -9.64 -7.92
C HIS D 202 -18.68 -9.56 -9.35
N ARG D 203 -19.69 -8.72 -9.59
CA ARG D 203 -20.24 -8.57 -10.93
C ARG D 203 -19.22 -7.84 -11.81
N ASP D 204 -18.69 -6.70 -11.34
CA ASP D 204 -17.63 -5.99 -12.05
C ASP D 204 -16.28 -6.67 -11.80
N LEU D 205 -15.79 -7.41 -12.82
CA LEU D 205 -14.60 -8.23 -12.69
C LEU D 205 -13.33 -7.37 -12.62
N ARG D 206 -13.47 -6.07 -12.87
N ARG D 206 -13.46 -6.06 -12.89
CA ARG D 206 -12.38 -5.12 -12.65
CA ARG D 206 -12.41 -5.11 -12.65
C ARG D 206 -12.28 -4.84 -11.15
C ARG D 206 -12.28 -4.87 -11.14
N ARG D 207 -13.42 -4.64 -10.48
CA ARG D 207 -13.46 -4.25 -9.08
C ARG D 207 -13.41 -5.44 -8.13
N ALA D 208 -13.49 -6.66 -8.69
CA ALA D 208 -13.31 -7.89 -7.94
C ALA D 208 -11.92 -7.97 -7.34
N ARG D 209 -10.97 -7.26 -7.97
CA ARG D 209 -9.56 -7.52 -7.78
C ARG D 209 -9.01 -6.68 -6.62
N ALA D 210 -7.94 -7.22 -6.03
CA ALA D 210 -7.33 -6.73 -4.80
C ALA D 210 -6.99 -5.25 -4.93
N SER D 211 -7.70 -4.44 -4.15
CA SER D 211 -7.75 -2.99 -4.34
C SER D 211 -6.42 -2.33 -4.01
N GLY D 212 -5.69 -2.95 -3.07
CA GLY D 212 -4.45 -2.40 -2.55
C GLY D 212 -3.26 -2.48 -3.52
N GLN D 213 -3.29 -3.40 -4.50
CA GLN D 213 -2.10 -3.72 -5.26
C GLN D 213 -2.35 -3.64 -6.78
N ASN D 214 -3.40 -2.92 -7.18
CA ASN D 214 -3.78 -2.93 -8.58
C ASN D 214 -4.24 -1.55 -9.02
N ILE D 215 -3.71 -1.15 -10.19
CA ILE D 215 -4.30 -0.11 -11.02
C ILE D 215 -5.48 -0.76 -11.72
N ILE D 216 -6.69 -0.29 -11.39
CA ILE D 216 -7.94 -0.90 -11.81
C ILE D 216 -8.77 0.14 -12.55
N PRO D 217 -8.81 0.09 -13.90
CA PRO D 217 -9.60 1.05 -14.68
C PRO D 217 -11.05 0.61 -14.62
N THR D 218 -12.01 1.51 -14.91
CA THR D 218 -13.39 1.09 -14.86
C THR D 218 -14.32 2.22 -15.30
N THR D 219 -15.61 2.03 -15.01
CA THR D 219 -16.68 2.88 -15.49
C THR D 219 -16.76 4.12 -14.61
N SER D 220 -17.73 4.99 -14.90
CA SER D 220 -17.92 6.21 -14.15
C SER D 220 -19.23 6.85 -14.57
N SER D 221 -20.28 6.69 -13.75
CA SER D 221 -21.56 7.27 -14.11
C SER D 221 -21.56 8.76 -13.75
N ALA D 222 -20.43 9.42 -13.99
CA ALA D 222 -20.33 10.87 -13.92
C ALA D 222 -20.76 11.49 -15.23
N LEU D 223 -20.53 10.76 -16.33
CA LEU D 223 -20.84 11.23 -17.67
C LEU D 223 -22.36 11.23 -17.84
N GLY D 224 -22.97 10.06 -17.61
CA GLY D 224 -24.40 9.88 -17.65
C GLY D 224 -25.14 10.94 -16.84
N ALA D 225 -24.52 11.37 -15.73
CA ALA D 225 -25.03 12.47 -14.93
C ALA D 225 -24.78 13.81 -15.63
N LEU D 226 -23.56 14.04 -16.09
CA LEU D 226 -23.19 15.33 -16.68
C LEU D 226 -24.15 15.67 -17.82
N LYS D 227 -24.64 14.64 -18.50
CA LYS D 227 -25.57 14.81 -19.61
C LYS D 227 -26.93 15.27 -19.08
N ARG D 228 -27.38 14.71 -17.94
CA ARG D 228 -28.63 15.11 -17.32
C ARG D 228 -28.55 16.56 -16.84
N VAL D 229 -27.34 17.01 -16.52
CA VAL D 229 -27.11 18.37 -16.05
C VAL D 229 -26.99 19.30 -17.25
N MET D 230 -25.97 19.05 -18.09
CA MET D 230 -25.72 19.86 -19.27
C MET D 230 -26.23 19.09 -20.49
N PRO D 231 -27.54 19.19 -20.83
CA PRO D 231 -28.11 18.35 -21.90
C PRO D 231 -27.49 18.56 -23.28
N LYS D 232 -27.03 19.79 -23.51
CA LYS D 232 -26.43 20.21 -24.77
C LYS D 232 -25.07 19.52 -24.98
N MET D 233 -24.47 19.02 -23.89
CA MET D 233 -23.18 18.34 -23.94
C MET D 233 -23.36 16.84 -24.15
N GLU D 234 -24.52 16.42 -24.67
CA GLU D 234 -24.72 15.02 -24.99
C GLU D 234 -23.76 14.67 -26.13
N ASP D 235 -23.30 13.40 -26.17
CA ASP D 235 -22.56 12.86 -27.29
C ASP D 235 -21.15 13.41 -27.44
N ARG D 236 -20.85 14.58 -26.84
CA ARG D 236 -19.58 15.26 -27.05
C ARG D 236 -18.55 14.85 -25.99
N ILE D 237 -19.00 14.20 -24.90
CA ILE D 237 -18.19 13.97 -23.71
C ILE D 237 -18.30 12.49 -23.31
N ASP D 238 -17.16 11.82 -23.14
CA ASP D 238 -17.12 10.48 -22.57
C ASP D 238 -15.81 10.37 -21.80
N GLY D 239 -15.72 9.38 -20.90
CA GLY D 239 -14.59 9.24 -20.00
C GLY D 239 -14.67 7.94 -19.21
N TYR D 240 -13.73 7.77 -18.27
CA TYR D 240 -13.64 6.56 -17.47
C TYR D 240 -12.83 6.83 -16.20
N SER D 241 -12.74 5.81 -15.34
CA SER D 241 -12.17 5.92 -14.00
C SER D 241 -11.06 4.91 -13.80
N ILE D 242 -10.15 5.21 -12.87
CA ILE D 242 -9.02 4.35 -12.53
C ILE D 242 -8.84 4.32 -11.02
N ARG D 243 -9.01 3.13 -10.42
CA ARG D 243 -8.84 2.93 -8.99
C ARG D 243 -7.39 2.55 -8.70
N VAL D 244 -6.74 3.35 -7.84
CA VAL D 244 -5.38 3.10 -7.43
C VAL D 244 -5.32 3.07 -5.91
N PRO D 245 -4.28 2.47 -5.29
CA PRO D 245 -4.32 2.15 -3.86
C PRO D 245 -3.99 3.27 -2.87
N THR D 246 -4.35 4.52 -3.18
CA THR D 246 -4.41 5.54 -2.14
C THR D 246 -5.77 5.42 -1.47
N ILE D 247 -5.88 6.01 -0.27
CA ILE D 247 -7.05 5.84 0.59
C ILE D 247 -8.11 6.87 0.22
N ASN D 248 -7.68 7.99 -0.38
CA ASN D 248 -8.54 9.15 -0.52
C ASN D 248 -7.88 10.16 -1.47
N VAL D 249 -8.70 11.15 -1.87
CA VAL D 249 -8.30 12.22 -2.78
C VAL D 249 -8.13 11.61 -4.17
N ALA D 250 -8.90 12.18 -5.11
CA ALA D 250 -8.87 11.78 -6.51
C ALA D 250 -8.43 12.96 -7.36
N ALA D 251 -8.27 12.67 -8.66
CA ALA D 251 -7.85 13.66 -9.63
C ALA D 251 -8.63 13.43 -10.92
N ILE D 252 -8.89 14.52 -11.64
CA ILE D 252 -9.64 14.45 -12.89
C ILE D 252 -8.78 15.04 -13.99
N ASP D 253 -8.80 14.37 -15.15
CA ASP D 253 -7.94 14.65 -16.27
C ASP D 253 -8.80 14.81 -17.52
N LEU D 254 -9.09 16.06 -17.89
CA LEU D 254 -9.97 16.35 -19.01
C LEU D 254 -9.14 16.81 -20.19
N THR D 255 -9.20 16.04 -21.29
CA THR D 255 -8.60 16.41 -22.56
C THR D 255 -9.73 16.83 -23.50
N PHE D 256 -9.66 18.06 -24.05
CA PHE D 256 -10.77 18.60 -24.83
C PHE D 256 -10.25 19.16 -26.16
N ILE D 257 -11.17 19.32 -27.12
CA ILE D 257 -10.88 20.01 -28.38
C ILE D 257 -11.64 21.35 -28.37
N ALA D 258 -10.88 22.46 -28.33
CA ALA D 258 -11.48 23.78 -28.26
C ALA D 258 -12.00 24.19 -29.64
N GLN D 259 -13.03 25.04 -29.64
CA GLN D 259 -13.63 25.53 -30.87
C GLN D 259 -13.13 26.95 -31.17
N SER D 260 -12.03 27.36 -30.53
CA SER D 260 -11.50 28.70 -30.68
C SER D 260 -10.01 28.69 -30.36
N PRO D 261 -9.28 29.82 -30.45
CA PRO D 261 -7.90 29.91 -29.95
C PRO D 261 -7.71 29.61 -28.47
N ILE D 262 -6.69 28.79 -28.14
CA ILE D 262 -6.41 28.40 -26.76
C ILE D 262 -4.90 28.39 -26.52
N THR D 263 -4.47 28.99 -25.40
CA THR D 263 -3.08 28.96 -24.96
C THR D 263 -3.07 28.68 -23.45
N VAL D 264 -2.07 27.92 -22.99
CA VAL D 264 -2.03 27.50 -21.60
C VAL D 264 -2.42 28.68 -20.71
N HIS D 265 -1.67 29.79 -20.82
CA HIS D 265 -1.89 30.94 -19.95
C HIS D 265 -3.38 31.29 -19.89
N HIS D 266 -4.00 31.44 -21.07
CA HIS D 266 -5.39 31.84 -21.15
C HIS D 266 -6.29 30.82 -20.47
N ILE D 267 -5.97 29.52 -20.64
CA ILE D 267 -6.76 28.45 -20.06
C ILE D 267 -6.75 28.58 -18.54
N ASN D 268 -5.55 28.70 -17.97
CA ASN D 268 -5.37 28.79 -16.53
C ASN D 268 -6.01 30.08 -16.00
N GLU D 269 -5.65 31.22 -16.61
CA GLU D 269 -6.19 32.50 -16.21
C GLU D 269 -7.71 32.43 -16.09
N LEU D 270 -8.37 31.80 -17.07
CA LEU D 270 -9.81 31.63 -17.06
C LEU D 270 -10.25 30.95 -15.76
N LEU D 271 -9.63 29.82 -15.43
CA LEU D 271 -10.00 29.03 -14.27
C LEU D 271 -9.71 29.83 -13.00
N ILE D 272 -8.69 30.69 -13.05
CA ILE D 272 -8.32 31.55 -11.93
C ILE D 272 -9.41 32.60 -11.71
N LYS D 273 -9.91 33.23 -12.79
CA LYS D 273 -10.96 34.24 -12.68
C LYS D 273 -12.27 33.58 -12.24
N ALA D 274 -12.43 32.29 -12.53
CA ALA D 274 -13.59 31.53 -12.10
C ALA D 274 -13.50 31.26 -10.60
N SER D 275 -12.35 30.74 -10.16
CA SER D 275 -12.10 30.45 -8.76
C SER D 275 -12.00 31.73 -7.93
N GLN D 276 -12.13 32.90 -8.57
CA GLN D 276 -12.01 34.17 -7.88
C GLN D 276 -13.33 34.96 -7.90
N THR D 277 -14.26 34.59 -8.77
CA THR D 277 -15.51 35.33 -8.92
C THR D 277 -16.69 34.38 -8.74
N ASP D 278 -17.05 33.66 -9.81
CA ASP D 278 -18.29 32.93 -9.89
C ASP D 278 -18.17 31.63 -9.09
N TYR D 279 -17.24 30.78 -9.49
CA TYR D 279 -17.11 29.44 -8.94
C TYR D 279 -16.25 29.44 -7.68
N ALA D 280 -15.91 30.65 -7.19
CA ALA D 280 -14.90 30.82 -6.15
C ALA D 280 -15.30 30.12 -4.85
N GLU D 281 -16.54 29.65 -4.78
CA GLU D 281 -17.10 29.08 -3.56
C GLU D 281 -16.86 27.57 -3.49
N ILE D 282 -16.58 26.93 -4.63
CA ILE D 282 -16.39 25.49 -4.69
C ILE D 282 -15.14 25.13 -5.49
N MET D 283 -14.34 26.15 -5.81
CA MET D 283 -13.22 25.97 -6.72
C MET D 283 -12.02 26.70 -6.14
N ALA D 284 -10.82 26.21 -6.50
CA ALA D 284 -9.57 26.87 -6.15
C ALA D 284 -8.47 26.38 -7.09
N VAL D 285 -7.42 27.20 -7.25
CA VAL D 285 -6.35 26.85 -8.16
C VAL D 285 -5.01 27.11 -7.48
N THR D 286 -4.02 26.25 -7.77
CA THR D 286 -2.75 26.29 -7.06
C THR D 286 -1.60 26.12 -8.05
N ASP D 287 -0.61 27.02 -7.93
CA ASP D 287 0.61 27.01 -8.73
C ASP D 287 1.61 25.97 -8.20
N GLU D 288 1.32 25.44 -7.01
CA GLU D 288 2.35 24.78 -6.22
C GLU D 288 2.46 23.30 -6.61
N PRO D 289 3.65 22.70 -6.36
CA PRO D 289 3.90 21.29 -6.67
C PRO D 289 3.42 20.32 -5.58
N LEU D 290 2.13 19.94 -5.67
CA LEU D 290 1.47 19.18 -4.62
C LEU D 290 1.12 17.78 -5.12
N VAL D 291 0.77 16.92 -4.16
CA VAL D 291 0.33 15.56 -4.42
C VAL D 291 -0.98 15.31 -3.68
N SER D 292 -1.61 14.16 -3.96
CA SER D 292 -2.96 13.87 -3.50
C SER D 292 -3.15 14.20 -2.02
N SER D 293 -2.21 13.73 -1.17
CA SER D 293 -2.33 13.74 0.28
C SER D 293 -2.72 15.10 0.85
N ASP D 294 -2.25 16.19 0.22
CA ASP D 294 -2.32 17.52 0.80
C ASP D 294 -3.72 18.11 0.63
N PHE D 295 -4.50 17.54 -0.30
CA PHE D 295 -5.85 17.97 -0.52
C PHE D 295 -6.81 17.09 0.27
N ASN D 296 -6.26 16.22 1.14
CA ASN D 296 -7.08 15.38 1.99
C ASN D 296 -7.77 16.28 3.00
N HIS D 297 -9.12 16.22 3.00
CA HIS D 297 -9.97 16.94 3.93
C HIS D 297 -10.23 18.37 3.44
N SER D 298 -9.98 18.61 2.14
CA SER D 298 -10.21 19.91 1.54
C SER D 298 -11.66 20.00 1.06
N PRO D 299 -12.38 21.09 1.40
CA PRO D 299 -13.81 21.19 1.09
C PRO D 299 -14.18 21.54 -0.36
N TYR D 300 -13.18 21.78 -1.22
CA TYR D 300 -13.42 22.26 -2.57
C TYR D 300 -13.88 21.11 -3.46
N SER D 301 -14.82 21.43 -4.38
CA SER D 301 -15.31 20.47 -5.36
C SER D 301 -14.19 20.05 -6.30
N LEU D 302 -13.38 21.05 -6.71
CA LEU D 302 -12.19 20.79 -7.50
C LEU D 302 -11.13 21.81 -7.11
N ILE D 303 -9.87 21.35 -7.13
CA ILE D 303 -8.71 22.23 -7.08
C ILE D 303 -7.88 21.94 -8.32
N VAL D 304 -7.74 22.95 -9.20
CA VAL D 304 -7.05 22.78 -10.46
C VAL D 304 -5.55 22.92 -10.26
N ASP D 305 -4.77 21.93 -10.73
CA ASP D 305 -3.33 22.05 -10.79
C ASP D 305 -2.99 22.76 -12.09
N LEU D 306 -2.54 24.01 -11.96
CA LEU D 306 -2.35 24.89 -13.10
C LEU D 306 -1.00 24.62 -13.75
N THR D 307 -0.10 23.94 -13.02
CA THR D 307 1.19 23.55 -13.58
C THR D 307 1.00 22.37 -14.53
N GLN D 308 -0.17 21.72 -14.50
CA GLN D 308 -0.36 20.49 -15.25
C GLN D 308 -1.01 20.75 -16.61
N THR D 309 -1.41 22.00 -16.90
CA THR D 309 -2.18 22.30 -18.10
C THR D 309 -1.27 22.23 -19.34
N MET D 310 -1.82 21.68 -20.43
CA MET D 310 -1.08 21.44 -21.66
C MET D 310 -1.95 21.78 -22.87
N VAL D 311 -1.31 22.26 -23.96
CA VAL D 311 -2.00 22.60 -25.19
C VAL D 311 -1.15 22.18 -26.38
N VAL D 312 -1.72 21.33 -27.25
CA VAL D 312 -1.15 21.08 -28.57
C VAL D 312 -2.24 21.31 -29.62
N GLY D 313 -2.28 22.54 -30.15
CA GLY D 313 -3.15 22.87 -31.27
C GLY D 313 -4.52 23.34 -30.78
N HIS D 314 -5.56 22.58 -31.16
CA HIS D 314 -6.93 22.83 -30.74
C HIS D 314 -7.30 21.90 -29.58
N GLN D 315 -6.42 20.91 -29.32
CA GLN D 315 -6.59 19.97 -28.24
C GLN D 315 -5.78 20.43 -27.03
N ALA D 316 -6.36 20.32 -25.83
CA ALA D 316 -5.69 20.70 -24.60
C ALA D 316 -6.09 19.76 -23.47
N LYS D 317 -5.39 19.88 -22.32
CA LYS D 317 -5.60 18.99 -21.19
C LYS D 317 -5.41 19.74 -19.88
N VAL D 318 -6.45 19.75 -19.04
CA VAL D 318 -6.37 20.37 -17.74
C VAL D 318 -6.44 19.27 -16.68
N PHE D 319 -6.20 19.64 -15.42
CA PHE D 319 -6.04 18.68 -14.35
C PHE D 319 -6.49 19.30 -13.04
N ALA D 320 -7.34 18.58 -12.31
CA ALA D 320 -7.83 19.04 -11.02
C ALA D 320 -7.74 17.94 -9.99
N TRP D 321 -7.52 18.35 -8.73
CA TRP D 321 -7.65 17.50 -7.56
C TRP D 321 -9.05 17.67 -6.97
N TYR D 322 -9.48 16.67 -6.18
CA TYR D 322 -10.65 16.83 -5.32
C TYR D 322 -10.64 15.74 -4.26
N ASP D 323 -11.08 16.11 -3.04
CA ASP D 323 -11.39 15.11 -2.03
C ASP D 323 -12.76 14.53 -2.37
N ASN D 324 -12.80 13.20 -2.51
CA ASN D 324 -13.97 12.52 -3.04
C ASN D 324 -15.08 12.50 -1.99
N GLU D 325 -14.71 12.31 -0.72
CA GLU D 325 -15.68 12.24 0.36
C GLU D 325 -16.05 13.64 0.83
N TRP D 326 -15.03 14.48 1.08
CA TRP D 326 -15.19 15.75 1.78
C TRP D 326 -15.69 16.82 0.82
N GLY D 327 -15.13 16.85 -0.39
CA GLY D 327 -15.63 17.72 -1.44
C GLY D 327 -17.14 17.54 -1.59
N TYR D 328 -17.53 16.28 -1.80
CA TYR D 328 -18.92 15.90 -1.99
C TYR D 328 -19.75 16.22 -0.75
N ALA D 329 -19.25 15.83 0.43
CA ALA D 329 -20.02 15.92 1.66
C ALA D 329 -20.37 17.37 2.00
N ASN D 330 -19.48 18.30 1.66
CA ASN D 330 -19.70 19.69 1.99
C ASN D 330 -20.74 20.26 1.04
N ARG D 331 -20.63 19.89 -0.25
CA ARG D 331 -21.53 20.39 -1.28
C ARG D 331 -22.97 20.02 -0.95
N LEU D 332 -23.18 18.77 -0.50
CA LEU D 332 -24.50 18.32 -0.10
C LEU D 332 -25.12 19.28 0.90
N LEU D 333 -24.35 19.64 1.93
CA LEU D 333 -24.81 20.58 2.93
C LEU D 333 -25.11 21.92 2.26
N ASP D 334 -24.18 22.40 1.43
CA ASP D 334 -24.32 23.70 0.81
C ASP D 334 -25.62 23.78 0.02
N LEU D 335 -26.00 22.65 -0.60
CA LEU D 335 -27.24 22.57 -1.38
C LEU D 335 -28.45 22.63 -0.46
N CYS D 336 -28.36 21.96 0.69
CA CYS D 336 -29.44 21.96 1.66
C CYS D 336 -29.69 23.39 2.15
N ASP D 337 -28.60 24.13 2.43
CA ASP D 337 -28.71 25.54 2.78
C ASP D 337 -29.31 26.35 1.62
N SER D 338 -29.03 25.93 0.37
CA SER D 338 -29.56 26.62 -0.80
C SER D 338 -31.09 26.66 -0.73
N PHE D 339 -31.70 25.55 -0.33
CA PHE D 339 -33.14 25.47 -0.16
C PHE D 339 -33.56 26.33 1.05
N LYS D 340 -33.86 27.61 0.81
CA LYS D 340 -34.35 28.49 1.85
C LYS D 340 -35.69 29.08 1.41
N SER D 341 -36.74 28.89 2.23
CA SER D 341 -38.08 29.33 1.87
C SER D 341 -38.15 30.86 1.78
P AMP E . -13.92 -16.48 -0.14
O1P AMP E . -13.19 -15.38 0.64
O2P AMP E . -13.54 -17.86 0.34
O3P AMP E . -13.74 -16.30 -1.63
O5' AMP E . -15.52 -16.28 0.17
C5' AMP E . -16.37 -17.43 0.41
C4' AMP E . -16.41 -18.32 -0.80
O4' AMP E . -17.49 -19.29 -0.69
C3' AMP E . -16.67 -17.64 -2.15
O3' AMP E . -16.18 -18.41 -3.23
C2' AMP E . -18.20 -17.63 -2.16
O2' AMP E . -18.71 -17.34 -3.44
C1' AMP E . -18.45 -19.06 -1.70
N9 AMP E . -19.79 -19.31 -1.15
C8 AMP E . -20.60 -18.38 -0.54
N7 AMP E . -21.76 -18.89 -0.14
C5 AMP E . -21.70 -20.22 -0.51
C6 AMP E . -22.61 -21.28 -0.35
N6 AMP E . -23.80 -21.14 0.22
N1 AMP E . -22.25 -22.49 -0.83
C2 AMP E . -21.05 -22.62 -1.41
N3 AMP E . -20.10 -21.69 -1.60
C4 AMP E . -20.48 -20.49 -1.13
S SO4 F . -9.54 -16.24 12.14
O1 SO4 F . -10.69 -16.43 13.00
O2 SO4 F . -9.90 -16.59 10.78
O3 SO4 F . -9.14 -14.86 12.19
O4 SO4 F . -8.47 -17.08 12.58
S SO4 G . 12.95 -40.29 15.09
O1 SO4 G . 11.64 -39.70 15.21
O2 SO4 G . 13.07 -40.96 13.83
O3 SO4 G . 13.94 -39.26 15.19
O4 SO4 G . 13.13 -41.25 16.15
P AMP H . 19.59 1.51 -9.58
O1P AMP H . 19.73 2.97 -9.19
O2P AMP H . 18.26 1.24 -10.29
O3P AMP H . 19.79 0.57 -8.40
O5' AMP H . 20.81 1.21 -10.64
C5' AMP H . 21.96 0.35 -10.29
C4' AMP H . 23.04 1.15 -9.61
O4' AMP H . 24.36 0.76 -10.09
C3' AMP H . 23.00 2.67 -9.85
O3' AMP H . 22.36 3.31 -8.75
C2' AMP H . 24.46 3.08 -10.00
O2' AMP H . 24.90 4.09 -9.10
C1' AMP H . 25.24 1.80 -9.74
N9 AMP H . 26.47 1.75 -10.54
C8 AMP H . 27.00 0.67 -11.20
N7 AMP H . 28.10 0.93 -11.86
C5 AMP H . 28.30 2.29 -11.65
C6 AMP H . 29.31 3.17 -12.09
N6 AMP H . 30.32 2.78 -12.86
N1 AMP H . 29.24 4.46 -11.69
C2 AMP H . 28.22 4.82 -10.90
N3 AMP H . 27.22 4.09 -10.42
C4 AMP H . 27.32 2.81 -10.83
S SO4 I . 11.80 10.13 -16.46
O1 SO4 I . 12.01 11.55 -16.66
O2 SO4 I . 10.57 9.75 -17.12
O3 SO4 I . 12.90 9.39 -17.00
O4 SO4 I . 11.69 9.87 -15.05
P AMP J . 16.11 12.84 6.89
O1P AMP J . 15.95 13.83 5.76
O2P AMP J . 16.35 11.42 6.40
O3P AMP J . 14.97 12.93 7.90
O5' AMP J . 17.46 13.25 7.69
C5' AMP J . 18.50 14.02 7.02
C4' AMP J . 18.35 15.49 7.38
O4' AMP J . 19.63 16.02 7.83
C3' AMP J . 17.90 16.43 6.25
O3' AMP J . 17.05 17.45 6.76
C2' AMP J . 19.25 16.95 5.72
O2' AMP J . 19.19 18.18 5.03
C1' AMP J . 20.02 17.11 7.03
N9 AMP J . 21.48 17.08 6.88
C8 AMP J . 22.19 16.12 6.21
N7 AMP J . 23.49 16.30 6.27
C5 AMP J . 23.65 17.45 7.04
C6 AMP J . 24.80 18.14 7.47
N6 AMP J . 26.04 17.77 7.16
N1 AMP J . 24.60 19.25 8.22
C2 AMP J . 23.35 19.61 8.52
N3 AMP J . 22.20 19.03 8.18
C4 AMP J . 22.41 17.94 7.44
S SO4 K . 17.29 1.92 13.95
O1 SO4 K . 16.48 2.49 12.90
O2 SO4 K . 16.45 1.57 15.07
O3 SO4 K . 17.96 0.74 13.46
O4 SO4 K . 18.28 2.89 14.36
S SO4 L . 4.21 34.67 25.22
O1 SO4 L . 4.68 35.57 26.23
O2 SO4 L . 3.08 33.93 25.72
O3 SO4 L . 3.81 35.43 24.05
O4 SO4 L . 5.26 33.77 24.87
P AMP M . -20.45 2.79 2.49
O1P AMP M . -20.20 2.79 3.99
O2P AMP M . -20.18 1.43 1.87
O3P AMP M . -19.75 3.93 1.78
O5' AMP M . -22.03 3.06 2.30
C5' AMP M . -22.98 1.99 2.57
C4' AMP M . -23.51 2.14 3.98
O4' AMP M . -24.96 2.21 3.95
C3' AMP M . -23.21 0.96 4.91
O3' AMP M . -22.00 1.19 5.63
C2' AMP M . -24.40 0.97 5.89
O2' AMP M . -24.00 1.57 7.10
C1' AMP M . -25.50 1.73 5.16
N9 AMP M . -26.68 0.93 4.85
C8 AMP M . -26.69 -0.35 4.33
N7 AMP M . -27.90 -0.82 4.14
C5 AMP M . -28.74 0.19 4.57
C6 AMP M . -30.15 0.30 4.63
N6 AMP M . -30.98 -0.66 4.24
N1 AMP M . -30.68 1.45 5.10
C2 AMP M . -29.84 2.41 5.49
N3 AMP M . -28.50 2.43 5.49
C4 AMP M . -28.01 1.28 5.00
S SO4 N . -19.70 4.22 -9.71
O1 SO4 N . -19.73 5.44 -8.96
O2 SO4 N . -20.26 3.15 -8.93
O3 SO4 N . -20.45 4.38 -10.93
O4 SO4 N . -18.34 3.90 -10.04
#